data_7ULH
#
_entry.id   7ULH
#
_cell.length_a   241.810
_cell.length_b   241.810
_cell.length_c   241.960
_cell.angle_alpha   90.000
_cell.angle_beta   90.000
_cell.angle_gamma   120.000
#
_symmetry.space_group_name_H-M   'H 3 2'
#
loop_
_entity.id
_entity.type
_entity.pdbx_description
1 polymer 'Short chain dehydrogenase'
2 water water
#
_entity_poly.entity_id   1
_entity_poly.type   'polypeptide(L)'
_entity_poly.pdbx_seq_one_letter_code
;MAHHHHHHMGTLEAQTQGPGSMTGLLDGKVALVTGAGHGIGRGHALELAKHGATVIVNDLGTSLSGEGTGKVADEVVTVI
ESRGGKAVSDFSDVGDEEQVDLAVERAYSQLGRLDIVVNNAGIVRDKAIWNMTVDDFDLVMRVHVRGSWLTSRAVARKWR
AESKESGAKVYGRIINTTSGAGLHGHFGQTNYSAAKAAIVGLTQTLSLELASIGATVNAISPGGRTRMSASMPGAAAPIE
PDERSEDEFDPKDPSLGSPVVAWLASPEAGHISGQVIRAIGEHLQLLKGWHPVASVSNGQKRWDANKLGAIMAADIFGTR
NTGLRLGG
;
_entity_poly.pdbx_strand_id   A,B,C,D,E,F,G
#
# COMPACT_ATOMS: atom_id res chain seq x y z
N THR A 23 -35.18 24.33 11.20
CA THR A 23 -34.29 24.73 10.11
C THR A 23 -33.35 23.60 9.71
N GLY A 24 -33.62 23.02 8.54
CA GLY A 24 -32.80 21.95 8.02
C GLY A 24 -31.55 22.45 7.29
N LEU A 25 -30.58 21.54 7.16
CA LEU A 25 -29.38 21.87 6.39
C LEU A 25 -29.73 22.41 5.01
N LEU A 26 -30.77 21.84 4.39
CA LEU A 26 -31.12 22.13 3.01
C LEU A 26 -32.43 22.92 2.91
N ASP A 27 -32.81 23.60 4.00
CA ASP A 27 -34.00 24.43 3.95
C ASP A 27 -33.84 25.48 2.86
N GLY A 28 -34.89 25.64 2.05
CA GLY A 28 -34.90 26.61 0.99
C GLY A 28 -34.25 26.16 -0.30
N LYS A 29 -33.66 24.97 -0.34
CA LYS A 29 -32.98 24.50 -1.54
C LYS A 29 -33.90 23.60 -2.34
N VAL A 30 -33.67 23.55 -3.66
CA VAL A 30 -34.41 22.68 -4.57
C VAL A 30 -33.42 21.71 -5.19
N ALA A 31 -33.73 20.42 -5.14
CA ALA A 31 -32.82 19.38 -5.58
C ALA A 31 -33.52 18.46 -6.57
N LEU A 32 -32.78 18.08 -7.61
CA LEU A 32 -33.23 17.08 -8.56
C LEU A 32 -32.46 15.79 -8.30
N VAL A 33 -33.17 14.69 -8.14
CA VAL A 33 -32.57 13.37 -8.00
C VAL A 33 -33.09 12.53 -9.15
N THR A 34 -32.19 12.10 -10.03
CA THR A 34 -32.56 11.26 -11.15
C THR A 34 -32.56 9.79 -10.72
N GLY A 35 -33.50 9.03 -11.26
CA GLY A 35 -33.61 7.64 -10.85
C GLY A 35 -33.89 7.48 -9.38
N ALA A 36 -34.80 8.30 -8.83
CA ALA A 36 -35.09 8.31 -7.40
C ALA A 36 -36.25 7.41 -7.01
N GLY A 37 -36.70 6.51 -7.90
CA GLY A 37 -37.84 5.67 -7.61
C GLY A 37 -37.55 4.46 -6.76
N HIS A 38 -36.32 3.98 -6.75
CA HIS A 38 -35.95 2.78 -6.01
C HIS A 38 -34.55 2.94 -5.44
N GLY A 39 -34.28 2.16 -4.40
CA GLY A 39 -32.90 1.92 -3.96
C GLY A 39 -32.15 3.19 -3.59
N ILE A 40 -30.93 3.28 -4.11
CA ILE A 40 -30.01 4.36 -3.75
C ILE A 40 -30.63 5.72 -4.07
N GLY A 41 -31.18 5.86 -5.26
CA GLY A 41 -31.76 7.15 -5.63
C GLY A 41 -32.92 7.52 -4.74
N ARG A 42 -33.74 6.53 -4.36
CA ARG A 42 -34.85 6.76 -3.44
C ARG A 42 -34.33 7.22 -2.08
N GLY A 43 -33.26 6.60 -1.60
CA GLY A 43 -32.67 7.02 -0.34
C GLY A 43 -32.18 8.46 -0.37
N HIS A 44 -31.53 8.85 -1.47
CA HIS A 44 -31.10 10.24 -1.62
C HIS A 44 -32.29 11.19 -1.56
N ALA A 45 -33.35 10.89 -2.33
CA ALA A 45 -34.51 11.76 -2.36
C ALA A 45 -35.14 11.93 -0.98
N LEU A 46 -35.26 10.82 -0.22
CA LEU A 46 -35.78 10.90 1.13
C LEU A 46 -34.88 11.76 2.02
N GLU A 47 -33.56 11.56 1.92
CA GLU A 47 -32.64 12.26 2.80
C GLU A 47 -32.65 13.76 2.53
N LEU A 48 -32.60 14.17 1.27
CA LEU A 48 -32.61 15.59 0.94
C LEU A 48 -33.89 16.25 1.43
N ALA A 49 -35.03 15.56 1.28
CA ALA A 49 -36.30 16.13 1.73
C ALA A 49 -36.35 16.21 3.26
N LYS A 50 -35.78 15.21 3.95
CA LYS A 50 -35.74 15.24 5.40
C LYS A 50 -35.01 16.47 5.92
N HIS A 51 -34.00 16.95 5.19
CA HIS A 51 -33.21 18.10 5.61
C HIS A 51 -33.74 19.42 5.05
N GLY A 52 -34.95 19.42 4.48
CA GLY A 52 -35.65 20.64 4.15
C GLY A 52 -35.73 20.97 2.69
N ALA A 53 -35.08 20.20 1.82
CA ALA A 53 -35.11 20.50 0.40
C ALA A 53 -36.44 20.09 -0.23
N THR A 54 -36.86 20.87 -1.23
CA THR A 54 -37.90 20.43 -2.15
C THR A 54 -37.25 19.54 -3.21
N VAL A 55 -37.65 18.27 -3.27
CA VAL A 55 -36.99 17.28 -4.10
C VAL A 55 -37.83 17.02 -5.34
N ILE A 56 -37.22 17.12 -6.51
CA ILE A 56 -37.83 16.70 -7.77
C ILE A 56 -37.51 15.22 -7.96
N VAL A 57 -38.50 14.37 -7.75
CA VAL A 57 -38.33 12.92 -7.80
C VAL A 57 -38.49 12.49 -9.25
N ASN A 58 -37.39 12.25 -9.93
CA ASN A 58 -37.38 11.85 -11.34
C ASN A 58 -37.28 10.35 -11.46
N ASP A 59 -38.20 9.75 -12.20
CA ASP A 59 -38.14 8.32 -12.50
C ASP A 59 -39.18 7.99 -13.57
N LEU A 60 -38.88 6.98 -14.37
CA LEU A 60 -39.74 6.56 -15.47
C LEU A 60 -40.50 5.28 -15.17
N GLY A 61 -40.27 4.66 -14.03
CA GLY A 61 -40.78 3.33 -13.78
C GLY A 61 -42.23 3.33 -13.33
N THR A 62 -42.84 2.15 -13.41
CA THR A 62 -44.22 1.99 -12.98
C THR A 62 -44.27 1.35 -11.60
N SER A 63 -45.42 1.48 -10.96
CA SER A 63 -45.63 0.95 -9.63
C SER A 63 -46.17 -0.49 -9.73
N LEU A 64 -46.27 -1.14 -8.57
CA LEU A 64 -46.82 -2.48 -8.51
C LEU A 64 -48.35 -2.46 -8.63
N SER A 65 -49.01 -1.49 -7.98
CA SER A 65 -50.46 -1.42 -8.03
C SER A 65 -50.97 -0.89 -9.37
N GLY A 66 -50.24 0.07 -9.96
CA GLY A 66 -50.75 0.75 -11.13
C GLY A 66 -51.91 1.67 -10.85
N GLU A 67 -52.08 2.08 -9.58
CA GLU A 67 -53.21 2.91 -9.19
C GLU A 67 -52.98 4.37 -9.59
N GLY A 68 -54.02 4.98 -10.14
CA GLY A 68 -53.96 6.36 -10.60
C GLY A 68 -52.92 6.57 -11.68
N THR A 69 -51.89 7.34 -11.36
CA THR A 69 -50.79 7.54 -12.30
C THR A 69 -49.97 6.27 -12.48
N GLY A 70 -49.97 5.37 -11.51
CA GLY A 70 -49.24 4.13 -11.61
C GLY A 70 -47.74 4.32 -11.75
N LYS A 71 -47.26 5.53 -11.46
CA LYS A 71 -45.85 5.88 -11.62
C LYS A 71 -45.16 5.82 -10.26
N VAL A 72 -44.00 5.15 -10.21
CA VAL A 72 -43.33 4.94 -8.94
C VAL A 72 -42.81 6.25 -8.37
N ALA A 73 -42.50 7.23 -9.22
CA ALA A 73 -42.04 8.51 -8.73
C ALA A 73 -43.12 9.19 -7.88
N ASP A 74 -44.39 9.01 -8.27
CA ASP A 74 -45.49 9.54 -7.47
C ASP A 74 -45.57 8.88 -6.11
N GLU A 75 -45.21 7.60 -6.03
CA GLU A 75 -45.21 6.92 -4.73
C GLU A 75 -44.16 7.51 -3.81
N VAL A 76 -42.96 7.78 -4.35
CA VAL A 76 -41.90 8.37 -3.53
C VAL A 76 -42.31 9.76 -3.05
N VAL A 77 -42.95 10.54 -3.92
CA VAL A 77 -43.47 11.85 -3.52
C VAL A 77 -44.44 11.71 -2.36
N THR A 78 -45.33 10.71 -2.43
CA THR A 78 -46.28 10.50 -1.34
C THR A 78 -45.57 10.19 -0.03
N VAL A 79 -44.53 9.35 -0.07
CA VAL A 79 -43.78 9.04 1.13
C VAL A 79 -43.12 10.30 1.68
N ILE A 80 -42.51 11.10 0.80
CA ILE A 80 -41.85 12.33 1.23
C ILE A 80 -42.85 13.28 1.89
N GLU A 81 -44.00 13.50 1.24
CA GLU A 81 -45.00 14.39 1.81
C GLU A 81 -45.58 13.83 3.10
N SER A 82 -45.82 12.52 3.14
CA SER A 82 -46.35 11.90 4.36
C SER A 82 -45.37 12.04 5.51
N ARG A 83 -44.08 12.21 5.23
CA ARG A 83 -43.11 12.44 6.27
C ARG A 83 -42.91 13.91 6.59
N GLY A 84 -43.73 14.78 6.00
CA GLY A 84 -43.67 16.21 6.27
C GLY A 84 -42.81 17.01 5.31
N GLY A 85 -42.35 16.40 4.21
CA GLY A 85 -41.46 17.06 3.28
C GLY A 85 -42.17 17.56 2.02
N LYS A 86 -41.36 18.17 1.14
CA LYS A 86 -41.83 18.74 -0.11
C LYS A 86 -41.18 18.02 -1.28
N ALA A 87 -41.99 17.63 -2.26
CA ALA A 87 -41.51 16.92 -3.43
C ALA A 87 -42.51 17.04 -4.57
N VAL A 88 -41.99 16.94 -5.80
CA VAL A 88 -42.79 16.86 -7.00
C VAL A 88 -42.18 15.77 -7.88
N SER A 89 -43.03 15.14 -8.68
CA SER A 89 -42.58 14.05 -9.54
C SER A 89 -42.15 14.59 -10.89
N ASP A 90 -41.29 13.82 -11.56
CA ASP A 90 -40.80 14.16 -12.89
C ASP A 90 -40.51 12.87 -13.66
N PHE A 91 -40.89 12.85 -14.94
CA PHE A 91 -40.75 11.67 -15.76
C PHE A 91 -39.88 11.94 -16.97
N SER A 92 -38.86 12.77 -16.82
CA SER A 92 -37.99 13.10 -17.94
C SER A 92 -37.00 11.97 -18.20
N ASP A 93 -36.78 11.67 -19.48
CA ASP A 93 -35.70 10.80 -19.94
C ASP A 93 -34.40 11.60 -19.91
N VAL A 94 -33.50 11.27 -18.98
CA VAL A 94 -32.30 12.06 -18.79
C VAL A 94 -31.31 11.94 -19.96
N GLY A 95 -31.49 10.94 -20.82
CA GLY A 95 -30.66 10.87 -22.02
C GLY A 95 -31.10 11.79 -23.14
N ASP A 96 -32.25 12.42 -23.00
CA ASP A 96 -32.85 13.23 -24.06
C ASP A 96 -32.61 14.72 -23.80
N GLU A 97 -31.99 15.39 -24.77
CA GLU A 97 -31.58 16.77 -24.56
C GLU A 97 -32.79 17.68 -24.30
N GLU A 98 -33.83 17.55 -25.13
CA GLU A 98 -34.98 18.45 -25.01
C GLU A 98 -35.66 18.28 -23.65
N GLN A 99 -35.83 17.03 -23.21
CA GLN A 99 -36.53 16.78 -21.95
C GLN A 99 -35.74 17.26 -20.76
N VAL A 100 -34.42 17.10 -20.77
CA VAL A 100 -33.60 17.56 -19.65
C VAL A 100 -33.64 19.09 -19.55
N ASP A 101 -33.47 19.78 -20.66
CA ASP A 101 -33.55 21.25 -20.64
C ASP A 101 -34.91 21.71 -20.14
N LEU A 102 -35.99 21.00 -20.51
CA LEU A 102 -37.31 21.37 -20.04
C LEU A 102 -37.46 21.12 -18.54
N ALA A 103 -36.92 20.01 -18.06
CA ALA A 103 -37.02 19.69 -16.64
C ALA A 103 -36.36 20.78 -15.80
N VAL A 104 -35.21 21.28 -16.26
CA VAL A 104 -34.53 22.34 -15.53
C VAL A 104 -35.31 23.65 -15.63
N GLU A 105 -35.91 23.93 -16.80
CA GLU A 105 -36.77 25.10 -16.92
C GLU A 105 -37.97 25.01 -15.96
N ARG A 106 -38.61 23.84 -15.89
CA ARG A 106 -39.75 23.68 -15.00
C ARG A 106 -39.35 23.95 -13.55
N ALA A 107 -38.18 23.45 -13.14
CA ALA A 107 -37.69 23.73 -11.79
C ALA A 107 -37.59 25.22 -11.54
N TYR A 108 -37.07 25.98 -12.51
CA TYR A 108 -36.93 27.42 -12.33
C TYR A 108 -38.29 28.11 -12.34
N SER A 109 -39.18 27.74 -13.25
CA SER A 109 -40.44 28.46 -13.36
C SER A 109 -41.43 28.07 -12.25
N GLN A 110 -41.46 26.78 -11.85
CA GLN A 110 -42.42 26.36 -10.83
C GLN A 110 -41.89 26.47 -9.41
N LEU A 111 -40.58 26.26 -9.22
CA LEU A 111 -40.01 26.22 -7.88
C LEU A 111 -38.95 27.28 -7.64
N GLY A 112 -38.66 28.13 -8.62
CA GLY A 112 -37.78 29.27 -8.41
C GLY A 112 -36.33 29.04 -8.82
N ARG A 113 -35.81 27.84 -8.61
CA ARG A 113 -34.38 27.61 -8.81
C ARG A 113 -34.11 26.10 -8.75
N LEU A 114 -32.96 25.70 -9.28
CA LEU A 114 -32.45 24.35 -9.14
C LEU A 114 -31.06 24.44 -8.50
N ASP A 115 -30.98 24.12 -7.21
CA ASP A 115 -29.73 24.27 -6.47
C ASP A 115 -28.85 23.03 -6.53
N ILE A 116 -29.46 21.85 -6.58
CA ILE A 116 -28.76 20.59 -6.39
C ILE A 116 -29.20 19.64 -7.49
N VAL A 117 -28.24 18.96 -8.11
CA VAL A 117 -28.52 17.88 -9.05
C VAL A 117 -27.76 16.65 -8.58
N VAL A 118 -28.50 15.58 -8.30
CA VAL A 118 -27.93 14.29 -7.95
C VAL A 118 -28.16 13.37 -9.15
N ASN A 119 -27.11 13.12 -9.92
CA ASN A 119 -27.20 12.25 -11.09
C ASN A 119 -27.04 10.81 -10.62
N ASN A 120 -28.14 10.09 -10.51
CA ASN A 120 -28.13 8.71 -10.05
C ASN A 120 -28.74 7.73 -11.05
N ALA A 121 -29.55 8.20 -11.99
CA ALA A 121 -30.16 7.33 -12.99
C ALA A 121 -29.10 6.51 -13.70
N GLY A 122 -29.42 5.25 -13.95
CA GLY A 122 -28.51 4.34 -14.63
C GLY A 122 -29.21 3.02 -14.87
N ILE A 123 -28.59 2.21 -15.74
CA ILE A 123 -28.99 0.82 -15.97
C ILE A 123 -27.72 0.00 -16.10
N VAL A 124 -27.89 -1.33 -16.04
CA VAL A 124 -26.80 -2.26 -16.25
C VAL A 124 -27.20 -3.23 -17.34
N ARG A 125 -26.21 -3.61 -18.17
CA ARG A 125 -26.35 -4.61 -19.20
C ARG A 125 -25.06 -5.43 -19.16
N ASP A 126 -24.94 -6.27 -18.13
CA ASP A 126 -23.73 -7.04 -17.90
C ASP A 126 -23.65 -8.20 -18.90
N LYS A 127 -22.48 -8.32 -19.53
CA LYS A 127 -22.08 -9.43 -20.40
C LYS A 127 -20.60 -9.23 -20.70
N ALA A 128 -19.90 -10.35 -20.89
CA ALA A 128 -18.56 -10.26 -21.45
C ALA A 128 -18.65 -9.55 -22.80
N ILE A 129 -17.58 -8.85 -23.17
CA ILE A 129 -17.68 -7.96 -24.33
C ILE A 129 -18.04 -8.73 -25.60
N TRP A 130 -17.56 -9.98 -25.73
CA TRP A 130 -17.85 -10.75 -26.94
C TRP A 130 -19.31 -11.18 -27.05
N ASN A 131 -20.09 -11.09 -25.97
CA ASN A 131 -21.51 -11.38 -26.00
C ASN A 131 -22.37 -10.12 -25.99
N MET A 132 -21.76 -8.94 -25.95
CA MET A 132 -22.45 -7.68 -25.74
C MET A 132 -22.79 -7.01 -27.07
N THR A 133 -24.03 -6.52 -27.20
CA THR A 133 -24.42 -5.79 -28.40
C THR A 133 -24.04 -4.31 -28.27
N VAL A 134 -24.00 -3.63 -29.41
CA VAL A 134 -23.73 -2.19 -29.40
C VAL A 134 -24.84 -1.45 -28.65
N ASP A 135 -26.08 -1.92 -28.76
CA ASP A 135 -27.17 -1.30 -28.00
CA ASP A 135 -27.18 -1.34 -28.00
C ASP A 135 -26.91 -1.43 -26.50
N ASP A 136 -26.49 -2.61 -26.04
CA ASP A 136 -26.13 -2.77 -24.62
C ASP A 136 -25.04 -1.77 -24.22
N PHE A 137 -24.06 -1.55 -25.09
CA PHE A 137 -23.02 -0.58 -24.80
C PHE A 137 -23.54 0.85 -24.91
N ASP A 138 -24.20 1.17 -26.03
CA ASP A 138 -24.67 2.54 -26.24
C ASP A 138 -25.63 2.97 -25.13
N LEU A 139 -26.57 2.10 -24.78
CA LEU A 139 -27.63 2.48 -23.84
C LEU A 139 -27.07 2.81 -22.46
N VAL A 140 -26.12 1.99 -21.99
CA VAL A 140 -25.52 2.24 -20.69
C VAL A 140 -24.74 3.55 -20.72
N MET A 141 -23.98 3.79 -21.80
CA MET A 141 -23.27 5.04 -21.94
C MET A 141 -24.22 6.23 -22.02
N ARG A 142 -25.39 6.04 -22.61
CA ARG A 142 -26.32 7.16 -22.78
C ARG A 142 -26.91 7.60 -21.44
N VAL A 143 -27.46 6.65 -20.68
CA VAL A 143 -28.13 6.98 -19.43
C VAL A 143 -27.14 7.54 -18.41
N HIS A 144 -25.99 6.89 -18.26
CA HIS A 144 -25.03 7.28 -17.23
C HIS A 144 -24.30 8.56 -17.62
N VAL A 145 -23.62 8.57 -18.77
CA VAL A 145 -22.73 9.67 -19.11
C VAL A 145 -23.46 10.82 -19.80
N ARG A 146 -24.21 10.53 -20.87
CA ARG A 146 -24.94 11.60 -21.55
C ARG A 146 -25.96 12.23 -20.62
N GLY A 147 -26.65 11.41 -19.82
CA GLY A 147 -27.61 11.95 -18.86
C GLY A 147 -26.97 12.89 -17.85
N SER A 148 -25.82 12.47 -17.29
CA SER A 148 -25.14 13.32 -16.33
C SER A 148 -24.56 14.56 -16.99
N TRP A 149 -24.09 14.44 -18.24
CA TRP A 149 -23.58 15.60 -18.95
C TRP A 149 -24.70 16.58 -19.27
N LEU A 150 -25.88 16.06 -19.65
CA LEU A 150 -26.99 16.92 -20.03
C LEU A 150 -27.51 17.74 -18.85
N THR A 151 -27.76 17.10 -17.71
CA THR A 151 -28.28 17.85 -16.56
C THR A 151 -27.27 18.88 -16.08
N SER A 152 -25.99 18.50 -16.07
CA SER A 152 -24.95 19.42 -15.62
C SER A 152 -24.88 20.64 -16.52
N ARG A 153 -24.91 20.42 -17.84
CA ARG A 153 -24.86 21.54 -18.77
C ARG A 153 -26.06 22.46 -18.56
N ALA A 154 -27.24 21.89 -18.31
CA ALA A 154 -28.43 22.71 -18.17
C ALA A 154 -28.33 23.64 -16.97
N VAL A 155 -27.93 23.13 -15.81
CA VAL A 155 -27.82 23.98 -14.63
C VAL A 155 -26.62 24.90 -14.73
N ALA A 156 -25.52 24.44 -15.35
CA ALA A 156 -24.37 25.32 -15.54
C ALA A 156 -24.79 26.58 -16.29
N ARG A 157 -25.60 26.42 -17.33
CA ARG A 157 -26.11 27.58 -18.07
C ARG A 157 -26.96 28.46 -17.16
N LYS A 158 -27.84 27.86 -16.35
CA LYS A 158 -28.66 28.67 -15.47
C LYS A 158 -27.81 29.38 -14.42
N TRP A 159 -26.90 28.62 -13.77
CA TRP A 159 -26.08 29.21 -12.71
C TRP A 159 -25.17 30.29 -13.27
N ARG A 160 -24.60 30.05 -14.44
CA ARG A 160 -23.69 31.03 -15.01
C ARG A 160 -24.43 32.31 -15.42
N ALA A 161 -25.64 32.18 -15.98
CA ALA A 161 -26.44 33.36 -16.28
C ALA A 161 -26.78 34.12 -15.00
N GLU A 162 -27.15 33.41 -13.94
CA GLU A 162 -27.49 34.07 -12.68
C GLU A 162 -26.28 34.77 -12.08
N SER A 163 -25.09 34.19 -12.23
CA SER A 163 -23.89 34.81 -11.70
C SER A 163 -23.55 36.07 -12.48
N LYS A 164 -23.73 36.06 -13.80
CA LYS A 164 -23.47 37.26 -14.60
C LYS A 164 -24.42 38.38 -14.23
N GLU A 165 -25.70 38.05 -13.98
CA GLU A 165 -26.68 39.08 -13.65
C GLU A 165 -26.40 39.68 -12.28
N SER A 166 -26.10 38.85 -11.29
CA SER A 166 -25.86 39.34 -9.93
C SER A 166 -24.44 39.84 -9.71
N GLY A 167 -23.50 39.48 -10.58
CA GLY A 167 -22.12 39.86 -10.34
C GLY A 167 -21.49 39.19 -9.14
N ALA A 168 -22.14 38.16 -8.58
CA ALA A 168 -21.63 37.46 -7.41
C ALA A 168 -21.72 35.96 -7.65
N LYS A 169 -21.10 35.20 -6.76
CA LYS A 169 -21.19 33.75 -6.84
C LYS A 169 -22.61 33.31 -6.53
N VAL A 170 -22.97 32.14 -7.02
CA VAL A 170 -24.28 31.58 -6.80
C VAL A 170 -24.13 30.22 -6.13
N TYR A 171 -25.25 29.65 -5.70
CA TYR A 171 -25.26 28.35 -5.07
C TYR A 171 -25.43 27.29 -6.16
N GLY A 172 -24.63 26.23 -6.07
CA GLY A 172 -24.75 25.14 -7.01
C GLY A 172 -24.08 23.88 -6.50
N ARG A 173 -24.77 22.75 -6.59
CA ARG A 173 -24.25 21.46 -6.18
C ARG A 173 -24.61 20.43 -7.22
N ILE A 174 -23.61 19.74 -7.75
CA ILE A 174 -23.83 18.58 -8.60
C ILE A 174 -23.11 17.40 -7.94
N ILE A 175 -23.85 16.33 -7.69
CA ILE A 175 -23.28 15.09 -7.18
C ILE A 175 -23.54 14.01 -8.22
N ASN A 176 -22.48 13.50 -8.82
CA ASN A 176 -22.54 12.39 -9.75
C ASN A 176 -22.32 11.09 -9.00
N THR A 177 -22.52 9.98 -9.70
CA THR A 177 -22.43 8.66 -9.11
C THR A 177 -21.46 7.81 -9.92
N THR A 178 -20.36 7.42 -9.31
CA THR A 178 -19.45 6.45 -9.91
C THR A 178 -19.60 5.14 -9.13
N SER A 179 -18.69 4.20 -9.40
CA SER A 179 -18.75 2.92 -8.70
C SER A 179 -17.38 2.25 -8.75
N GLY A 180 -17.24 1.20 -7.94
CA GLY A 180 -15.99 0.46 -7.89
C GLY A 180 -15.57 -0.05 -9.26
N ALA A 181 -16.53 -0.56 -10.04
CA ALA A 181 -16.23 -0.99 -11.39
C ALA A 181 -15.73 0.17 -12.25
N GLY A 182 -16.23 1.38 -12.00
CA GLY A 182 -15.76 2.53 -12.74
C GLY A 182 -14.34 2.91 -12.39
N LEU A 183 -13.91 2.62 -11.17
CA LEU A 183 -12.56 2.95 -10.72
C LEU A 183 -11.56 1.82 -10.96
N HIS A 184 -12.03 0.57 -11.09
CA HIS A 184 -11.12 -0.56 -11.15
C HIS A 184 -11.42 -1.60 -12.23
N GLY A 185 -12.55 -1.49 -12.93
CA GLY A 185 -12.92 -2.51 -13.88
C GLY A 185 -13.54 -3.72 -13.22
N HIS A 186 -14.31 -4.46 -14.01
CA HIS A 186 -14.96 -5.66 -13.50
C HIS A 186 -15.41 -6.54 -14.66
N PHE A 187 -15.15 -7.84 -14.57
CA PHE A 187 -15.53 -8.76 -15.64
C PHE A 187 -17.00 -8.62 -15.99
N GLY A 188 -17.28 -8.53 -17.29
CA GLY A 188 -18.66 -8.48 -17.76
C GLY A 188 -19.27 -7.11 -17.77
N GLN A 189 -18.48 -6.05 -17.58
CA GLN A 189 -19.01 -4.69 -17.43
C GLN A 189 -18.18 -3.68 -18.21
N THR A 190 -17.79 -4.00 -19.45
CA THR A 190 -17.05 -3.03 -20.25
C THR A 190 -17.86 -1.75 -20.42
N ASN A 191 -19.18 -1.86 -20.55
CA ASN A 191 -20.01 -0.68 -20.74
C ASN A 191 -20.17 0.09 -19.43
N TYR A 192 -20.54 -0.61 -18.36
CA TYR A 192 -20.78 0.05 -17.07
C TYR A 192 -19.50 0.63 -16.50
N SER A 193 -18.38 -0.10 -16.63
CA SER A 193 -17.10 0.41 -16.14
C SER A 193 -16.64 1.62 -16.92
N ALA A 194 -16.76 1.59 -18.25
CA ALA A 194 -16.42 2.77 -19.04
C ALA A 194 -17.30 3.96 -18.65
N ALA A 195 -18.60 3.70 -18.46
CA ALA A 195 -19.53 4.79 -18.13
C ALA A 195 -19.21 5.38 -16.76
N LYS A 196 -19.03 4.53 -15.75
CA LYS A 196 -18.76 5.04 -14.41
C LYS A 196 -17.35 5.63 -14.31
N ALA A 197 -16.43 5.19 -15.16
CA ALA A 197 -15.14 5.85 -15.23
C ALA A 197 -15.27 7.22 -15.88
N ALA A 198 -16.02 7.29 -16.97
CA ALA A 198 -16.22 8.57 -17.66
C ALA A 198 -16.75 9.63 -16.72
N ILE A 199 -17.59 9.22 -15.76
CA ILE A 199 -18.21 10.13 -14.82
C ILE A 199 -17.18 10.78 -13.90
N VAL A 200 -16.10 10.06 -13.59
CA VAL A 200 -15.04 10.64 -12.77
C VAL A 200 -14.36 11.79 -13.50
N GLY A 201 -13.99 11.57 -14.76
CA GLY A 201 -13.43 12.65 -15.57
C GLY A 201 -14.40 13.78 -15.78
N LEU A 202 -15.69 13.44 -15.97
CA LEU A 202 -16.72 14.46 -16.07
C LEU A 202 -16.80 15.29 -14.80
N THR A 203 -16.72 14.63 -13.63
CA THR A 203 -16.79 15.32 -12.35
C THR A 203 -15.56 16.20 -12.15
N GLN A 204 -14.36 15.66 -12.40
CA GLN A 204 -13.16 16.46 -12.24
C GLN A 204 -13.20 17.70 -13.12
N THR A 205 -13.67 17.54 -14.37
CA THR A 205 -13.72 18.68 -15.28
C THR A 205 -14.79 19.69 -14.87
N LEU A 206 -15.99 19.21 -14.49
CA LEU A 206 -17.04 20.14 -14.12
C LEU A 206 -16.65 20.96 -12.90
N SER A 207 -15.94 20.34 -11.95
CA SER A 207 -15.42 21.05 -10.79
C SER A 207 -14.58 22.25 -11.23
N LEU A 208 -13.69 22.04 -12.20
CA LEU A 208 -12.84 23.14 -12.68
C LEU A 208 -13.65 24.20 -13.41
N GLU A 209 -14.66 23.79 -14.20
CA GLU A 209 -15.38 24.75 -15.02
C GLU A 209 -16.34 25.61 -14.18
N LEU A 210 -16.92 25.05 -13.12
CA LEU A 210 -17.91 25.74 -12.30
C LEU A 210 -17.33 26.36 -11.02
N ALA A 211 -16.02 26.24 -10.79
CA ALA A 211 -15.43 26.74 -9.55
C ALA A 211 -15.65 28.25 -9.38
N SER A 212 -15.45 29.02 -10.46
CA SER A 212 -15.42 30.48 -10.33
C SER A 212 -16.77 31.06 -9.97
N ILE A 213 -17.88 30.41 -10.34
CA ILE A 213 -19.20 30.94 -9.99
C ILE A 213 -19.71 30.39 -8.66
N GLY A 214 -18.98 29.48 -8.02
CA GLY A 214 -19.31 29.05 -6.67
C GLY A 214 -19.97 27.70 -6.56
N ALA A 215 -20.17 26.99 -7.66
CA ALA A 215 -20.79 25.67 -7.63
C ALA A 215 -19.72 24.60 -7.40
N THR A 216 -20.11 23.52 -6.74
CA THR A 216 -19.23 22.38 -6.55
C THR A 216 -19.79 21.16 -7.27
N VAL A 217 -18.88 20.28 -7.70
CA VAL A 217 -19.24 19.06 -8.40
C VAL A 217 -18.41 17.93 -7.81
N ASN A 218 -19.08 16.95 -7.18
CA ASN A 218 -18.42 15.81 -6.58
C ASN A 218 -19.05 14.51 -7.07
N ALA A 219 -18.38 13.39 -6.81
CA ALA A 219 -18.85 12.07 -7.20
C ALA A 219 -18.93 11.18 -5.97
N ILE A 220 -20.09 10.56 -5.78
CA ILE A 220 -20.28 9.59 -4.71
C ILE A 220 -20.13 8.19 -5.29
N SER A 221 -19.56 7.29 -4.49
CA SER A 221 -19.47 5.87 -4.82
C SER A 221 -20.28 5.13 -3.77
N PRO A 222 -21.57 4.87 -4.01
CA PRO A 222 -22.45 4.37 -2.96
C PRO A 222 -22.57 2.87 -2.86
N GLY A 223 -22.07 2.11 -3.83
CA GLY A 223 -22.14 0.66 -3.78
C GLY A 223 -23.43 0.08 -4.29
N PRO A 238 -37.44 -6.57 -3.01
CA PRO A 238 -36.38 -5.83 -2.32
C PRO A 238 -36.93 -4.66 -1.51
N ILE A 239 -36.45 -4.51 -0.27
CA ILE A 239 -36.99 -3.52 0.65
C ILE A 239 -36.47 -2.15 0.27
N GLU A 240 -37.39 -1.20 0.08
CA GLU A 240 -37.03 0.18 -0.16
C GLU A 240 -36.53 0.81 1.14
N PRO A 241 -35.64 1.80 1.06
CA PRO A 241 -35.05 2.36 2.29
C PRO A 241 -36.08 2.92 3.25
N ASP A 242 -37.23 3.40 2.77
CA ASP A 242 -38.24 3.93 3.66
C ASP A 242 -39.04 2.84 4.36
N GLU A 243 -38.90 1.58 3.96
CA GLU A 243 -39.50 0.47 4.68
C GLU A 243 -38.67 0.06 5.89
N ARG A 244 -37.48 0.59 6.06
CA ARG A 244 -36.66 0.35 7.25
C ARG A 244 -36.89 1.46 8.26
N SER A 245 -36.71 1.12 9.54
CA SER A 245 -36.79 2.12 10.59
C SER A 245 -35.48 2.89 10.65
N GLU A 246 -35.57 4.15 11.12
CA GLU A 246 -34.41 5.03 11.13
C GLU A 246 -33.38 4.65 12.17
N ASP A 247 -33.63 3.61 12.97
CA ASP A 247 -32.74 3.21 14.06
C ASP A 247 -32.02 1.90 13.82
N GLU A 248 -32.42 1.11 12.82
CA GLU A 248 -31.70 -0.11 12.49
C GLU A 248 -30.53 0.21 11.56
N PHE A 249 -29.54 -0.69 11.54
CA PHE A 249 -28.38 -0.56 10.69
C PHE A 249 -28.14 -1.88 9.96
N ASP A 250 -28.27 -1.84 8.64
CA ASP A 250 -27.99 -2.97 7.76
C ASP A 250 -26.83 -2.59 6.86
N PRO A 251 -25.70 -3.30 6.90
CA PRO A 251 -24.56 -2.91 6.05
C PRO A 251 -24.87 -2.93 4.58
N LYS A 252 -25.95 -3.57 4.15
CA LYS A 252 -26.35 -3.61 2.75
C LYS A 252 -27.42 -2.57 2.41
N ASP A 253 -27.84 -1.76 3.37
CA ASP A 253 -28.83 -0.71 3.14
C ASP A 253 -28.36 0.22 2.03
N PRO A 254 -29.14 0.40 0.96
CA PRO A 254 -28.68 1.27 -0.14
C PRO A 254 -28.65 2.74 0.21
N SER A 255 -29.27 3.14 1.31
CA SER A 255 -29.37 4.54 1.69
C SER A 255 -28.32 4.97 2.71
N LEU A 256 -27.33 4.11 2.99
CA LEU A 256 -26.36 4.46 4.03
C LEU A 256 -25.48 5.64 3.63
N GLY A 257 -25.26 5.84 2.33
CA GLY A 257 -24.50 6.99 1.87
C GLY A 257 -25.30 8.25 1.65
N SER A 258 -26.62 8.16 1.76
CA SER A 258 -27.46 9.32 1.48
C SER A 258 -27.17 10.52 2.40
N PRO A 259 -26.95 10.37 3.71
CA PRO A 259 -26.56 11.54 4.50
C PRO A 259 -25.29 12.21 3.99
N VAL A 260 -24.36 11.44 3.42
CA VAL A 260 -23.15 12.02 2.85
C VAL A 260 -23.50 12.86 1.63
N VAL A 261 -24.39 12.37 0.77
CA VAL A 261 -24.84 13.14 -0.39
C VAL A 261 -25.53 14.42 0.06
N ALA A 262 -26.39 14.33 1.08
CA ALA A 262 -27.06 15.51 1.60
C ALA A 262 -26.04 16.50 2.15
N TRP A 263 -25.01 16.02 2.85
CA TRP A 263 -24.03 16.96 3.38
C TRP A 263 -23.25 17.62 2.26
N LEU A 264 -22.85 16.85 1.24
CA LEU A 264 -22.16 17.43 0.09
C LEU A 264 -23.03 18.45 -0.63
N ALA A 265 -24.35 18.29 -0.58
CA ALA A 265 -25.25 19.23 -1.22
C ALA A 265 -25.55 20.45 -0.36
N SER A 266 -25.01 20.51 0.85
CA SER A 266 -25.35 21.53 1.83
C SER A 266 -24.38 22.71 1.78
N PRO A 267 -24.77 23.85 2.35
CA PRO A 267 -23.83 25.00 2.42
C PRO A 267 -22.54 24.71 3.18
N GLU A 268 -22.48 23.65 3.98
CA GLU A 268 -21.27 23.36 4.73
C GLU A 268 -20.15 22.81 3.85
N ALA A 269 -20.46 22.36 2.64
CA ALA A 269 -19.51 21.68 1.78
C ALA A 269 -19.11 22.52 0.58
N GLY A 270 -19.21 23.85 0.69
CA GLY A 270 -18.89 24.71 -0.44
C GLY A 270 -17.42 24.74 -0.82
N HIS A 271 -16.53 24.23 0.04
CA HIS A 271 -15.10 24.22 -0.21
C HIS A 271 -14.60 22.88 -0.76
N ILE A 272 -15.52 21.96 -1.05
CA ILE A 272 -15.19 20.61 -1.51
C ILE A 272 -15.70 20.44 -2.92
N SER A 273 -14.81 20.15 -3.86
CA SER A 273 -15.22 19.97 -5.24
C SER A 273 -14.24 19.05 -5.97
N GLY A 274 -14.74 18.33 -6.97
CA GLY A 274 -13.91 17.43 -7.73
C GLY A 274 -13.44 16.21 -6.98
N GLN A 275 -14.09 15.87 -5.87
CA GLN A 275 -13.67 14.76 -5.04
C GLN A 275 -14.47 13.50 -5.34
N VAL A 276 -13.84 12.36 -5.11
CA VAL A 276 -14.48 11.05 -5.19
C VAL A 276 -14.58 10.51 -3.77
N ILE A 277 -15.80 10.27 -3.31
CA ILE A 277 -16.05 9.91 -1.92
C ILE A 277 -16.82 8.59 -1.86
N ARG A 278 -16.25 7.60 -1.18
CA ARG A 278 -16.83 6.28 -1.04
C ARG A 278 -17.52 6.20 0.31
N ALA A 279 -18.83 5.93 0.29
CA ALA A 279 -19.62 5.80 1.52
C ALA A 279 -20.44 4.53 1.36
N ILE A 280 -19.88 3.41 1.83
CA ILE A 280 -20.48 2.09 1.66
C ILE A 280 -20.48 1.40 3.01
N GLY A 281 -21.66 1.04 3.50
CA GLY A 281 -21.76 0.31 4.74
C GLY A 281 -21.30 1.12 5.94
N GLU A 282 -20.25 0.63 6.60
CA GLU A 282 -19.76 1.22 7.82
C GLU A 282 -18.83 2.41 7.59
N HIS A 283 -18.26 2.54 6.39
CA HIS A 283 -17.11 3.39 6.19
C HIS A 283 -17.40 4.56 5.26
N LEU A 284 -16.80 5.70 5.60
CA LEU A 284 -16.72 6.87 4.75
C LEU A 284 -15.25 7.06 4.40
N GLN A 285 -14.93 7.12 3.12
CA GLN A 285 -13.56 7.19 2.67
C GLN A 285 -13.39 8.26 1.62
N LEU A 286 -12.29 9.00 1.70
CA LEU A 286 -11.88 9.89 0.63
C LEU A 286 -10.89 9.17 -0.29
N LEU A 287 -11.17 9.17 -1.58
CA LEU A 287 -10.30 8.50 -2.53
C LEU A 287 -9.48 9.55 -3.28
N LYS A 288 -8.24 9.19 -3.61
CA LYS A 288 -7.42 9.98 -4.51
C LYS A 288 -6.96 9.10 -5.66
N GLY A 289 -6.63 9.75 -6.77
CA GLY A 289 -6.60 9.13 -8.07
C GLY A 289 -5.20 8.80 -8.57
N TRP A 290 -5.03 8.98 -9.88
CA TRP A 290 -3.87 8.47 -10.61
C TRP A 290 -2.60 9.24 -10.26
N HIS A 291 -1.52 8.49 -10.11
CA HIS A 291 -0.23 8.99 -9.66
C HIS A 291 0.86 8.04 -10.13
N PRO A 292 2.06 8.53 -10.39
CA PRO A 292 3.17 7.64 -10.75
C PRO A 292 3.72 6.91 -9.52
N VAL A 293 4.01 5.62 -9.69
CA VAL A 293 4.68 4.83 -8.66
C VAL A 293 6.09 4.42 -9.05
N ALA A 294 6.47 4.60 -10.31
CA ALA A 294 7.81 4.28 -10.77
C ALA A 294 8.07 5.12 -12.00
N SER A 295 9.29 5.62 -12.14
CA SER A 295 9.62 6.57 -13.17
C SER A 295 11.07 6.35 -13.60
N VAL A 296 11.34 6.47 -14.88
CA VAL A 296 12.68 6.31 -15.42
C VAL A 296 12.85 7.28 -16.58
N SER A 297 14.07 7.81 -16.71
CA SER A 297 14.41 8.75 -17.75
C SER A 297 15.21 8.07 -18.85
N ASN A 298 14.99 8.51 -20.09
CA ASN A 298 15.70 7.98 -21.24
C ASN A 298 16.98 8.75 -21.54
N GLY A 299 17.37 9.68 -20.68
CA GLY A 299 18.59 10.44 -20.89
C GLY A 299 18.53 11.37 -22.08
N GLN A 300 17.33 11.79 -22.45
CA GLN A 300 17.10 12.65 -23.62
C GLN A 300 17.58 11.97 -24.90
N LYS A 301 17.34 10.67 -24.99
CA LYS A 301 17.48 9.90 -26.23
C LYS A 301 16.21 9.10 -26.42
N ARG A 302 15.90 8.76 -27.68
CA ARG A 302 14.70 7.99 -27.96
C ARG A 302 14.74 6.64 -27.27
N TRP A 303 13.57 6.15 -26.86
CA TRP A 303 13.46 4.81 -26.32
C TRP A 303 13.79 3.78 -27.39
N ASP A 304 14.37 2.66 -26.95
CA ASP A 304 14.66 1.51 -27.80
C ASP A 304 13.80 0.34 -27.32
N ALA A 305 12.88 -0.12 -28.17
CA ALA A 305 11.98 -1.20 -27.78
C ALA A 305 12.73 -2.48 -27.46
N ASN A 306 13.91 -2.67 -28.06
CA ASN A 306 14.72 -3.84 -27.76
C ASN A 306 15.43 -3.74 -26.41
N LYS A 307 15.38 -2.58 -25.77
CA LYS A 307 15.95 -2.41 -24.44
C LYS A 307 14.89 -2.20 -23.37
N LEU A 308 13.63 -1.98 -23.75
CA LEU A 308 12.60 -1.61 -22.79
C LEU A 308 12.22 -2.77 -21.89
N GLY A 309 12.36 -4.02 -22.35
CA GLY A 309 12.04 -5.15 -21.50
C GLY A 309 12.86 -5.15 -20.21
N ALA A 310 14.17 -4.98 -20.34
CA ALA A 310 15.02 -4.94 -19.15
C ALA A 310 14.73 -3.70 -18.30
N ILE A 311 14.41 -2.57 -18.95
CA ILE A 311 14.10 -1.35 -18.20
C ILE A 311 12.79 -1.52 -17.44
N MET A 312 11.77 -2.04 -18.11
CA MET A 312 10.50 -2.32 -17.43
C MET A 312 10.71 -3.23 -16.23
N ALA A 313 11.55 -4.25 -16.38
CA ALA A 313 11.73 -5.25 -15.33
C ALA A 313 12.44 -4.66 -14.12
N ALA A 314 13.52 -3.93 -14.35
CA ALA A 314 14.37 -3.47 -13.26
C ALA A 314 13.94 -2.12 -12.69
N ASP A 315 13.40 -1.24 -13.53
CA ASP A 315 13.16 0.14 -13.11
C ASP A 315 11.68 0.48 -12.92
N ILE A 316 10.76 -0.32 -13.44
CA ILE A 316 9.33 -0.03 -13.37
C ILE A 316 8.60 -1.03 -12.46
N PHE A 317 8.59 -2.30 -12.84
CA PHE A 317 7.85 -3.29 -12.08
C PHE A 317 8.68 -3.97 -10.99
N GLY A 318 10.00 -3.86 -11.07
CA GLY A 318 10.83 -4.47 -10.06
C GLY A 318 10.81 -5.98 -10.10
N THR A 319 10.60 -6.58 -11.28
CA THR A 319 10.64 -8.04 -11.40
C THR A 319 12.06 -8.57 -11.58
N ARG A 320 13.01 -7.73 -11.95
CA ARG A 320 14.43 -8.07 -11.96
C ARG A 320 15.20 -7.10 -11.08
N ASN A 321 16.32 -7.57 -10.53
CA ASN A 321 17.13 -6.71 -9.68
C ASN A 321 18.05 -5.84 -10.55
N THR A 322 18.45 -4.71 -9.98
CA THR A 322 19.30 -3.76 -10.71
C THR A 322 20.77 -4.06 -10.56
N GLY A 323 21.16 -4.71 -9.46
CA GLY A 323 22.57 -4.84 -9.15
C GLY A 323 23.14 -3.55 -8.59
N LEU A 324 24.43 -3.61 -8.29
CA LEU A 324 25.15 -2.43 -7.85
C LEU A 324 25.16 -1.38 -8.97
N ARG A 325 24.85 -0.14 -8.62
CA ARG A 325 24.88 0.96 -9.60
C ARG A 325 25.64 2.15 -9.05
N THR B 23 16.40 -9.95 -36.60
CA THR B 23 15.18 -10.44 -35.96
C THR B 23 14.43 -9.30 -35.25
N GLY B 24 13.29 -8.90 -35.79
CA GLY B 24 12.51 -7.86 -35.16
C GLY B 24 11.62 -8.40 -34.05
N LEU B 25 11.32 -7.52 -33.09
CA LEU B 25 10.44 -7.89 -31.98
C LEU B 25 9.10 -8.41 -32.48
N LEU B 26 8.57 -7.80 -33.54
CA LEU B 26 7.22 -8.07 -33.99
C LEU B 26 7.18 -8.84 -35.32
N ASP B 27 8.27 -9.54 -35.66
CA ASP B 27 8.28 -10.33 -36.89
C ASP B 27 7.10 -11.29 -36.90
N GLY B 28 6.38 -11.32 -38.02
CA GLY B 28 5.24 -12.20 -38.18
C GLY B 28 3.93 -11.68 -37.63
N LYS B 29 3.92 -10.53 -36.95
CA LYS B 29 2.70 -10.02 -36.34
C LYS B 29 1.98 -9.06 -37.26
N VAL B 30 0.66 -8.99 -37.09
CA VAL B 30 -0.21 -8.08 -37.84
C VAL B 30 -0.84 -7.12 -36.85
N ALA B 31 -0.73 -5.83 -37.13
CA ALA B 31 -1.16 -4.80 -36.18
C ALA B 31 -2.11 -3.82 -36.85
N LEU B 32 -3.16 -3.44 -36.13
CA LEU B 32 -4.06 -2.39 -36.56
C LEU B 32 -3.83 -1.16 -35.71
N VAL B 33 -3.60 -0.01 -36.36
CA VAL B 33 -3.46 1.28 -35.69
C VAL B 33 -4.52 2.21 -36.25
N THR B 34 -5.44 2.63 -35.39
CA THR B 34 -6.50 3.54 -35.81
C THR B 34 -6.01 4.98 -35.73
N GLY B 35 -6.45 5.78 -36.69
CA GLY B 35 -5.99 7.16 -36.79
C GLY B 35 -4.49 7.28 -37.02
N ALA B 36 -3.94 6.44 -37.89
CA ALA B 36 -2.50 6.38 -38.11
C ALA B 36 -2.03 7.30 -39.25
N GLY B 37 -2.86 8.20 -39.74
CA GLY B 37 -2.44 9.04 -40.83
C GLY B 37 -1.58 10.22 -40.42
N HIS B 38 -1.67 10.64 -39.16
CA HIS B 38 -0.93 11.81 -38.70
C HIS B 38 -0.48 11.61 -37.26
N GLY B 39 0.53 12.38 -36.87
CA GLY B 39 0.85 12.58 -35.47
C GLY B 39 1.23 11.31 -34.73
N ILE B 40 0.63 11.17 -33.54
CA ILE B 40 0.99 10.07 -32.64
C ILE B 40 0.73 8.73 -33.29
N GLY B 41 -0.45 8.56 -33.89
CA GLY B 41 -0.80 7.28 -34.49
C GLY B 41 0.12 6.93 -35.64
N ARG B 42 0.52 7.93 -36.42
CA ARG B 42 1.49 7.70 -37.50
C ARG B 42 2.81 7.20 -36.93
N GLY B 43 3.24 7.77 -35.80
CA GLY B 43 4.44 7.29 -35.14
C GLY B 43 4.32 5.84 -34.68
N HIS B 44 3.17 5.47 -34.13
CA HIS B 44 2.94 4.08 -33.75
C HIS B 44 3.05 3.17 -34.97
N ALA B 45 2.37 3.55 -36.06
CA ALA B 45 2.40 2.74 -37.27
C ALA B 45 3.82 2.56 -37.77
N LEU B 46 4.60 3.65 -37.80
CA LEU B 46 6.00 3.55 -38.22
C LEU B 46 6.79 2.64 -37.29
N GLU B 47 6.59 2.78 -35.97
CA GLU B 47 7.38 2.02 -35.01
C GLU B 47 7.08 0.53 -35.08
N LEU B 48 5.80 0.17 -35.11
CA LEU B 48 5.44 -1.25 -35.19
C LEU B 48 6.00 -1.88 -36.45
N ALA B 49 5.96 -1.15 -37.58
CA ALA B 49 6.49 -1.71 -38.82
C ALA B 49 7.99 -1.86 -38.75
N LYS B 50 8.67 -0.90 -38.12
CA LYS B 50 10.13 -0.95 -37.99
C LYS B 50 10.60 -2.23 -37.30
N HIS B 51 9.80 -2.75 -36.37
CA HIS B 51 10.15 -3.95 -35.62
C HIS B 51 9.57 -5.22 -36.23
N GLY B 52 9.07 -5.16 -37.47
CA GLY B 52 8.71 -6.34 -38.24
C GLY B 52 7.22 -6.58 -38.42
N ALA B 53 6.35 -5.80 -37.79
CA ALA B 53 4.92 -6.02 -37.93
C ALA B 53 4.40 -5.54 -39.28
N THR B 54 3.42 -6.28 -39.81
CA THR B 54 2.60 -5.78 -40.91
C THR B 54 1.52 -4.89 -40.31
N VAL B 55 1.52 -3.62 -40.71
CA VAL B 55 0.67 -2.62 -40.07
C VAL B 55 -0.52 -2.31 -40.98
N ILE B 56 -1.71 -2.41 -40.42
CA ILE B 56 -2.91 -1.93 -41.10
C ILE B 56 -3.07 -0.47 -40.70
N VAL B 57 -2.77 0.43 -41.64
CA VAL B 57 -2.78 1.86 -41.39
C VAL B 57 -4.20 2.37 -41.62
N ASN B 58 -4.93 2.60 -40.53
CA ASN B 58 -6.30 3.07 -40.62
C ASN B 58 -6.34 4.59 -40.47
N ASP B 59 -6.99 5.26 -41.41
CA ASP B 59 -7.23 6.69 -41.33
C ASP B 59 -8.20 7.08 -42.42
N LEU B 60 -9.01 8.11 -42.15
CA LEU B 60 -10.00 8.55 -43.11
C LEU B 60 -9.58 9.80 -43.85
N GLY B 61 -8.48 10.42 -43.47
CA GLY B 61 -8.17 11.75 -43.97
C GLY B 61 -7.57 11.73 -45.35
N THR B 62 -7.58 12.88 -45.98
CA THR B 62 -7.03 13.03 -47.32
C THR B 62 -5.64 13.64 -47.24
N SER B 63 -4.88 13.44 -48.31
CA SER B 63 -3.54 14.01 -48.43
C SER B 63 -3.63 15.43 -48.98
N LEU B 64 -2.52 16.16 -48.83
CA LEU B 64 -2.51 17.56 -49.27
C LEU B 64 -2.50 17.67 -50.78
N SER B 65 -1.75 16.81 -51.45
CA SER B 65 -1.61 16.89 -52.91
C SER B 65 -2.82 16.32 -53.65
N GLY B 66 -3.57 15.42 -53.03
CA GLY B 66 -4.63 14.72 -53.71
C GLY B 66 -4.18 13.74 -54.78
N GLU B 67 -2.88 13.59 -54.98
CA GLU B 67 -2.36 12.70 -56.03
C GLU B 67 -2.59 11.24 -55.66
N GLY B 68 -2.71 10.41 -56.69
CA GLY B 68 -2.98 8.99 -56.51
C GLY B 68 -4.40 8.73 -56.06
N THR B 69 -4.55 8.22 -54.84
CA THR B 69 -5.86 8.05 -54.23
C THR B 69 -6.25 9.23 -53.36
N GLY B 70 -5.32 10.12 -53.05
CA GLY B 70 -5.59 11.22 -52.15
C GLY B 70 -5.67 10.86 -50.69
N LYS B 71 -5.50 9.59 -50.33
CA LYS B 71 -5.69 9.14 -48.96
C LYS B 71 -4.38 9.20 -48.18
N VAL B 72 -4.42 9.79 -46.99
CA VAL B 72 -3.20 9.96 -46.22
C VAL B 72 -2.68 8.62 -45.74
N ALA B 73 -3.58 7.65 -45.51
CA ALA B 73 -3.14 6.33 -45.06
C ALA B 73 -2.26 5.66 -46.10
N ASP B 74 -2.54 5.87 -47.39
CA ASP B 74 -1.69 5.34 -48.43
C ASP B 74 -0.30 5.98 -48.40
N GLU B 75 -0.23 7.26 -48.03
CA GLU B 75 1.07 7.91 -47.91
C GLU B 75 1.90 7.29 -46.80
N VAL B 76 1.26 6.96 -45.67
CA VAL B 76 1.98 6.31 -44.57
C VAL B 76 2.46 4.94 -45.00
N VAL B 77 1.61 4.18 -45.71
CA VAL B 77 2.02 2.89 -46.24
C VAL B 77 3.26 3.03 -47.12
N THR B 78 3.26 4.04 -47.99
CA THR B 78 4.43 4.25 -48.85
C THR B 78 5.68 4.53 -48.03
N VAL B 79 5.56 5.36 -46.99
CA VAL B 79 6.71 5.63 -46.13
C VAL B 79 7.19 4.35 -45.46
N ILE B 80 6.25 3.54 -44.95
CA ILE B 80 6.61 2.29 -44.29
C ILE B 80 7.32 1.35 -45.25
N GLU B 81 6.77 1.20 -46.46
CA GLU B 81 7.38 0.26 -47.40
C GLU B 81 8.75 0.71 -47.87
N SER B 82 8.93 2.01 -48.15
CA SER B 82 10.24 2.47 -48.62
C SER B 82 11.31 2.28 -47.56
N ARG B 83 10.92 2.16 -46.30
CA ARG B 83 11.86 1.88 -45.22
C ARG B 83 12.05 0.39 -44.98
N GLY B 84 11.49 -0.46 -45.83
CA GLY B 84 11.66 -1.89 -45.71
C GLY B 84 10.59 -2.62 -44.93
N GLY B 85 9.49 -1.95 -44.58
CA GLY B 85 8.44 -2.57 -43.80
C GLY B 85 7.25 -3.00 -44.65
N LYS B 86 6.28 -3.61 -43.97
CA LYS B 86 5.07 -4.11 -44.62
C LYS B 86 3.86 -3.42 -44.02
N ALA B 87 2.96 -2.97 -44.90
CA ALA B 87 1.77 -2.25 -44.45
C ALA B 87 0.71 -2.27 -45.54
N VAL B 88 -0.54 -2.12 -45.11
CA VAL B 88 -1.68 -1.95 -45.99
C VAL B 88 -2.56 -0.84 -45.40
N SER B 89 -3.28 -0.15 -46.25
CA SER B 89 -4.14 0.94 -45.82
C SER B 89 -5.55 0.43 -45.48
N ASP B 90 -6.24 1.20 -44.65
CA ASP B 90 -7.63 0.92 -44.28
C ASP B 90 -8.36 2.23 -44.05
N PHE B 91 -9.60 2.31 -44.56
CA PHE B 91 -10.38 3.54 -44.51
C PHE B 91 -11.69 3.34 -43.75
N SER B 92 -11.69 2.49 -42.71
CA SER B 92 -12.89 2.25 -41.94
C SER B 92 -13.14 3.35 -40.92
N ASP B 93 -14.41 3.73 -40.79
CA ASP B 93 -14.88 4.58 -39.70
C ASP B 93 -15.00 3.71 -38.44
N VAL B 94 -14.10 3.94 -37.47
CA VAL B 94 -14.04 3.08 -36.29
C VAL B 94 -15.26 3.23 -35.38
N GLY B 95 -16.07 4.27 -35.57
CA GLY B 95 -17.31 4.37 -34.82
C GLY B 95 -18.46 3.53 -35.35
N ASP B 96 -18.28 2.93 -36.53
CA ASP B 96 -19.33 2.21 -37.23
C ASP B 96 -19.15 0.72 -37.00
N GLU B 97 -20.18 0.07 -36.44
CA GLU B 97 -20.06 -1.34 -36.04
C GLU B 97 -19.73 -2.22 -37.24
N GLU B 98 -20.47 -2.05 -38.33
CA GLU B 98 -20.28 -2.91 -39.50
C GLU B 98 -18.89 -2.71 -40.12
N GLN B 99 -18.42 -1.47 -40.20
CA GLN B 99 -17.11 -1.23 -40.79
C GLN B 99 -15.99 -1.82 -39.94
N VAL B 100 -16.11 -1.73 -38.62
CA VAL B 100 -15.10 -2.30 -37.73
C VAL B 100 -15.05 -3.81 -37.88
N ASP B 101 -16.22 -4.47 -37.86
CA ASP B 101 -16.26 -5.91 -38.02
C ASP B 101 -15.64 -6.33 -39.34
N LEU B 102 -15.84 -5.53 -40.39
CA LEU B 102 -15.27 -5.86 -41.69
C LEU B 102 -13.75 -5.70 -41.69
N ALA B 103 -13.24 -4.67 -41.03
CA ALA B 103 -11.79 -4.46 -41.02
C ALA B 103 -11.08 -5.62 -40.36
N VAL B 104 -11.66 -6.17 -39.29
CA VAL B 104 -11.04 -7.30 -38.60
C VAL B 104 -11.14 -8.56 -39.44
N GLU B 105 -12.29 -8.77 -40.11
CA GLU B 105 -12.41 -9.90 -41.03
C GLU B 105 -11.38 -9.81 -42.15
N ARG B 106 -11.23 -8.60 -42.73
CA ARG B 106 -10.24 -8.41 -43.78
C ARG B 106 -8.86 -8.79 -43.31
N ALA B 107 -8.49 -8.38 -42.09
CA ALA B 107 -7.18 -8.73 -41.56
C ALA B 107 -6.99 -10.23 -41.51
N TYR B 108 -8.00 -10.97 -41.05
CA TYR B 108 -7.86 -12.42 -40.96
C TYR B 108 -7.81 -13.06 -42.34
N SER B 109 -8.65 -12.61 -43.28
CA SER B 109 -8.70 -13.29 -44.56
C SER B 109 -7.51 -12.96 -45.44
N GLN B 110 -7.03 -11.71 -45.40
CA GLN B 110 -5.92 -11.29 -46.26
C GLN B 110 -4.55 -11.46 -45.60
N LEU B 111 -4.46 -11.28 -44.28
CA LEU B 111 -3.18 -11.32 -43.58
C LEU B 111 -3.07 -12.45 -42.58
N GLY B 112 -4.09 -13.29 -42.46
CA GLY B 112 -3.98 -14.48 -41.64
C GLY B 112 -4.51 -14.33 -40.23
N ARG B 113 -4.30 -13.17 -39.63
CA ARG B 113 -4.59 -12.97 -38.21
C ARG B 113 -4.48 -11.48 -37.89
N LEU B 114 -5.05 -11.10 -36.75
CA LEU B 114 -4.86 -9.76 -36.20
C LEU B 114 -4.31 -9.90 -34.78
N ASP B 115 -3.01 -9.61 -34.62
CA ASP B 115 -2.34 -9.80 -33.33
C ASP B 115 -2.44 -8.59 -32.41
N ILE B 116 -2.45 -7.38 -32.98
CA ILE B 116 -2.29 -6.16 -32.21
C ILE B 116 -3.32 -5.15 -32.68
N VAL B 117 -3.98 -4.49 -31.72
CA VAL B 117 -4.87 -3.36 -32.02
C VAL B 117 -4.39 -2.20 -31.17
N VAL B 118 -4.00 -1.11 -31.81
CA VAL B 118 -3.66 0.14 -31.14
C VAL B 118 -4.78 1.12 -31.45
N ASN B 119 -5.63 1.37 -30.46
CA ASN B 119 -6.77 2.28 -30.59
C ASN B 119 -6.27 3.70 -30.33
N ASN B 120 -6.07 4.46 -31.40
CA ASN B 120 -5.55 5.81 -31.29
C ASN B 120 -6.43 6.86 -31.93
N ALA B 121 -7.32 6.49 -32.85
CA ALA B 121 -8.19 7.44 -33.53
C ALA B 121 -8.94 8.30 -32.53
N GLY B 122 -9.04 9.59 -32.83
CA GLY B 122 -9.75 10.49 -31.94
C GLY B 122 -9.90 11.87 -32.56
N ILE B 123 -10.80 12.65 -31.96
CA ILE B 123 -10.96 14.06 -32.27
C ILE B 123 -11.19 14.81 -30.97
N VAL B 124 -11.09 16.13 -31.04
CA VAL B 124 -11.37 17.00 -29.91
C VAL B 124 -12.41 18.02 -30.33
N ARG B 125 -13.27 18.40 -29.37
CA ARG B 125 -14.24 19.47 -29.56
C ARG B 125 -14.23 20.27 -28.25
N ASP B 126 -13.17 21.07 -28.06
CA ASP B 126 -12.96 21.79 -26.82
C ASP B 126 -13.85 23.02 -26.71
N LYS B 127 -14.57 23.12 -25.60
CA LYS B 127 -15.38 24.26 -25.17
C LYS B 127 -15.82 23.98 -23.74
N ALA B 128 -15.99 25.05 -22.95
CA ALA B 128 -16.65 24.89 -21.67
C ALA B 128 -18.04 24.31 -21.88
N ILE B 129 -18.53 23.55 -20.90
CA ILE B 129 -19.73 22.75 -21.14
C ILE B 129 -20.93 23.61 -21.54
N TRP B 130 -21.03 24.83 -21.03
CA TRP B 130 -22.18 25.67 -21.36
C TRP B 130 -22.18 26.15 -22.81
N ASN B 131 -21.05 26.04 -23.51
CA ASN B 131 -20.97 26.38 -24.93
C ASN B 131 -20.97 25.16 -25.83
N MET B 132 -21.04 23.95 -25.28
CA MET B 132 -20.83 22.73 -26.02
C MET B 132 -22.16 22.14 -26.48
N THR B 133 -22.22 21.71 -27.74
CA THR B 133 -23.40 21.04 -28.24
C THR B 133 -23.35 19.55 -27.90
N VAL B 134 -24.52 18.91 -27.89
CA VAL B 134 -24.55 17.47 -27.65
C VAL B 134 -23.83 16.74 -28.76
N ASP B 135 -23.88 17.29 -29.97
CA ASP B 135 -23.15 16.66 -31.07
C ASP B 135 -21.64 16.68 -30.80
N ASP B 136 -21.12 17.78 -30.26
CA ASP B 136 -19.72 17.80 -29.85
C ASP B 136 -19.43 16.77 -28.76
N PHE B 137 -20.36 16.60 -27.83
CA PHE B 137 -20.16 15.60 -26.80
C PHE B 137 -20.26 14.20 -27.40
N ASP B 138 -21.36 13.93 -28.12
CA ASP B 138 -21.58 12.60 -28.67
C ASP B 138 -20.44 12.17 -29.59
N LEU B 139 -19.97 13.08 -30.45
CA LEU B 139 -18.98 12.73 -31.44
C LEU B 139 -17.64 12.34 -30.79
N VAL B 140 -17.24 13.08 -29.75
CA VAL B 140 -15.99 12.75 -29.06
C VAL B 140 -16.12 11.41 -28.34
N MET B 141 -17.27 11.16 -27.70
CA MET B 141 -17.47 9.85 -27.07
C MET B 141 -17.48 8.74 -28.09
N ARG B 142 -18.01 9.00 -29.29
CA ARG B 142 -18.16 7.95 -30.28
C ARG B 142 -16.80 7.50 -30.82
N VAL B 143 -15.97 8.44 -31.26
CA VAL B 143 -14.68 8.06 -31.84
C VAL B 143 -13.78 7.42 -30.80
N HIS B 144 -13.68 8.02 -29.61
CA HIS B 144 -12.73 7.54 -28.61
C HIS B 144 -13.21 6.24 -27.96
N VAL B 145 -14.40 6.25 -27.36
CA VAL B 145 -14.83 5.12 -26.53
C VAL B 145 -15.50 4.04 -27.36
N ARG B 146 -16.53 4.39 -28.16
CA ARG B 146 -17.19 3.38 -28.99
C ARG B 146 -16.22 2.77 -29.99
N GLY B 147 -15.33 3.57 -30.56
CA GLY B 147 -14.34 3.02 -31.47
C GLY B 147 -13.44 1.99 -30.79
N SER B 148 -12.95 2.29 -29.59
CA SER B 148 -12.10 1.36 -28.87
C SER B 148 -12.86 0.13 -28.41
N TRP B 149 -14.13 0.30 -28.05
CA TRP B 149 -14.93 -0.85 -27.66
C TRP B 149 -15.21 -1.74 -28.87
N LEU B 150 -15.52 -1.12 -30.03
CA LEU B 150 -15.87 -1.90 -31.21
C LEU B 150 -14.70 -2.75 -31.70
N THR B 151 -13.51 -2.15 -31.82
CA THR B 151 -12.35 -2.92 -32.27
C THR B 151 -11.99 -3.99 -31.27
N SER B 152 -12.09 -3.67 -29.97
CA SER B 152 -11.77 -4.66 -28.95
C SER B 152 -12.73 -5.85 -29.02
N ARG B 153 -14.03 -5.59 -29.17
CA ARG B 153 -14.98 -6.70 -29.25
C ARG B 153 -14.71 -7.57 -30.46
N ALA B 154 -14.39 -6.96 -31.61
CA ALA B 154 -14.19 -7.73 -32.83
C ALA B 154 -13.01 -8.69 -32.70
N VAL B 155 -11.87 -8.22 -32.18
CA VAL B 155 -10.74 -9.13 -32.03
C VAL B 155 -10.97 -10.10 -30.88
N ALA B 156 -11.64 -9.67 -29.81
CA ALA B 156 -11.93 -10.58 -28.71
C ALA B 156 -12.71 -11.79 -29.21
N ARG B 157 -13.71 -11.56 -30.07
CA ARG B 157 -14.46 -12.67 -30.64
C ARG B 157 -13.56 -13.59 -31.46
N LYS B 158 -12.66 -13.00 -32.27
CA LYS B 158 -11.77 -13.83 -33.06
C LYS B 158 -10.84 -14.64 -32.17
N TRP B 159 -10.20 -13.98 -31.20
CA TRP B 159 -9.23 -14.64 -30.32
C TRP B 159 -9.88 -15.75 -29.51
N ARG B 160 -11.08 -15.52 -29.00
CA ARG B 160 -11.73 -16.56 -28.21
C ARG B 160 -12.09 -17.76 -29.07
N ALA B 161 -12.57 -17.53 -30.29
CA ALA B 161 -12.83 -18.63 -31.20
C ALA B 161 -11.55 -19.41 -31.48
N GLU B 162 -10.44 -18.71 -31.70
CA GLU B 162 -9.19 -19.40 -31.94
C GLU B 162 -8.73 -20.19 -30.71
N SER B 163 -8.98 -19.65 -29.51
CA SER B 163 -8.58 -20.38 -28.30
C SER B 163 -9.42 -21.63 -28.11
N LYS B 164 -10.73 -21.55 -28.39
CA LYS B 164 -11.60 -22.72 -28.27
C LYS B 164 -11.18 -23.79 -29.27
N GLU B 165 -10.77 -23.37 -30.47
CA GLU B 165 -10.33 -24.31 -31.50
C GLU B 165 -9.03 -24.99 -31.11
N SER B 166 -8.06 -24.21 -30.64
CA SER B 166 -6.74 -24.74 -30.31
C SER B 166 -6.65 -25.34 -28.91
N GLY B 167 -7.56 -24.98 -28.00
CA GLY B 167 -7.41 -25.43 -26.63
C GLY B 167 -6.23 -24.82 -25.90
N ALA B 168 -5.63 -23.78 -26.46
CA ALA B 168 -4.47 -23.14 -25.88
C ALA B 168 -4.67 -21.62 -25.85
N LYS B 169 -3.76 -20.94 -25.15
CA LYS B 169 -3.77 -19.48 -25.19
C LYS B 169 -3.39 -19.01 -26.59
N VAL B 170 -3.82 -17.80 -26.92
CA VAL B 170 -3.54 -17.22 -28.22
C VAL B 170 -2.78 -15.92 -28.01
N TYR B 171 -2.27 -15.35 -29.10
CA TYR B 171 -1.55 -14.10 -29.02
C TYR B 171 -2.54 -12.95 -29.18
N GLY B 172 -2.43 -11.97 -28.29
CA GLY B 172 -3.33 -10.83 -28.39
C GLY B 172 -2.83 -9.63 -27.64
N ARG B 173 -2.86 -8.48 -28.29
CA ARG B 173 -2.45 -7.21 -27.72
C ARG B 173 -3.45 -6.13 -28.11
N ILE B 174 -3.98 -5.44 -27.10
CA ILE B 174 -4.74 -4.22 -27.30
C ILE B 174 -4.06 -3.13 -26.50
N ILE B 175 -3.71 -2.03 -27.16
CA ILE B 175 -3.19 -0.85 -26.47
C ILE B 175 -4.16 0.29 -26.75
N ASN B 176 -4.82 0.76 -25.70
CA ASN B 176 -5.69 1.93 -25.81
C ASN B 176 -4.90 3.18 -25.46
N THR B 177 -5.55 4.33 -25.67
CA THR B 177 -4.92 5.63 -25.51
C THR B 177 -5.77 6.46 -24.56
N THR B 178 -5.23 6.78 -23.41
CA THR B 178 -5.86 7.72 -22.50
C THR B 178 -5.03 9.01 -22.55
N SER B 179 -5.29 9.92 -21.62
CA SER B 179 -4.54 11.17 -21.57
C SER B 179 -4.66 11.78 -20.18
N GLY B 180 -3.85 12.82 -19.95
CA GLY B 180 -3.91 13.53 -18.68
C GLY B 180 -5.28 14.06 -18.36
N ALA B 181 -5.97 14.65 -19.34
CA ALA B 181 -7.32 15.11 -19.11
C ALA B 181 -8.24 13.96 -18.72
N GLY B 182 -7.98 12.76 -19.24
CA GLY B 182 -8.77 11.60 -18.87
C GLY B 182 -8.57 11.15 -17.44
N LEU B 183 -7.38 11.41 -16.89
CA LEU B 183 -7.09 11.01 -15.51
C LEU B 183 -7.39 12.10 -14.49
N HIS B 184 -7.40 13.38 -14.89
CA HIS B 184 -7.50 14.47 -13.92
C HIS B 184 -8.48 15.56 -14.30
N GLY B 185 -9.06 15.55 -15.50
CA GLY B 185 -9.93 16.62 -15.92
C GLY B 185 -9.14 17.82 -16.41
N HIS B 186 -9.80 18.63 -17.22
CA HIS B 186 -9.17 19.82 -17.78
C HIS B 186 -10.26 20.76 -18.27
N PHE B 187 -10.16 22.04 -17.89
CA PHE B 187 -11.16 23.03 -18.28
C PHE B 187 -11.40 23.00 -19.79
N GLY B 188 -12.68 22.98 -20.17
CA GLY B 188 -13.05 22.99 -21.57
C GLY B 188 -13.08 21.64 -22.25
N GLN B 189 -13.01 20.55 -21.49
CA GLN B 189 -12.88 19.22 -22.09
C GLN B 189 -13.76 18.20 -21.39
N THR B 190 -15.02 18.57 -21.08
CA THR B 190 -15.92 17.60 -20.45
C THR B 190 -16.08 16.37 -21.33
N ASN B 191 -16.11 16.56 -22.65
CA ASN B 191 -16.27 15.42 -23.55
C ASN B 191 -14.99 14.61 -23.66
N TYR B 192 -13.87 15.29 -23.91
CA TYR B 192 -12.60 14.58 -24.08
C TYR B 192 -12.15 13.93 -22.78
N SER B 193 -12.34 14.62 -21.65
CA SER B 193 -11.97 14.04 -20.36
C SER B 193 -12.82 12.82 -20.03
N ALA B 194 -14.14 12.91 -20.24
CA ALA B 194 -15.00 11.76 -20.02
C ALA B 194 -14.61 10.59 -20.91
N ALA B 195 -14.29 10.88 -22.19
CA ALA B 195 -13.93 9.83 -23.12
C ALA B 195 -12.62 9.15 -22.70
N LYS B 196 -11.60 9.93 -22.36
CA LYS B 196 -10.32 9.33 -22.01
C LYS B 196 -10.34 8.64 -20.65
N ALA B 197 -11.23 9.07 -19.74
CA ALA B 197 -11.43 8.33 -18.50
C ALA B 197 -12.14 7.01 -18.75
N ALA B 198 -13.19 7.03 -19.58
CA ALA B 198 -13.90 5.79 -19.92
C ALA B 198 -12.93 4.75 -20.44
N ILE B 199 -11.92 5.17 -21.19
CA ILE B 199 -10.99 4.24 -21.79
C ILE B 199 -10.18 3.51 -20.72
N VAL B 200 -9.93 4.16 -19.57
CA VAL B 200 -9.20 3.48 -18.50
C VAL B 200 -10.02 2.34 -17.92
N GLY B 201 -11.29 2.62 -17.57
CA GLY B 201 -12.15 1.56 -17.08
C GLY B 201 -12.37 0.48 -18.11
N LEU B 202 -12.52 0.87 -19.39
CA LEU B 202 -12.60 -0.09 -20.47
C LEU B 202 -11.34 -0.96 -20.53
N THR B 203 -10.17 -0.34 -20.36
CA THR B 203 -8.91 -1.08 -20.39
C THR B 203 -8.80 -2.04 -19.21
N GLN B 204 -9.12 -1.56 -18.01
CA GLN B 204 -9.08 -2.42 -16.83
C GLN B 204 -10.00 -3.63 -16.99
N THR B 205 -11.22 -3.40 -17.51
CA THR B 205 -12.18 -4.49 -17.65
C THR B 205 -11.74 -5.48 -18.74
N LEU B 206 -11.29 -4.98 -19.89
CA LEU B 206 -10.86 -5.87 -20.96
C LEU B 206 -9.70 -6.75 -20.52
N SER B 207 -8.78 -6.18 -19.73
CA SER B 207 -7.68 -6.97 -19.18
C SER B 207 -8.22 -8.18 -18.42
N LEU B 208 -9.22 -7.94 -17.55
CA LEU B 208 -9.81 -9.02 -16.78
C LEU B 208 -10.53 -10.02 -17.68
N GLU B 209 -11.19 -9.52 -18.74
CA GLU B 209 -12.00 -10.41 -19.58
C GLU B 209 -11.15 -11.27 -20.51
N LEU B 210 -10.00 -10.78 -20.98
CA LEU B 210 -9.17 -11.48 -21.94
C LEU B 210 -8.01 -12.23 -21.30
N ALA B 211 -7.87 -12.17 -19.97
CA ALA B 211 -6.72 -12.77 -19.31
C ALA B 211 -6.64 -14.27 -19.57
N SER B 212 -7.79 -14.97 -19.50
CA SER B 212 -7.73 -16.43 -19.51
C SER B 212 -7.26 -16.97 -20.85
N ILE B 213 -7.47 -16.25 -21.96
CA ILE B 213 -6.96 -16.73 -23.25
C ILE B 213 -5.58 -16.18 -23.56
N GLY B 214 -5.03 -15.32 -22.71
CA GLY B 214 -3.65 -14.90 -22.86
C GLY B 214 -3.44 -13.55 -23.49
N ALA B 215 -4.50 -12.81 -23.81
CA ALA B 215 -4.35 -11.50 -24.42
C ALA B 215 -4.17 -10.45 -23.33
N THR B 216 -3.44 -9.39 -23.67
CA THR B 216 -3.22 -8.26 -22.77
C THR B 216 -3.87 -7.00 -23.33
N VAL B 217 -4.31 -6.14 -22.41
CA VAL B 217 -4.94 -4.87 -22.74
C VAL B 217 -4.37 -3.80 -21.83
N ASN B 218 -3.65 -2.84 -22.42
CA ASN B 218 -3.05 -1.74 -21.66
C ASN B 218 -3.44 -0.41 -22.28
N ALA B 219 -3.16 0.66 -21.54
CA ALA B 219 -3.48 2.02 -21.96
C ALA B 219 -2.20 2.85 -21.94
N ILE B 220 -1.93 3.52 -23.05
CA ILE B 220 -0.80 4.43 -23.16
C ILE B 220 -1.34 5.85 -22.93
N SER B 221 -0.55 6.67 -22.25
CA SER B 221 -0.82 8.09 -22.11
C SER B 221 0.34 8.83 -22.76
N PRO B 222 0.23 9.15 -24.06
CA PRO B 222 1.40 9.61 -24.81
C PRO B 222 1.60 11.11 -24.89
N GLY B 223 0.62 11.93 -24.51
CA GLY B 223 0.80 13.37 -24.56
C GLY B 223 0.52 13.98 -25.92
N PRO B 238 1.77 21.02 -39.73
CA PRO B 238 2.69 20.45 -38.73
C PRO B 238 3.78 19.60 -39.37
N ILE B 239 4.60 18.96 -38.54
CA ILE B 239 5.69 18.12 -39.00
C ILE B 239 5.39 16.68 -38.58
N GLU B 240 5.22 15.81 -39.57
CA GLU B 240 4.91 14.41 -39.29
C GLU B 240 6.12 13.72 -38.67
N PRO B 241 5.90 12.68 -37.86
CA PRO B 241 7.04 12.07 -37.15
C PRO B 241 8.11 11.49 -38.07
N ASP B 242 7.72 10.94 -39.23
CA ASP B 242 8.71 10.36 -40.14
C ASP B 242 9.60 11.42 -40.77
N GLU B 243 9.21 12.69 -40.71
CA GLU B 243 10.04 13.81 -41.16
C GLU B 243 10.94 14.34 -40.05
N ARG B 244 10.89 13.74 -38.87
CA ARG B 244 11.66 14.17 -37.71
C ARG B 244 12.52 13.05 -37.17
N SER B 245 12.65 11.95 -37.92
CA SER B 245 13.23 10.73 -37.37
C SER B 245 14.69 10.92 -36.97
N GLU B 246 15.51 11.41 -37.88
CA GLU B 246 16.91 11.65 -37.57
C GLU B 246 17.12 12.98 -36.84
N ASP B 247 16.06 13.67 -36.46
CA ASP B 247 16.19 14.97 -35.84
C ASP B 247 16.62 14.83 -34.37
N GLU B 248 17.14 15.94 -33.84
CA GLU B 248 17.61 15.99 -32.47
C GLU B 248 16.45 15.82 -31.50
N PHE B 249 16.74 15.16 -30.37
CA PHE B 249 15.73 14.87 -29.35
C PHE B 249 14.96 16.12 -28.95
N ASP B 250 13.64 16.06 -29.15
CA ASP B 250 12.73 17.11 -28.74
C ASP B 250 11.79 16.56 -27.67
N PRO B 251 11.74 17.14 -26.46
CA PRO B 251 10.82 16.62 -25.43
C PRO B 251 9.36 16.71 -25.80
N LYS B 252 9.02 17.50 -26.83
CA LYS B 252 7.64 17.65 -27.26
C LYS B 252 7.29 16.72 -28.42
N ASP B 253 8.23 15.91 -28.88
CA ASP B 253 7.95 14.96 -29.94
C ASP B 253 6.80 14.05 -29.53
N PRO B 254 5.70 14.02 -30.29
CA PRO B 254 4.57 13.18 -29.91
C PRO B 254 4.81 11.68 -30.12
N SER B 255 5.87 11.29 -30.84
CA SER B 255 6.12 9.89 -31.14
C SER B 255 7.11 9.24 -30.18
N LEU B 256 7.49 9.93 -29.11
CA LEU B 256 8.47 9.38 -28.17
C LEU B 256 7.93 8.16 -27.44
N GLY B 257 6.61 8.03 -27.32
CA GLY B 257 6.05 6.85 -26.69
C GLY B 257 5.85 5.66 -27.59
N SER B 258 6.06 5.81 -28.90
CA SER B 258 5.83 4.70 -29.82
C SER B 258 6.70 3.47 -29.52
N PRO B 259 7.99 3.59 -29.18
CA PRO B 259 8.73 2.39 -28.75
C PRO B 259 8.07 1.70 -27.56
N VAL B 260 7.45 2.45 -26.66
CA VAL B 260 6.74 1.84 -25.54
C VAL B 260 5.52 1.08 -26.03
N VAL B 261 4.78 1.65 -26.99
CA VAL B 261 3.67 0.93 -27.60
C VAL B 261 4.17 -0.32 -28.30
N ALA B 262 5.27 -0.21 -29.03
CA ALA B 262 5.83 -1.36 -29.73
C ALA B 262 6.23 -2.46 -28.76
N TRP B 263 6.86 -2.09 -27.65
CA TRP B 263 7.25 -3.11 -26.67
C TRP B 263 6.04 -3.73 -25.98
N LEU B 264 5.04 -2.93 -25.62
CA LEU B 264 3.85 -3.51 -25.00
C LEU B 264 3.17 -4.52 -25.91
N ALA B 265 3.28 -4.32 -27.22
CA ALA B 265 2.66 -5.21 -28.18
C ALA B 265 3.51 -6.43 -28.50
N SER B 266 4.71 -6.57 -27.89
CA SER B 266 5.67 -7.61 -28.25
C SER B 266 5.49 -8.85 -27.38
N PRO B 267 6.06 -9.99 -27.79
CA PRO B 267 6.01 -11.19 -26.92
C PRO B 267 6.67 -11.00 -25.57
N GLU B 268 7.51 -9.98 -25.40
CA GLU B 268 8.18 -9.77 -24.12
C GLU B 268 7.26 -9.24 -23.04
N ALA B 269 6.09 -8.70 -23.40
CA ALA B 269 5.21 -8.01 -22.46
C ALA B 269 3.92 -8.78 -22.18
N GLY B 270 3.95 -10.11 -22.32
CA GLY B 270 2.75 -10.91 -22.11
C GLY B 270 2.25 -10.97 -20.67
N HIS B 271 3.06 -10.53 -19.71
CA HIS B 271 2.70 -10.55 -18.29
C HIS B 271 2.17 -9.20 -17.79
N ILE B 272 2.00 -8.24 -18.68
CA ILE B 272 1.56 -6.90 -18.30
C ILE B 272 0.21 -6.65 -18.92
N SER B 273 -0.79 -6.35 -18.08
CA SER B 273 -2.14 -6.10 -18.57
C SER B 273 -2.88 -5.20 -17.60
N GLY B 274 -3.81 -4.41 -18.14
CA GLY B 274 -4.60 -3.51 -17.32
C GLY B 274 -3.83 -2.35 -16.73
N GLN B 275 -2.66 -2.03 -17.29
CA GLN B 275 -1.80 -0.99 -16.75
C GLN B 275 -1.95 0.29 -17.56
N VAL B 276 -1.74 1.42 -16.89
CA VAL B 276 -1.74 2.73 -17.52
C VAL B 276 -0.30 3.22 -17.47
N ILE B 277 0.29 3.45 -18.64
CA ILE B 277 1.70 3.78 -18.73
C ILE B 277 1.84 5.12 -19.44
N ARG B 278 2.52 6.05 -18.78
CA ARG B 278 2.74 7.39 -19.27
C ARG B 278 4.13 7.47 -19.89
N ALA B 279 4.20 7.86 -21.16
CA ALA B 279 5.47 7.98 -21.88
C ALA B 279 5.46 9.35 -22.56
N ILE B 280 5.95 10.37 -21.86
CA ILE B 280 5.91 11.74 -22.35
C ILE B 280 7.29 12.35 -22.19
N GLY B 281 7.87 12.77 -23.31
CA GLY B 281 9.15 13.46 -23.28
C GLY B 281 10.26 12.58 -22.78
N GLU B 282 10.87 12.98 -21.67
CA GLU B 282 12.04 12.29 -21.14
C GLU B 282 11.68 11.07 -20.30
N HIS B 283 10.45 10.97 -19.80
CA HIS B 283 10.14 10.04 -18.73
C HIS B 283 9.17 8.96 -19.16
N LEU B 284 9.41 7.76 -18.65
CA LEU B 284 8.51 6.63 -18.72
C LEU B 284 8.06 6.33 -17.30
N GLN B 285 6.75 6.30 -17.08
CA GLN B 285 6.20 6.17 -15.74
C GLN B 285 5.09 5.14 -15.71
N LEU B 286 5.05 4.36 -14.64
CA LEU B 286 3.91 3.51 -14.34
C LEU B 286 3.00 4.28 -13.39
N LEU B 287 1.72 4.34 -13.73
CA LEU B 287 0.72 5.00 -12.89
C LEU B 287 -0.11 3.95 -12.16
N LYS B 288 -0.56 4.29 -10.97
CA LYS B 288 -1.57 3.50 -10.25
C LYS B 288 -2.72 4.42 -9.88
N GLY B 289 -3.88 3.82 -9.65
CA GLY B 289 -5.15 4.52 -9.70
C GLY B 289 -5.75 4.82 -8.34
N TRP B 290 -7.07 4.72 -8.27
CA TRP B 290 -7.83 5.22 -7.13
C TRP B 290 -7.59 4.38 -5.87
N HIS B 291 -7.48 5.07 -4.74
CA HIS B 291 -7.09 4.46 -3.47
C HIS B 291 -7.61 5.34 -2.35
N PRO B 292 -7.96 4.76 -1.20
CA PRO B 292 -8.38 5.58 -0.06
C PRO B 292 -7.19 6.26 0.61
N VAL B 293 -7.35 7.56 0.91
CA VAL B 293 -6.35 8.31 1.67
C VAL B 293 -6.85 8.69 3.05
N ALA B 294 -8.13 8.52 3.34
CA ALA B 294 -8.66 8.80 4.66
C ALA B 294 -9.94 8.00 4.78
N SER B 295 -10.17 7.45 5.97
CA SER B 295 -11.30 6.55 6.17
C SER B 295 -11.78 6.70 7.60
N VAL B 296 -13.09 6.70 7.78
CA VAL B 296 -13.69 6.83 9.11
C VAL B 296 -14.93 5.95 9.16
N SER B 297 -15.17 5.36 10.32
CA SER B 297 -16.30 4.46 10.54
C SER B 297 -17.40 5.16 11.31
N ASN B 298 -18.64 4.78 11.01
CA ASN B 298 -19.80 5.31 11.72
C ASN B 298 -20.20 4.45 12.91
N GLY B 299 -19.41 3.42 13.24
CA GLY B 299 -19.74 2.57 14.37
C GLY B 299 -20.99 1.76 14.19
N GLN B 300 -21.36 1.45 12.95
CA GLN B 300 -22.60 0.74 12.63
C GLN B 300 -23.83 1.50 13.15
N LYS B 301 -23.78 2.81 13.03
CA LYS B 301 -24.95 3.67 13.18
C LYS B 301 -25.00 4.56 11.95
N ARG B 302 -26.19 5.01 11.59
CA ARG B 302 -26.34 5.83 10.40
C ARG B 302 -25.53 7.11 10.52
N TRP B 303 -25.00 7.58 9.38
CA TRP B 303 -24.36 8.89 9.36
C TRP B 303 -25.40 9.96 9.65
N ASP B 304 -24.95 11.02 10.33
CA ASP B 304 -25.78 12.18 10.63
C ASP B 304 -25.23 13.36 9.83
N ALA B 305 -26.02 13.86 8.88
CA ALA B 305 -25.55 14.96 8.04
C ALA B 305 -25.26 16.21 8.85
N ASN B 306 -25.94 16.40 9.99
CA ASN B 306 -25.66 17.53 10.86
C ASN B 306 -24.39 17.34 11.68
N LYS B 307 -23.79 16.15 11.64
CA LYS B 307 -22.53 15.88 12.31
C LYS B 307 -21.38 15.61 11.34
N LEU B 308 -21.66 15.48 10.04
CA LEU B 308 -20.64 15.11 9.06
C LEU B 308 -19.65 16.23 8.79
N GLY B 309 -20.06 17.49 8.97
CA GLY B 309 -19.14 18.60 8.76
C GLY B 309 -17.90 18.50 9.61
N ALA B 310 -18.09 18.26 10.91
CA ALA B 310 -16.93 18.13 11.81
C ALA B 310 -16.13 16.87 11.51
N ILE B 311 -16.81 15.78 11.12
CA ILE B 311 -16.10 14.54 10.79
C ILE B 311 -15.28 14.72 9.52
N MET B 312 -15.88 15.32 8.49
CA MET B 312 -15.14 15.64 7.28
C MET B 312 -13.92 16.49 7.60
N ALA B 313 -14.08 17.50 8.48
CA ALA B 313 -12.98 18.42 8.75
C ALA B 313 -11.87 17.73 9.53
N ALA B 314 -12.22 16.97 10.56
CA ALA B 314 -11.21 16.42 11.46
C ALA B 314 -10.69 15.06 11.02
N ASP B 315 -11.53 14.23 10.39
CA ASP B 315 -11.16 12.85 10.13
C ASP B 315 -10.88 12.53 8.66
N ILE B 316 -11.30 13.39 7.74
CA ILE B 316 -11.14 13.14 6.30
C ILE B 316 -10.13 14.10 5.68
N PHE B 317 -10.45 15.40 5.68
CA PHE B 317 -9.58 16.37 5.02
C PHE B 317 -8.54 16.98 5.95
N GLY B 318 -8.71 16.84 7.26
CA GLY B 318 -7.72 17.36 8.19
C GLY B 318 -7.70 18.87 8.25
N THR B 319 -8.82 19.54 8.00
CA THR B 319 -8.85 20.99 8.12
C THR B 319 -9.08 21.46 9.55
N ARG B 320 -9.57 20.60 10.43
CA ARG B 320 -9.67 20.89 11.85
C ARG B 320 -8.91 19.85 12.64
N ASN B 321 -8.38 20.25 13.80
CA ASN B 321 -7.62 19.31 14.61
C ASN B 321 -8.56 18.45 15.45
N THR B 322 -8.05 17.27 15.83
CA THR B 322 -8.86 16.35 16.62
C THR B 322 -8.71 16.59 18.11
N GLY B 323 -7.59 17.15 18.54
CA GLY B 323 -7.30 17.21 19.95
C GLY B 323 -6.88 15.85 20.48
N LEU B 324 -6.55 15.80 21.75
CA LEU B 324 -6.21 14.55 22.40
C LEU B 324 -7.38 13.59 22.36
N ARG B 325 -7.11 12.34 21.98
CA ARG B 325 -8.14 11.30 21.93
C ARG B 325 -7.69 10.02 22.62
N THR C 23 -1.97 -31.45 -18.87
CA THR C 23 -0.78 -30.65 -19.14
C THR C 23 -0.33 -29.91 -17.89
N GLY C 24 0.79 -30.35 -17.33
CA GLY C 24 1.36 -29.70 -16.17
C GLY C 24 2.23 -28.51 -16.53
N LEU C 25 2.39 -27.61 -15.55
CA LEU C 25 3.23 -26.44 -15.72
C LEU C 25 4.63 -26.80 -16.20
N LEU C 26 5.18 -27.91 -15.71
CA LEU C 26 6.58 -28.26 -15.94
C LEU C 26 6.74 -29.46 -16.87
N ASP C 27 5.74 -29.74 -17.71
CA ASP C 27 5.87 -30.84 -18.66
C ASP C 27 7.13 -30.68 -19.49
N GLY C 28 7.89 -31.75 -19.63
CA GLY C 28 9.10 -31.74 -20.42
C GLY C 28 10.32 -31.21 -19.72
N LYS C 29 10.18 -30.70 -18.49
CA LYS C 29 11.33 -30.12 -17.81
C LYS C 29 12.00 -31.16 -16.92
N VAL C 30 13.30 -30.94 -16.70
CA VAL C 30 14.10 -31.75 -15.81
C VAL C 30 14.60 -30.84 -14.70
N ALA C 31 14.38 -31.25 -13.46
CA ALA C 31 14.68 -30.42 -12.30
C ALA C 31 15.55 -31.20 -11.33
N LEU C 32 16.57 -30.54 -10.80
CA LEU C 32 17.41 -31.07 -9.74
C LEU C 32 17.06 -30.39 -8.43
N VAL C 33 16.79 -31.19 -7.40
CA VAL C 33 16.56 -30.70 -6.05
C VAL C 33 17.59 -31.32 -5.13
N THR C 34 18.46 -30.51 -4.54
CA THR C 34 19.48 -31.00 -3.63
C THR C 34 18.92 -31.08 -2.22
N GLY C 35 19.34 -32.11 -1.48
CA GLY C 35 18.79 -32.33 -0.15
C GLY C 35 17.29 -32.58 -0.17
N ALA C 36 16.81 -33.38 -1.11
CA ALA C 36 15.39 -33.61 -1.28
C ALA C 36 14.90 -34.83 -0.52
N GLY C 37 15.68 -35.37 0.41
CA GLY C 37 15.25 -36.57 1.10
C GLY C 37 14.26 -36.35 2.23
N HIS C 38 14.24 -35.16 2.81
CA HIS C 38 13.39 -34.86 3.95
C HIS C 38 12.90 -33.41 3.86
N GLY C 39 11.80 -33.15 4.57
CA GLY C 39 11.43 -31.77 4.88
C GLY C 39 11.18 -30.91 3.66
N ILE C 40 11.75 -29.70 3.69
CA ILE C 40 11.46 -28.70 2.67
C ILE C 40 11.84 -29.22 1.29
N GLY C 41 13.04 -29.79 1.16
CA GLY C 41 13.47 -30.29 -0.13
C GLY C 41 12.58 -31.40 -0.65
N ARG C 42 12.12 -32.27 0.26
CA ARG C 42 11.18 -33.32 -0.13
C ARG C 42 9.88 -32.72 -0.65
N GLY C 43 9.39 -31.67 -0.01
CA GLY C 43 8.21 -30.98 -0.51
C GLY C 43 8.40 -30.41 -1.90
N HIS C 44 9.57 -29.79 -2.14
CA HIS C 44 9.88 -29.26 -3.48
C HIS C 44 9.90 -30.38 -4.52
N ALA C 45 10.61 -31.47 -4.24
CA ALA C 45 10.71 -32.56 -5.21
C ALA C 45 9.32 -33.11 -5.54
N LEU C 46 8.48 -33.31 -4.53
CA LEU C 46 7.11 -33.76 -4.78
C LEU C 46 6.36 -32.74 -5.63
N GLU C 47 6.49 -31.45 -5.31
CA GLU C 47 5.72 -30.43 -5.99
C GLU C 47 6.11 -30.32 -7.46
N LEU C 48 7.42 -30.27 -7.74
CA LEU C 48 7.88 -30.17 -9.12
C LEU C 48 7.44 -31.38 -9.93
N ALA C 49 7.56 -32.58 -9.35
CA ALA C 49 7.15 -33.78 -10.09
C ALA C 49 5.65 -33.81 -10.31
N LYS C 50 4.88 -33.30 -9.35
CA LYS C 50 3.42 -33.24 -9.51
C LYS C 50 3.03 -32.43 -10.73
N HIS C 51 3.80 -31.39 -11.07
CA HIS C 51 3.49 -30.53 -12.20
C HIS C 51 4.20 -30.95 -13.48
N GLY C 52 4.74 -32.16 -13.53
CA GLY C 52 5.20 -32.77 -14.77
C GLY C 52 6.69 -32.83 -14.94
N ALA C 53 7.48 -32.23 -14.06
CA ALA C 53 8.91 -32.28 -14.23
C ALA C 53 9.43 -33.68 -13.88
N THR C 54 10.47 -34.09 -14.60
CA THR C 54 11.28 -35.21 -14.15
C THR C 54 12.26 -34.68 -13.10
N VAL C 55 12.16 -35.19 -11.88
CA VAL C 55 12.88 -34.67 -10.74
C VAL C 55 14.07 -35.57 -10.42
N ILE C 56 15.24 -34.97 -10.33
CA ILE C 56 16.43 -35.67 -9.82
C ILE C 56 16.47 -35.45 -8.31
N VAL C 57 16.13 -36.50 -7.56
CA VAL C 57 16.03 -36.42 -6.09
C VAL C 57 17.44 -36.67 -5.54
N ASN C 58 18.10 -35.60 -5.13
CA ASN C 58 19.46 -35.69 -4.59
C ASN C 58 19.42 -35.69 -3.07
N ASP C 59 20.09 -36.67 -2.47
CA ASP C 59 20.25 -36.73 -1.02
C ASP C 59 21.25 -37.81 -0.67
N LEU C 60 21.93 -37.65 0.45
CA LEU C 60 22.93 -38.61 0.89
C LEU C 60 22.42 -39.52 2.02
N GLY C 61 21.22 -39.28 2.53
CA GLY C 61 20.81 -39.93 3.76
C GLY C 61 20.25 -41.33 3.57
N THR C 62 20.24 -42.07 4.67
CA THR C 62 19.71 -43.41 4.72
C THR C 62 18.34 -43.43 5.36
N SER C 63 17.60 -44.51 5.11
CA SER C 63 16.31 -44.70 5.73
C SER C 63 16.46 -45.64 6.93
N LEU C 64 15.35 -46.13 7.47
CA LEU C 64 15.37 -47.04 8.60
C LEU C 64 15.30 -48.49 8.14
N GLY C 70 18.92 -48.90 2.56
CA GLY C 70 17.76 -48.16 2.12
C GLY C 70 18.00 -46.66 2.09
N LYS C 71 18.18 -46.11 0.89
CA LYS C 71 18.55 -44.71 0.72
C LYS C 71 17.30 -43.85 0.62
N VAL C 72 17.30 -42.74 1.36
CA VAL C 72 16.08 -41.95 1.48
C VAL C 72 15.70 -41.31 0.15
N ALA C 73 16.67 -41.01 -0.71
CA ALA C 73 16.34 -40.45 -2.03
C ALA C 73 15.54 -41.44 -2.87
N ASP C 74 15.84 -42.74 -2.75
CA ASP C 74 15.06 -43.74 -3.48
C ASP C 74 13.62 -43.78 -2.98
N GLU C 75 13.44 -43.65 -1.67
CA GLU C 75 12.10 -43.65 -1.10
CA GLU C 75 12.09 -43.67 -1.12
C GLU C 75 11.28 -42.48 -1.62
N VAL C 76 11.89 -41.30 -1.72
CA VAL C 76 11.17 -40.14 -2.24
C VAL C 76 10.81 -40.36 -3.71
N VAL C 77 11.73 -40.95 -4.48
CA VAL C 77 11.42 -41.29 -5.87
C VAL C 77 10.21 -42.20 -5.94
N THR C 78 10.14 -43.20 -5.07
CA THR C 78 9.02 -44.12 -5.07
C THR C 78 7.71 -43.39 -4.77
N VAL C 79 7.73 -42.46 -3.81
CA VAL C 79 6.53 -41.69 -3.51
C VAL C 79 6.09 -40.92 -4.74
N ILE C 80 7.04 -40.27 -5.41
CA ILE C 80 6.73 -39.52 -6.62
C ILE C 80 6.12 -40.44 -7.66
N GLU C 81 6.72 -41.61 -7.87
CA GLU C 81 6.21 -42.52 -8.89
C GLU C 81 4.83 -43.04 -8.52
N SER C 82 4.60 -43.33 -7.24
CA SER C 82 3.30 -43.81 -6.81
C SER C 82 2.19 -42.78 -7.02
N ARG C 83 2.54 -41.49 -7.09
CA ARG C 83 1.58 -40.45 -7.37
C ARG C 83 1.50 -40.11 -8.85
N GLY C 84 2.15 -40.90 -9.70
CA GLY C 84 2.08 -40.71 -11.13
C GLY C 84 3.17 -39.87 -11.74
N GLY C 85 4.23 -39.54 -10.97
CA GLY C 85 5.30 -38.68 -11.43
C GLY C 85 6.53 -39.46 -11.88
N LYS C 86 7.54 -38.70 -12.31
CA LYS C 86 8.80 -39.22 -12.82
C LYS C 86 9.94 -38.68 -11.98
N ALA C 87 10.85 -39.56 -11.55
CA ALA C 87 11.96 -39.14 -10.69
C ALA C 87 13.08 -40.16 -10.76
N VAL C 88 14.29 -39.69 -10.51
CA VAL C 88 15.47 -40.54 -10.40
C VAL C 88 16.27 -40.07 -9.18
N SER C 89 16.99 -41.01 -8.56
CA SER C 89 17.76 -40.64 -7.39
C SER C 89 19.17 -40.24 -7.78
N ASP C 90 19.79 -39.45 -6.90
CA ASP C 90 21.17 -38.99 -7.07
C ASP C 90 21.79 -38.84 -5.69
N PHE C 91 23.05 -39.27 -5.57
CA PHE C 91 23.75 -39.28 -4.29
C PHE C 91 25.03 -38.45 -4.33
N SER C 92 25.02 -37.36 -5.10
CA SER C 92 26.20 -36.51 -5.23
C SER C 92 26.39 -35.64 -4.00
N ASP C 93 27.64 -35.50 -3.57
CA ASP C 93 28.05 -34.52 -2.57
C ASP C 93 28.11 -33.15 -3.24
N VAL C 94 27.16 -32.28 -2.92
CA VAL C 94 27.08 -30.99 -3.63
C VAL C 94 28.25 -30.08 -3.29
N GLY C 95 29.01 -30.38 -2.23
CA GLY C 95 30.23 -29.64 -1.98
C GLY C 95 31.43 -30.04 -2.81
N ASP C 96 31.33 -31.15 -3.56
CA ASP C 96 32.45 -31.70 -4.31
C ASP C 96 32.32 -31.31 -5.78
N GLU C 97 33.36 -30.66 -6.31
CA GLU C 97 33.30 -30.11 -7.67
C GLU C 97 33.09 -31.21 -8.71
N GLU C 98 33.87 -32.29 -8.66
CA GLU C 98 33.79 -33.31 -9.69
C GLU C 98 32.43 -33.99 -9.71
N GLN C 99 31.87 -34.26 -8.53
CA GLN C 99 30.58 -34.93 -8.47
C GLN C 99 29.46 -34.05 -9.00
N VAL C 100 29.50 -32.75 -8.70
CA VAL C 100 28.47 -31.84 -9.19
C VAL C 100 28.52 -31.73 -10.71
N ASP C 101 29.73 -31.52 -11.25
CA ASP C 101 29.88 -31.45 -12.70
C ASP C 101 29.43 -32.77 -13.33
N LEU C 102 29.71 -33.89 -12.67
CA LEU C 102 29.32 -35.19 -13.21
C LEU C 102 27.80 -35.38 -13.16
N ALA C 103 27.15 -34.91 -12.09
CA ALA C 103 25.71 -35.04 -12.00
C ALA C 103 25.01 -34.24 -13.10
N VAL C 104 25.53 -33.05 -13.42
CA VAL C 104 24.92 -32.25 -14.48
C VAL C 104 25.14 -32.90 -15.84
N GLU C 105 26.34 -33.48 -16.06
CA GLU C 105 26.57 -34.21 -17.30
C GLU C 105 25.60 -35.38 -17.42
N ARG C 106 25.39 -36.11 -16.33
CA ARG C 106 24.46 -37.23 -16.35
C ARG C 106 23.06 -36.77 -16.68
N ALA C 107 22.61 -35.68 -16.08
CA ALA C 107 21.28 -35.14 -16.40
C ALA C 107 21.15 -34.87 -17.89
N TYR C 108 22.16 -34.24 -18.49
CA TYR C 108 22.09 -33.97 -19.93
C TYR C 108 22.13 -35.25 -20.73
N SER C 109 22.99 -36.19 -20.35
CA SER C 109 23.15 -37.38 -21.17
C SER C 109 21.97 -38.35 -21.02
N GLN C 110 21.45 -38.51 -19.80
CA GLN C 110 20.38 -39.47 -19.57
C GLN C 110 18.99 -38.87 -19.73
N LEU C 111 18.81 -37.58 -19.44
CA LEU C 111 17.50 -36.98 -19.45
C LEU C 111 17.34 -35.86 -20.47
N GLY C 112 18.38 -35.56 -21.25
CA GLY C 112 18.28 -34.60 -22.34
C GLY C 112 18.76 -33.22 -21.95
N ARG C 113 18.48 -32.79 -20.73
CA ARG C 113 18.77 -31.43 -20.33
C ARG C 113 18.58 -31.34 -18.82
N LEU C 114 19.13 -30.27 -18.24
CA LEU C 114 18.83 -29.88 -16.85
C LEU C 114 18.30 -28.45 -16.91
N ASP C 115 16.98 -28.30 -16.74
CA ASP C 115 16.33 -27.00 -16.87
C ASP C 115 16.27 -26.23 -15.55
N ILE C 116 16.18 -26.93 -14.43
CA ILE C 116 15.84 -26.32 -13.14
C ILE C 116 16.79 -26.86 -12.08
N VAL C 117 17.35 -25.98 -11.26
CA VAL C 117 18.14 -26.38 -10.10
C VAL C 117 17.54 -25.71 -8.88
N VAL C 118 17.11 -26.51 -7.91
CA VAL C 118 16.65 -25.99 -6.63
C VAL C 118 17.74 -26.36 -5.62
N ASN C 119 18.54 -25.37 -5.22
CA ASN C 119 19.62 -25.60 -4.25
C ASN C 119 19.01 -25.52 -2.86
N ASN C 120 18.80 -26.68 -2.24
CA ASN C 120 18.20 -26.76 -0.92
C ASN C 120 19.08 -27.47 0.10
N ALA C 121 20.05 -28.27 -0.33
CA ALA C 121 20.90 -28.99 0.61
C ALA C 121 21.55 -28.03 1.61
N GLY C 122 21.62 -28.47 2.86
CA GLY C 122 22.21 -27.67 3.90
C GLY C 122 22.32 -28.45 5.19
N ILE C 123 23.14 -27.93 6.10
CA ILE C 123 23.30 -28.46 7.44
C ILE C 123 23.39 -27.29 8.42
N VAL C 124 23.25 -27.60 9.70
CA VAL C 124 23.40 -26.63 10.76
C VAL C 124 24.41 -27.16 11.78
N ARG C 125 25.20 -26.25 12.34
CA ARG C 125 26.09 -26.54 13.46
C ARG C 125 25.96 -25.34 14.39
N ASP C 126 24.82 -25.28 15.09
CA ASP C 126 24.48 -24.11 15.90
C ASP C 126 25.22 -24.10 17.23
N LYS C 127 25.89 -22.98 17.52
CA LYS C 127 26.47 -22.67 18.82
C LYS C 127 26.99 -21.24 18.73
N ALA C 128 27.05 -20.57 19.88
CA ALA C 128 27.73 -19.28 19.93
C ALA C 128 29.16 -19.40 19.42
N ILE C 129 29.66 -18.31 18.84
CA ILE C 129 30.92 -18.38 18.11
C ILE C 129 32.05 -18.85 19.01
N TRP C 130 32.00 -18.53 20.30
CA TRP C 130 33.09 -18.92 21.20
C TRP C 130 33.15 -20.42 21.44
N ASN C 131 32.06 -21.15 21.14
CA ASN C 131 32.06 -22.61 21.25
C ASN C 131 32.12 -23.30 19.88
N MET C 132 32.26 -22.54 18.80
CA MET C 132 32.18 -23.08 17.45
C MET C 132 33.58 -23.39 16.93
N THR C 133 33.73 -24.56 16.31
CA THR C 133 34.98 -24.96 15.67
C THR C 133 35.02 -24.43 14.23
N VAL C 134 36.24 -24.35 13.68
CA VAL C 134 36.34 -23.97 12.27
C VAL C 134 35.68 -25.01 11.38
N ASP C 135 35.77 -26.29 11.76
CA ASP C 135 35.02 -27.30 11.01
C ASP C 135 33.54 -26.96 11.01
N ASP C 136 32.99 -26.60 12.18
CA ASP C 136 31.59 -26.19 12.24
C ASP C 136 31.30 -25.06 11.26
N PHE C 137 32.24 -24.11 11.14
CA PHE C 137 32.05 -23.00 10.21
C PHE C 137 32.25 -23.46 8.77
N ASP C 138 33.36 -24.13 8.48
CA ASP C 138 33.69 -24.51 7.11
C ASP C 138 32.62 -25.42 6.51
N LEU C 139 32.14 -26.40 7.28
CA LEU C 139 31.21 -27.38 6.76
C LEU C 139 29.90 -26.73 6.35
N VAL C 140 29.41 -25.78 7.16
CA VAL C 140 28.17 -25.09 6.84
C VAL C 140 28.35 -24.23 5.59
N MET C 141 29.47 -23.49 5.51
CA MET C 141 29.71 -22.65 4.34
C MET C 141 29.86 -23.49 3.08
N ARG C 142 30.44 -24.68 3.20
CA ARG C 142 30.70 -25.52 2.03
C ARG C 142 29.40 -26.05 1.43
N VAL C 143 28.55 -26.67 2.25
CA VAL C 143 27.34 -27.28 1.72
C VAL C 143 26.40 -26.20 1.17
N HIS C 144 26.21 -25.12 1.92
CA HIS C 144 25.25 -24.08 1.53
C HIS C 144 25.76 -23.25 0.37
N VAL C 145 26.92 -22.63 0.53
CA VAL C 145 27.38 -21.64 -0.45
C VAL C 145 28.15 -22.27 -1.59
N ARG C 146 29.19 -23.06 -1.29
CA ARG C 146 29.97 -23.69 -2.36
C ARG C 146 29.09 -24.63 -3.17
N GLY C 147 28.21 -25.36 -2.51
CA GLY C 147 27.30 -26.25 -3.23
C GLY C 147 26.40 -25.51 -4.19
N SER C 148 25.79 -24.42 -3.73
CA SER C 148 24.92 -23.65 -4.61
C SER C 148 25.71 -22.96 -5.72
N TRP C 149 26.95 -22.57 -5.43
CA TRP C 149 27.80 -22.00 -6.45
C TRP C 149 28.20 -23.06 -7.48
N LEU C 150 28.50 -24.28 -7.01
CA LEU C 150 28.93 -25.33 -7.92
C LEU C 150 27.83 -25.74 -8.89
N THR C 151 26.62 -25.99 -8.38
CA THR C 151 25.53 -26.37 -9.30
C THR C 151 25.21 -25.23 -10.25
N SER C 152 25.25 -23.99 -9.75
CA SER C 152 24.96 -22.84 -10.60
C SER C 152 25.98 -22.71 -11.73
N ARG C 153 27.27 -22.84 -11.42
CA ARG C 153 28.27 -22.77 -12.47
C ARG C 153 28.08 -23.87 -13.50
N ALA C 154 27.77 -25.09 -13.03
CA ALA C 154 27.68 -26.23 -13.93
C ALA C 154 26.59 -26.02 -14.96
N VAL C 155 25.40 -25.60 -14.52
CA VAL C 155 24.31 -25.40 -15.48
C VAL C 155 24.52 -24.11 -16.28
N ALA C 156 25.10 -23.06 -15.67
CA ALA C 156 25.35 -21.84 -16.43
C ALA C 156 26.23 -22.13 -17.64
N ARG C 157 27.25 -22.97 -17.45
CA ARG C 157 28.13 -23.35 -18.55
C ARG C 157 27.35 -24.09 -19.65
N LYS C 158 26.49 -25.03 -19.27
CA LYS C 158 25.70 -25.75 -20.26
C LYS C 158 24.76 -24.80 -20.98
N TRP C 159 24.02 -23.99 -20.21
CA TRP C 159 23.03 -23.09 -20.78
C TRP C 159 23.70 -22.07 -21.69
N ARG C 160 24.86 -21.54 -21.27
CA ARG C 160 25.53 -20.54 -22.08
C ARG C 160 26.06 -21.16 -23.38
N ALA C 161 26.57 -22.38 -23.32
CA ALA C 161 27.03 -23.05 -24.53
C ALA C 161 25.89 -23.24 -25.51
N GLU C 162 24.72 -23.67 -25.02
CA GLU C 162 23.58 -23.86 -25.89
C GLU C 162 23.14 -22.54 -26.50
N SER C 163 23.22 -21.47 -25.72
CA SER C 163 22.79 -20.16 -26.20
C SER C 163 23.72 -19.63 -27.29
N LYS C 164 25.03 -19.80 -27.12
CA LYS C 164 25.97 -19.34 -28.13
C LYS C 164 25.83 -20.15 -29.42
N GLU C 165 25.59 -21.45 -29.31
CA GLU C 165 25.45 -22.29 -30.49
C GLU C 165 24.19 -21.93 -31.26
N SER C 166 23.07 -21.72 -30.57
CA SER C 166 21.81 -21.40 -31.23
C SER C 166 21.68 -19.93 -31.57
N GLY C 167 22.46 -19.06 -30.94
CA GLY C 167 22.29 -17.64 -31.12
C GLY C 167 21.03 -17.06 -30.51
N ALA C 168 20.32 -17.82 -29.68
CA ALA C 168 19.09 -17.35 -29.06
C ALA C 168 19.11 -17.66 -27.57
N LYS C 169 18.15 -17.10 -26.85
CA LYS C 169 18.00 -17.40 -25.44
C LYS C 169 17.56 -18.85 -25.24
N VAL C 170 17.89 -19.39 -24.06
CA VAL C 170 17.58 -20.76 -23.68
C VAL C 170 16.83 -20.74 -22.36
N TYR C 171 16.36 -21.92 -21.96
CA TYR C 171 15.63 -22.07 -20.70
C TYR C 171 16.58 -22.38 -19.55
N GLY C 172 16.36 -21.70 -18.42
CA GLY C 172 17.14 -21.94 -17.24
C GLY C 172 16.49 -21.37 -16.00
N ARG C 173 16.47 -22.16 -14.92
CA ARG C 173 15.92 -21.73 -13.64
C ARG C 173 16.84 -22.21 -12.53
N ILE C 174 17.27 -21.28 -11.68
CA ILE C 174 17.95 -21.60 -10.44
C ILE C 174 17.16 -20.98 -9.31
N ILE C 175 16.78 -21.79 -8.33
CA ILE C 175 16.16 -21.31 -7.11
C ILE C 175 17.07 -21.66 -5.95
N ASN C 176 17.66 -20.65 -5.32
CA ASN C 176 18.48 -20.87 -4.14
C ASN C 176 17.62 -20.70 -2.89
N THR C 177 18.19 -21.05 -1.73
CA THR C 177 17.46 -21.03 -0.47
C THR C 177 18.20 -20.16 0.53
N THR C 178 17.56 -19.07 0.94
CA THR C 178 18.05 -18.26 2.05
C THR C 178 17.13 -18.49 3.24
N SER C 179 17.30 -17.68 4.29
CA SER C 179 16.44 -17.82 5.45
C SER C 179 16.47 -16.53 6.24
N GLY C 180 15.58 -16.44 7.23
CA GLY C 180 15.53 -15.25 8.06
C GLY C 180 16.85 -14.95 8.74
N ALA C 181 17.52 -15.99 9.26
CA ALA C 181 18.83 -15.79 9.86
C ALA C 181 19.84 -15.27 8.83
N GLY C 182 19.67 -15.66 7.57
CA GLY C 182 20.55 -15.13 6.54
C GLY C 182 20.28 -13.67 6.25
N LEU C 183 19.04 -13.22 6.47
CA LEU C 183 18.70 -11.83 6.22
C LEU C 183 18.88 -10.94 7.43
N HIS C 184 18.85 -11.49 8.65
CA HIS C 184 18.83 -10.67 9.85
C HIS C 184 19.80 -11.10 10.93
N GLY C 185 20.47 -12.24 10.79
CA GLY C 185 21.30 -12.76 11.85
C GLY C 185 20.49 -13.47 12.91
N HIS C 186 21.16 -14.34 13.66
CA HIS C 186 20.48 -15.07 14.72
C HIS C 186 21.52 -15.64 15.67
N PHE C 187 21.29 -15.46 16.97
CA PHE C 187 22.22 -15.95 17.98
C PHE C 187 22.53 -17.42 17.75
N GLY C 188 23.81 -17.77 17.84
CA GLY C 188 24.23 -19.15 17.70
C GLY C 188 24.40 -19.62 16.29
N GLN C 189 24.37 -18.72 15.31
CA GLN C 189 24.36 -19.12 13.91
C GLN C 189 25.28 -18.24 13.07
N THR C 190 26.47 -17.94 13.58
CA THR C 190 27.41 -17.16 12.77
C THR C 190 27.69 -17.86 11.45
N ASN C 191 27.75 -19.19 11.45
CA ASN C 191 28.00 -19.92 10.22
C ASN C 191 26.77 -19.98 9.33
N TYR C 192 25.62 -20.39 9.89
CA TYR C 192 24.41 -20.54 9.09
C TYR C 192 23.93 -19.19 8.57
N SER C 193 24.02 -18.14 9.40
CA SER C 193 23.63 -16.82 8.95
C SER C 193 24.57 -16.30 7.85
N ALA C 194 25.88 -16.48 8.03
CA ALA C 194 26.82 -16.06 6.98
C ALA C 194 26.55 -16.82 5.70
N ALA C 195 26.27 -18.11 5.80
CA ALA C 195 26.01 -18.92 4.61
C ALA C 195 24.75 -18.44 3.89
N LYS C 196 23.65 -18.29 4.63
CA LYS C 196 22.40 -17.93 3.97
C LYS C 196 22.41 -16.49 3.49
N ALA C 197 23.21 -15.62 4.11
CA ALA C 197 23.37 -14.27 3.56
C ALA C 197 24.16 -14.31 2.26
N ALA C 198 25.25 -15.08 2.24
CA ALA C 198 26.05 -15.22 1.02
C ALA C 198 25.17 -15.64 -0.16
N ILE C 199 24.18 -16.50 0.11
CA ILE C 199 23.33 -17.00 -0.96
C ILE C 199 22.51 -15.88 -1.61
N VAL C 200 22.19 -14.83 -0.84
CA VAL C 200 21.49 -13.71 -1.42
C VAL C 200 22.38 -12.99 -2.43
N GLY C 201 23.62 -12.69 -2.04
CA GLY C 201 24.53 -12.05 -2.98
C GLY C 201 24.82 -12.91 -4.18
N LEU C 202 24.97 -14.22 -3.97
CA LEU C 202 25.13 -15.14 -5.09
C LEU C 202 23.93 -15.09 -6.01
N THR C 203 22.73 -15.04 -5.44
CA THR C 203 21.52 -15.00 -6.25
C THR C 203 21.42 -13.69 -7.03
N GLN C 204 21.66 -12.56 -6.36
CA GLN C 204 21.62 -11.28 -7.06
C GLN C 204 22.61 -11.23 -8.21
N THR C 205 23.83 -11.74 -7.99
CA THR C 205 24.85 -11.69 -9.03
C THR C 205 24.54 -12.65 -10.18
N LEU C 206 24.10 -13.88 -9.87
CA LEU C 206 23.80 -14.83 -10.93
C LEU C 206 22.69 -14.31 -11.84
N SER C 207 21.69 -13.63 -11.25
CA SER C 207 20.64 -13.02 -12.07
C SER C 207 21.22 -12.07 -13.10
N LEU C 208 22.15 -11.21 -12.69
CA LEU C 208 22.76 -10.27 -13.63
C LEU C 208 23.58 -11.00 -14.68
N GLU C 209 24.29 -12.06 -14.30
CA GLU C 209 25.17 -12.74 -15.23
C GLU C 209 24.42 -13.60 -16.23
N LEU C 210 23.29 -14.18 -15.83
CA LEU C 210 22.55 -15.09 -16.70
C LEU C 210 21.41 -14.41 -17.43
N ALA C 211 21.22 -13.11 -17.24
CA ALA C 211 20.07 -12.44 -17.83
C ALA C 211 20.05 -12.57 -19.35
N SER C 212 21.20 -12.34 -20.00
CA SER C 212 21.17 -12.21 -21.46
C SER C 212 20.85 -13.53 -22.15
N ILE C 213 21.13 -14.68 -21.54
CA ILE C 213 20.80 -15.94 -22.20
C ILE C 213 19.42 -16.46 -21.82
N GLY C 214 18.71 -15.79 -20.92
CA GLY C 214 17.32 -16.10 -20.66
C GLY C 214 17.05 -16.87 -19.39
N ALA C 215 18.07 -17.20 -18.60
CA ALA C 215 17.87 -17.92 -17.36
C ALA C 215 17.58 -16.94 -16.24
N THR C 216 16.79 -17.41 -15.26
CA THR C 216 16.48 -16.63 -14.08
C THR C 216 17.05 -17.31 -12.85
N VAL C 217 17.41 -16.50 -11.86
CA VAL C 217 17.97 -16.98 -10.60
C VAL C 217 17.29 -16.23 -9.48
N ASN C 218 16.55 -16.96 -8.64
CA ASN C 218 15.83 -16.37 -7.51
C ASN C 218 16.16 -17.12 -6.23
N ALA C 219 15.75 -16.54 -5.11
CA ALA C 219 15.96 -17.13 -3.81
C ALA C 219 14.62 -17.23 -3.08
N ILE C 220 14.32 -18.41 -2.56
CA ILE C 220 13.15 -18.63 -1.73
C ILE C 220 13.59 -18.58 -0.27
N SER C 221 12.73 -18.04 0.59
CA SER C 221 12.94 -18.06 2.03
C SER C 221 11.79 -18.89 2.61
N PRO C 222 11.96 -20.21 2.76
CA PRO C 222 10.83 -21.08 3.07
C PRO C 222 10.63 -21.35 4.56
N GLY C 223 11.57 -20.98 5.41
CA GLY C 223 11.42 -21.20 6.84
C GLY C 223 11.84 -22.59 7.30
N PRO C 238 7.93 -33.85 13.29
CA PRO C 238 8.96 -34.32 12.35
C PRO C 238 8.38 -35.10 11.18
N ILE C 239 7.13 -34.81 10.83
CA ILE C 239 6.39 -35.60 9.85
C ILE C 239 6.71 -35.10 8.45
N GLU C 240 7.02 -36.02 7.54
CA GLU C 240 7.37 -35.66 6.18
C GLU C 240 6.16 -35.07 5.45
N PRO C 241 6.39 -34.22 4.44
CA PRO C 241 5.25 -33.56 3.77
C PRO C 241 4.28 -34.54 3.09
N ASP C 242 4.78 -35.58 2.42
CA ASP C 242 3.89 -36.54 1.77
C ASP C 242 3.05 -37.32 2.78
N GLU C 243 3.43 -37.33 4.05
CA GLU C 243 2.64 -37.97 5.09
C GLU C 243 1.54 -37.07 5.65
N ARG C 244 1.54 -35.79 5.29
CA ARG C 244 0.47 -34.88 5.70
C ARG C 244 -0.68 -34.94 4.70
N SER C 245 -1.91 -34.86 5.22
CA SER C 245 -3.08 -34.81 4.36
C SER C 245 -3.04 -33.53 3.53
N GLU C 246 -3.19 -33.68 2.20
CA GLU C 246 -3.15 -32.54 1.30
C GLU C 246 -4.29 -31.57 1.54
N ASP C 247 -5.28 -31.92 2.36
CA ASP C 247 -6.42 -31.06 2.63
C ASP C 247 -6.25 -30.20 3.87
N GLU C 248 -5.58 -30.71 4.91
CA GLU C 248 -5.38 -29.94 6.13
C GLU C 248 -4.28 -28.90 5.95
N PHE C 249 -4.43 -27.79 6.67
CA PHE C 249 -3.47 -26.69 6.64
C PHE C 249 -2.80 -26.57 8.00
N ASP C 250 -1.48 -26.74 8.00
CA ASP C 250 -0.64 -26.55 9.18
C ASP C 250 0.32 -25.40 8.89
N PRO C 251 0.32 -24.32 9.69
CA PRO C 251 1.24 -23.21 9.41
C PRO C 251 2.71 -23.60 9.50
N LYS C 252 3.03 -24.74 10.11
CA LYS C 252 4.41 -25.19 10.23
C LYS C 252 4.80 -26.19 9.16
N ASP C 253 3.88 -26.52 8.26
CA ASP C 253 4.15 -27.45 7.16
C ASP C 253 5.35 -26.96 6.35
N PRO C 254 6.41 -27.76 6.22
CA PRO C 254 7.61 -27.31 5.50
C PRO C 254 7.43 -27.18 4.00
N SER C 255 6.34 -27.72 3.45
CA SER C 255 6.11 -27.70 2.01
C SER C 255 5.17 -26.59 1.56
N LEU C 256 4.80 -25.67 2.46
CA LEU C 256 3.83 -24.66 2.07
C LEU C 256 4.38 -23.72 0.99
N GLY C 257 5.70 -23.53 0.95
CA GLY C 257 6.32 -22.76 -0.10
C GLY C 257 6.67 -23.52 -1.36
N SER C 258 6.50 -24.85 -1.36
CA SER C 258 6.88 -25.63 -2.54
C SER C 258 6.14 -25.22 -3.81
N PRO C 259 4.82 -24.95 -3.81
CA PRO C 259 4.20 -24.44 -5.04
C PRO C 259 4.83 -23.15 -5.55
N VAL C 260 5.30 -22.28 -4.65
CA VAL C 260 5.97 -21.07 -5.08
C VAL C 260 7.26 -21.41 -5.81
N VAL C 261 8.02 -22.36 -5.28
CA VAL C 261 9.23 -22.82 -5.95
C VAL C 261 8.87 -23.41 -7.32
N ALA C 262 7.82 -24.22 -7.37
CA ALA C 262 7.41 -24.82 -8.64
C ALA C 262 7.01 -23.74 -9.65
N TRP C 263 6.28 -22.72 -9.21
CA TRP C 263 5.87 -21.68 -10.15
C TRP C 263 7.06 -20.87 -10.64
N LEU C 264 8.00 -20.54 -9.74
CA LEU C 264 9.20 -19.82 -10.15
C LEU C 264 10.01 -20.61 -11.19
N ALA C 265 9.91 -21.93 -11.14
CA ALA C 265 10.63 -22.78 -12.10
C ALA C 265 9.89 -22.93 -13.42
N SER C 266 8.68 -22.33 -13.56
CA SER C 266 7.82 -22.57 -14.70
C SER C 266 8.05 -21.56 -15.81
N PRO C 267 7.60 -21.87 -17.03
CA PRO C 267 7.70 -20.89 -18.13
C PRO C 267 6.96 -19.60 -17.85
N GLU C 268 6.07 -19.57 -16.86
CA GLU C 268 5.34 -18.35 -16.53
C GLU C 268 6.19 -17.32 -15.82
N ALA C 269 7.33 -17.71 -15.23
CA ALA C 269 8.11 -16.83 -14.38
C ALA C 269 9.43 -16.39 -15.01
N GLY C 270 9.50 -16.39 -16.35
CA GLY C 270 10.73 -16.03 -17.03
C GLY C 270 11.12 -14.57 -16.90
N HIS C 271 10.23 -13.72 -16.41
CA HIS C 271 10.52 -12.31 -16.26
C HIS C 271 10.94 -11.92 -14.85
N ILE C 272 11.10 -12.88 -13.94
CA ILE C 272 11.43 -12.64 -12.53
C ILE C 272 12.81 -13.22 -12.25
N SER C 273 13.75 -12.37 -11.83
CA SER C 273 15.11 -12.83 -11.55
C SER C 273 15.76 -11.94 -10.50
N GLY C 274 16.64 -12.54 -9.71
CA GLY C 274 17.33 -11.80 -8.66
C GLY C 274 16.44 -11.38 -7.50
N GLN C 275 15.29 -12.03 -7.33
CA GLN C 275 14.33 -11.67 -6.29
C GLN C 275 14.45 -12.61 -5.09
N VAL C 276 14.11 -12.06 -3.92
CA VAL C 276 14.03 -12.82 -2.68
C VAL C 276 12.56 -12.89 -2.29
N ILE C 277 12.02 -14.09 -2.20
CA ILE C 277 10.60 -14.29 -1.99
C ILE C 277 10.39 -15.15 -0.75
N ARG C 278 9.63 -14.62 0.20
CA ARG C 278 9.34 -15.29 1.45
C ARG C 278 7.97 -15.95 1.32
N ALA C 279 7.93 -17.27 1.52
CA ALA C 279 6.69 -18.05 1.44
C ALA C 279 6.69 -18.95 2.66
N ILE C 280 6.09 -18.47 3.75
CA ILE C 280 6.08 -19.19 5.01
C ILE C 280 4.66 -19.18 5.56
N GLY C 281 4.11 -20.37 5.75
CA GLY C 281 2.80 -20.49 6.36
C GLY C 281 1.70 -19.89 5.50
N GLU C 282 1.04 -18.88 6.05
CA GLU C 282 -0.13 -18.30 5.39
C GLU C 282 0.24 -17.26 4.33
N HIS C 283 1.45 -16.72 4.35
CA HIS C 283 1.76 -15.51 3.61
C HIS C 283 2.83 -15.74 2.55
N LEU C 284 2.64 -15.08 1.42
CA LEU C 284 3.62 -14.96 0.35
C LEU C 284 4.04 -13.50 0.26
N GLN C 285 5.33 -13.23 0.35
CA GLN C 285 5.82 -11.87 0.41
C GLN C 285 7.00 -11.67 -0.54
N LEU C 286 7.03 -10.51 -1.19
CA LEU C 286 8.19 -10.06 -1.92
C LEU C 286 9.03 -9.17 -1.02
N LEU C 287 10.32 -9.46 -0.90
CA LEU C 287 11.22 -8.65 -0.10
C LEU C 287 12.10 -7.80 -1.01
N LYS C 288 12.45 -6.61 -0.53
CA LYS C 288 13.47 -5.78 -1.14
C LYS C 288 14.51 -5.46 -0.08
N GLY C 289 15.71 -5.12 -0.55
CA GLY C 289 16.93 -5.22 0.26
C GLY C 289 17.41 -3.90 0.82
N TRP C 290 18.74 -3.76 0.88
CA TRP C 290 19.38 -2.68 1.61
C TRP C 290 19.16 -1.33 0.93
N HIS C 291 18.91 -0.32 1.76
CA HIS C 291 18.53 1.01 1.30
C HIS C 291 18.93 1.99 2.38
N PRO C 292 19.27 3.23 2.02
CA PRO C 292 19.55 4.23 3.04
C PRO C 292 18.28 4.74 3.70
N VAL C 293 18.33 4.87 5.02
CA VAL C 293 17.23 5.47 5.78
C VAL C 293 17.60 6.83 6.36
N ALA C 294 18.88 7.20 6.31
CA ALA C 294 19.34 8.50 6.80
C ALA C 294 20.67 8.79 6.13
N SER C 295 20.87 10.05 5.76
CA SER C 295 22.04 10.43 4.98
C SER C 295 22.45 11.85 5.34
N VAL C 296 23.76 12.10 5.41
CA VAL C 296 24.31 13.42 5.72
C VAL C 296 25.56 13.64 4.89
N SER C 297 25.78 14.89 4.48
CA SER C 297 26.94 15.26 3.68
C SER C 297 27.97 15.99 4.54
N ASN C 298 29.24 15.76 4.24
CA ASN C 298 30.32 16.45 4.94
C ASN C 298 30.72 17.76 4.26
N GLY C 299 30.00 18.16 3.22
CA GLY C 299 30.31 19.37 2.51
C GLY C 299 31.61 19.32 1.74
N GLN C 300 32.02 18.12 1.33
CA GLN C 300 33.28 17.91 0.62
C GLN C 300 34.48 18.38 1.45
N LYS C 301 34.40 18.14 2.75
CA LYS C 301 35.54 18.26 3.67
C LYS C 301 35.59 16.96 4.45
N ARG C 302 36.79 16.60 4.92
CA ARG C 302 36.96 15.33 5.61
C ARG C 302 36.11 15.27 6.88
N TRP C 303 35.63 14.06 7.18
CA TRP C 303 34.95 13.84 8.45
C TRP C 303 35.91 14.03 9.61
N ASP C 304 35.38 14.53 10.72
CA ASP C 304 36.14 14.68 11.96
C ASP C 304 35.53 13.73 12.99
N ALA C 305 36.32 12.73 13.43
CA ALA C 305 35.81 11.75 14.38
C ALA C 305 35.39 12.39 15.69
N ASN C 306 36.02 13.52 16.04
CA ASN C 306 35.61 14.25 17.23
C ASN C 306 34.31 15.03 17.02
N LYS C 307 33.78 15.05 15.80
CA LYS C 307 32.49 15.67 15.54
C LYS C 307 31.42 14.66 15.16
N LEU C 308 31.80 13.41 14.88
CA LEU C 308 30.85 12.43 14.35
C LEU C 308 29.83 12.00 15.41
N GLY C 309 30.18 12.09 16.69
CA GLY C 309 29.22 11.72 17.73
C GLY C 309 27.93 12.52 17.64
N ALA C 310 28.05 13.84 17.53
CA ALA C 310 26.86 14.68 17.43
C ALA C 310 26.14 14.45 16.10
N ILE C 311 26.89 14.22 15.03
CA ILE C 311 26.27 14.01 13.73
C ILE C 311 25.51 12.69 13.70
N MET C 312 26.12 11.61 14.22
CA MET C 312 25.43 10.33 14.35
C MET C 312 24.13 10.48 15.16
N ALA C 313 24.17 11.27 16.24
CA ALA C 313 23.01 11.38 17.11
C ALA C 313 21.88 12.16 16.44
N ALA C 314 22.20 13.29 15.82
CA ALA C 314 21.15 14.18 15.32
C ALA C 314 20.73 13.89 13.88
N ASP C 315 21.67 13.46 13.04
CA ASP C 315 21.41 13.33 11.60
C ASP C 315 21.27 11.90 11.12
N ILE C 316 21.68 10.91 11.92
CA ILE C 316 21.64 9.52 11.49
C ILE C 316 20.64 8.73 12.31
N PHE C 317 20.92 8.56 13.60
CA PHE C 317 20.07 7.73 14.44
C PHE C 317 18.94 8.48 15.12
N GLY C 318 19.01 9.80 15.16
CA GLY C 318 17.93 10.59 15.76
C GLY C 318 17.81 10.46 17.26
N THR C 319 18.91 10.18 17.96
CA THR C 319 18.86 10.12 19.42
C THR C 319 18.99 11.50 20.04
N ARG C 320 19.47 12.48 19.30
CA ARG C 320 19.46 13.87 19.72
C ARG C 320 18.71 14.71 18.71
N ASN C 321 18.10 15.80 19.20
CA ASN C 321 17.34 16.67 18.32
C ASN C 321 18.27 17.63 17.58
N THR C 322 17.79 18.10 16.44
CA THR C 322 18.57 19.01 15.61
C THR C 322 18.38 20.46 16.02
N GLY C 323 17.22 20.81 16.57
CA GLY C 323 16.91 22.21 16.76
C GLY C 323 16.49 22.84 15.44
N LEU C 324 16.18 24.13 15.52
CA LEU C 324 15.84 24.89 14.32
C LEU C 324 17.02 24.95 13.36
N ARG C 325 16.77 24.61 12.10
CA ARG C 325 17.80 24.67 11.06
C ARG C 325 17.29 25.33 9.78
N MET D 22 43.18 17.52 23.57
CA MET D 22 44.20 17.13 24.52
C MET D 22 44.14 15.63 24.81
N THR D 23 43.00 15.03 24.48
CA THR D 23 42.70 13.63 24.76
C THR D 23 42.16 12.99 23.50
N GLY D 24 42.90 12.02 22.95
CA GLY D 24 42.44 11.37 21.75
C GLY D 24 41.32 10.38 22.04
N LEU D 25 40.49 10.16 21.01
CA LEU D 25 39.35 9.26 21.14
C LEU D 25 39.76 7.87 21.58
N LEU D 26 40.86 7.36 21.03
CA LEU D 26 41.24 5.96 21.21
C LEU D 26 42.49 5.79 22.07
N ASP D 27 42.82 6.78 22.90
CA ASP D 27 43.98 6.68 23.78
C ASP D 27 43.90 5.43 24.66
N GLY D 28 45.00 4.68 24.72
CA GLY D 28 45.05 3.49 25.52
C GLY D 28 44.47 2.25 24.88
N LYS D 29 43.88 2.36 23.70
CA LYS D 29 43.27 1.21 23.04
C LYS D 29 44.27 0.57 22.09
N VAL D 30 44.09 -0.72 21.86
CA VAL D 30 44.90 -1.48 20.92
C VAL D 30 44.00 -1.98 19.80
N ALA D 31 44.38 -1.70 18.56
CA ALA D 31 43.53 -2.00 17.41
C ALA D 31 44.29 -2.84 16.40
N LEU D 32 43.61 -3.85 15.88
CA LEU D 32 44.13 -4.68 14.80
C LEU D 32 43.42 -4.29 13.52
N VAL D 33 44.19 -3.97 12.48
CA VAL D 33 43.66 -3.66 11.15
C VAL D 33 44.27 -4.66 10.18
N THR D 34 43.41 -5.50 9.56
CA THR D 34 43.91 -6.48 8.61
C THR D 34 43.95 -5.87 7.21
N GLY D 35 44.96 -6.27 6.44
CA GLY D 35 45.17 -5.70 5.11
C GLY D 35 45.39 -4.20 5.16
N ALA D 36 46.18 -3.74 6.12
CA ALA D 36 46.40 -2.31 6.35
C ALA D 36 47.61 -1.77 5.60
N GLY D 37 48.14 -2.52 4.62
CA GLY D 37 49.32 -2.05 3.91
C GLY D 37 49.05 -1.06 2.81
N HIS D 38 47.83 -1.03 2.27
CA HIS D 38 47.50 -0.17 1.15
C HIS D 38 46.07 0.33 1.30
N GLY D 39 45.80 1.43 0.61
CA GLY D 39 44.42 1.82 0.35
C GLY D 39 43.61 2.02 1.60
N ILE D 40 42.40 1.45 1.58
CA ILE D 40 41.40 1.68 2.63
C ILE D 40 41.96 1.25 3.99
N GLY D 41 42.53 0.05 4.06
CA GLY D 41 43.06 -0.43 5.33
C GLY D 41 44.20 0.42 5.85
N ARG D 42 45.06 0.90 4.95
CA ARG D 42 46.11 1.82 5.37
C ARG D 42 45.52 3.10 5.95
N GLY D 43 44.45 3.61 5.33
CA GLY D 43 43.77 4.77 5.88
C GLY D 43 43.22 4.50 7.26
N HIS D 44 42.61 3.32 7.47
CA HIS D 44 42.11 2.97 8.79
C HIS D 44 43.23 2.97 9.83
N ALA D 45 44.35 2.33 9.51
CA ALA D 45 45.46 2.26 10.45
C ALA D 45 45.97 3.65 10.82
N LEU D 46 46.10 4.53 9.84
CA LEU D 46 46.52 5.90 10.13
C LEU D 46 45.51 6.60 11.01
N GLU D 47 44.22 6.46 10.70
CA GLU D 47 43.19 7.19 11.44
C GLU D 47 43.12 6.74 12.89
N LEU D 48 43.11 5.42 13.12
CA LEU D 48 43.07 4.91 14.48
C LEU D 48 44.30 5.34 15.26
N ALA D 49 45.48 5.30 14.63
CA ALA D 49 46.69 5.71 15.32
C ALA D 49 46.69 7.21 15.60
N LYS D 50 46.14 8.00 14.66
CA LYS D 50 46.03 9.44 14.87
C LYS D 50 45.20 9.77 16.10
N HIS D 51 44.21 8.94 16.44
CA HIS D 51 43.37 9.20 17.60
C HIS D 51 43.85 8.51 18.86
N GLY D 52 45.09 8.02 18.89
CA GLY D 52 45.72 7.56 20.11
C GLY D 52 45.83 6.07 20.26
N ALA D 53 45.24 5.29 19.36
CA ALA D 53 45.31 3.84 19.47
C ALA D 53 46.69 3.33 19.09
N THR D 54 47.12 2.26 19.76
CA THR D 54 48.24 1.47 19.28
C THR D 54 47.72 0.51 18.21
N VAL D 55 48.21 0.64 16.98
CA VAL D 55 47.66 -0.07 15.83
C VAL D 55 48.56 -1.23 15.48
N ILE D 56 47.97 -2.43 15.40
CA ILE D 56 48.65 -3.60 14.86
C ILE D 56 48.38 -3.61 13.36
N VAL D 57 49.41 -3.27 12.59
CA VAL D 57 49.32 -3.13 11.14
C VAL D 57 49.58 -4.52 10.55
N ASN D 58 48.51 -5.19 10.13
CA ASN D 58 48.61 -6.51 9.52
C ASN D 58 48.60 -6.38 8.00
N ASP D 59 49.61 -6.97 7.36
CA ASP D 59 49.65 -7.05 5.90
C ASP D 59 50.78 -7.99 5.51
N LEU D 60 50.58 -8.66 4.37
CA LEU D 60 51.52 -9.66 3.88
C LEU D 60 52.38 -9.16 2.72
N GLY D 61 52.14 -7.94 2.24
CA GLY D 61 52.70 -7.53 0.96
C GLY D 61 54.15 -7.13 1.04
N THR D 62 54.75 -7.05 -0.14
CA THR D 62 56.15 -6.67 -0.28
C THR D 62 56.20 -5.18 -0.60
N SER D 63 57.04 -4.46 0.13
CA SER D 63 57.28 -3.06 -0.17
C SER D 63 57.91 -2.93 -1.55
N LEU D 64 57.46 -1.91 -2.29
CA LEU D 64 57.99 -1.71 -3.64
C LEU D 64 59.47 -1.41 -3.61
N SER D 65 59.91 -0.57 -2.67
CA SER D 65 61.34 -0.22 -2.58
C SER D 65 62.17 -1.41 -2.10
N GLY D 66 61.66 -2.16 -1.13
CA GLY D 66 62.39 -3.26 -0.53
C GLY D 66 63.38 -2.84 0.54
N GLU D 67 63.73 -1.56 0.61
CA GLU D 67 64.68 -1.07 1.61
C GLU D 67 64.14 -1.28 3.01
N GLY D 68 64.91 -1.98 3.84
CA GLY D 68 64.49 -2.31 5.18
C GLY D 68 64.16 -3.78 5.35
N THR D 69 62.95 -4.08 5.77
CA THR D 69 62.47 -5.45 5.86
C THR D 69 61.76 -5.92 4.60
N GLY D 70 61.59 -5.02 3.62
CA GLY D 70 60.89 -5.37 2.40
C GLY D 70 59.42 -5.66 2.61
N LYS D 71 58.88 -5.31 3.78
CA LYS D 71 57.49 -5.60 4.13
C LYS D 71 56.71 -4.29 4.22
N VAL D 72 55.57 -4.25 3.54
CA VAL D 72 54.82 -3.00 3.45
C VAL D 72 54.23 -2.60 4.80
N ALA D 73 53.92 -3.56 5.67
CA ALA D 73 53.38 -3.23 6.98
C ALA D 73 54.38 -2.42 7.80
N ASP D 74 55.68 -2.75 7.67
CA ASP D 74 56.70 -1.97 8.36
C ASP D 74 56.76 -0.55 7.85
N GLU D 75 56.40 -0.32 6.58
CA GLU D 75 56.36 1.04 6.06
C GLU D 75 55.23 1.84 6.69
N VAL D 76 54.08 1.20 6.92
CA VAL D 76 52.96 1.89 7.53
C VAL D 76 53.26 2.24 8.98
N VAL D 77 53.89 1.31 9.71
CA VAL D 77 54.31 1.57 11.09
C VAL D 77 55.25 2.77 11.13
N THR D 78 56.19 2.84 10.18
CA THR D 78 57.11 3.97 10.16
C THR D 78 56.36 5.28 9.96
N VAL D 79 55.37 5.30 9.07
CA VAL D 79 54.56 6.50 8.87
C VAL D 79 53.83 6.87 10.16
N ILE D 80 53.24 5.87 10.83
CA ILE D 80 52.52 6.13 12.06
C ILE D 80 53.46 6.70 13.12
N GLU D 81 54.63 6.09 13.29
CA GLU D 81 55.56 6.55 14.31
C GLU D 81 56.10 7.95 14.00
N SER D 82 56.40 8.21 12.73
CA SER D 82 56.91 9.54 12.37
C SER D 82 55.89 10.64 12.63
N ARG D 83 54.60 10.30 12.68
CA ARG D 83 53.54 11.24 12.99
C ARG D 83 53.20 11.27 14.48
N GLY D 84 53.97 10.55 15.30
CA GLY D 84 53.75 10.55 16.73
C GLY D 84 52.86 9.45 17.25
N GLY D 85 52.51 8.46 16.42
CA GLY D 85 51.62 7.39 16.84
C GLY D 85 52.40 6.14 17.21
N LYS D 86 51.66 5.13 17.66
CA LYS D 86 52.23 3.88 18.10
C LYS D 86 51.69 2.74 17.25
N ALA D 87 52.58 1.89 16.75
CA ALA D 87 52.16 0.80 15.89
C ALA D 87 53.23 -0.28 15.86
N VAL D 88 52.79 -1.51 15.56
CA VAL D 88 53.67 -2.65 15.34
C VAL D 88 53.14 -3.40 14.12
N SER D 89 54.04 -4.08 13.43
CA SER D 89 53.67 -4.82 12.23
C SER D 89 53.25 -6.24 12.58
N ASP D 90 52.48 -6.85 11.69
CA ASP D 90 52.04 -8.23 11.84
C ASP D 90 51.86 -8.86 10.46
N PHE D 91 52.33 -10.09 10.31
CA PHE D 91 52.32 -10.78 9.03
C PHE D 91 51.50 -12.07 9.06
N SER D 92 50.43 -12.06 9.85
CA SER D 92 49.58 -13.24 9.98
C SER D 92 48.65 -13.39 8.78
N ASP D 93 48.52 -14.63 8.32
CA ASP D 93 47.50 -15.01 7.35
C ASP D 93 46.16 -15.12 8.08
N VAL D 94 45.25 -14.16 7.84
CA VAL D 94 44.01 -14.14 8.60
C VAL D 94 43.11 -15.32 8.24
N GLY D 95 43.40 -15.99 7.12
CA GLY D 95 42.67 -17.21 6.78
C GLY D 95 43.12 -18.44 7.52
N ASP D 96 44.23 -18.37 8.25
CA ASP D 96 44.82 -19.51 8.93
C ASP D 96 44.47 -19.47 10.42
N GLU D 97 43.84 -20.54 10.91
CA GLU D 97 43.32 -20.56 12.28
C GLU D 97 44.42 -20.35 13.32
N GLU D 98 45.53 -21.09 13.20
CA GLU D 98 46.57 -20.99 14.22
C GLU D 98 47.23 -19.61 14.20
N GLN D 99 47.46 -19.05 13.01
CA GLN D 99 48.10 -17.74 12.92
C GLN D 99 47.21 -16.64 13.52
N VAL D 100 45.91 -16.74 13.33
CA VAL D 100 45.02 -15.76 13.95
C VAL D 100 45.09 -15.87 15.47
N ASP D 101 45.06 -17.11 15.99
CA ASP D 101 45.20 -17.29 17.43
C ASP D 101 46.50 -16.68 17.94
N LEU D 102 47.58 -16.84 17.17
CA LEU D 102 48.87 -16.30 17.59
C LEU D 102 48.86 -14.78 17.56
N ALA D 103 48.22 -14.19 16.55
CA ALA D 103 48.17 -12.74 16.47
C ALA D 103 47.43 -12.16 17.67
N VAL D 104 46.32 -12.79 18.08
CA VAL D 104 45.56 -12.31 19.22
C VAL D 104 46.31 -12.56 20.52
N GLU D 105 46.95 -13.73 20.63
CA GLU D 105 47.77 -13.98 21.81
C GLU D 105 48.90 -12.98 21.92
N ARG D 106 49.53 -12.64 20.78
CA ARG D 106 50.64 -11.70 20.80
C ARG D 106 50.17 -10.30 21.18
N ALA D 107 48.92 -9.95 20.87
CA ALA D 107 48.40 -8.64 21.26
C ALA D 107 48.21 -8.55 22.77
N TYR D 108 47.64 -9.60 23.38
CA TYR D 108 47.39 -9.56 24.83
C TYR D 108 48.69 -9.59 25.61
N SER D 109 49.65 -10.42 25.19
CA SER D 109 50.88 -10.55 25.95
C SER D 109 51.81 -9.35 25.75
N GLN D 110 51.87 -8.79 24.54
CA GLN D 110 52.77 -7.68 24.27
C GLN D 110 52.14 -6.32 24.50
N LEU D 111 50.84 -6.18 24.27
CA LEU D 111 50.18 -4.88 24.36
C LEU D 111 49.09 -4.82 25.42
N GLY D 112 48.86 -5.92 26.15
CA GLY D 112 47.95 -5.88 27.28
C GLY D 112 46.55 -6.35 26.96
N ARG D 113 46.08 -6.03 25.77
CA ARG D 113 44.69 -6.29 25.39
C ARG D 113 44.56 -6.03 23.89
N LEU D 114 43.48 -6.56 23.31
CA LEU D 114 43.08 -6.23 21.94
C LEU D 114 41.66 -5.68 22.01
N ASP D 115 41.54 -4.37 21.83
CA ASP D 115 40.27 -3.67 22.00
C ASP D 115 39.44 -3.57 20.73
N ILE D 116 40.09 -3.45 19.57
CA ILE D 116 39.44 -3.12 18.31
C ILE D 116 39.97 -4.06 17.23
N VAL D 117 39.05 -4.62 16.44
CA VAL D 117 39.40 -5.39 15.25
C VAL D 117 38.67 -4.80 14.05
N VAL D 118 39.44 -4.37 13.06
CA VAL D 118 38.90 -3.90 11.79
C VAL D 118 39.26 -4.95 10.74
N ASN D 119 38.28 -5.77 10.35
CA ASN D 119 38.50 -6.81 9.34
C ASN D 119 38.37 -6.18 7.97
N ASN D 120 39.50 -5.91 7.33
CA ASN D 120 39.56 -5.27 6.02
C ASN D 120 40.29 -6.10 4.99
N ALA D 121 41.10 -7.07 5.40
CA ALA D 121 41.83 -7.90 4.46
C ALA D 121 40.89 -8.51 3.42
N GLY D 122 41.36 -8.54 2.19
CA GLY D 122 40.56 -9.09 1.12
C GLY D 122 41.32 -9.15 -0.18
N ILE D 123 40.79 -9.93 -1.11
CA ILE D 123 41.26 -10.02 -2.48
C ILE D 123 40.04 -10.08 -3.40
N VAL D 124 40.28 -9.88 -4.68
CA VAL D 124 39.25 -10.02 -5.70
C VAL D 124 39.74 -10.99 -6.77
N ARG D 125 38.83 -11.77 -7.31
CA ARG D 125 39.09 -12.65 -8.44
C ARG D 125 37.87 -12.54 -9.36
N ASP D 126 37.78 -11.41 -10.06
CA ASP D 126 36.60 -11.09 -10.85
C ASP D 126 36.58 -11.90 -12.14
N LYS D 127 35.45 -12.53 -12.42
CA LYS D 127 35.15 -13.15 -13.70
C LYS D 127 33.71 -13.65 -13.64
N ALA D 128 33.06 -13.69 -14.80
CA ALA D 128 31.76 -14.34 -14.87
C ALA D 128 31.90 -15.80 -14.40
N ILE D 129 30.83 -16.32 -13.79
CA ILE D 129 30.94 -17.60 -13.09
C ILE D 129 31.36 -18.72 -14.03
N TRP D 130 30.98 -18.66 -15.30
CA TRP D 130 31.33 -19.76 -16.20
C TRP D 130 32.82 -19.81 -16.51
N ASN D 131 33.57 -18.73 -16.22
CA ASN D 131 35.02 -18.71 -16.36
C ASN D 131 35.73 -18.78 -15.02
N MET D 132 35.01 -18.96 -13.93
CA MET D 132 35.58 -18.89 -12.58
C MET D 132 35.91 -20.29 -12.09
N THR D 133 37.13 -20.47 -11.57
CA THR D 133 37.55 -21.74 -10.98
C THR D 133 37.17 -21.81 -9.50
N VAL D 134 37.17 -23.03 -8.95
CA VAL D 134 36.88 -23.19 -7.53
C VAL D 134 37.94 -22.49 -6.68
N ASP D 135 39.19 -22.42 -7.15
CA ASP D 135 40.20 -21.68 -6.42
C ASP D 135 39.83 -20.20 -6.33
N ASP D 136 39.35 -19.61 -7.43
CA ASP D 136 38.88 -18.24 -7.40
C ASP D 136 37.78 -18.06 -6.37
N PHE D 137 36.86 -19.02 -6.29
CA PHE D 137 35.76 -18.92 -5.33
C PHE D 137 36.24 -19.16 -3.91
N ASP D 138 36.94 -20.28 -3.68
CA ASP D 138 37.35 -20.65 -2.34
C ASP D 138 38.21 -19.58 -1.70
N LEU D 139 39.16 -19.04 -2.47
CA LEU D 139 40.12 -18.09 -1.92
C LEU D 139 39.45 -16.79 -1.46
N VAL D 140 38.52 -16.28 -2.26
CA VAL D 140 37.82 -15.06 -1.89
C VAL D 140 36.95 -15.29 -0.66
N MET D 141 36.25 -16.44 -0.60
CA MET D 141 35.47 -16.77 0.59
C MET D 141 36.36 -16.94 1.81
N ARG D 142 37.57 -17.46 1.62
CA ARG D 142 38.44 -17.74 2.76
C ARG D 142 38.95 -16.45 3.39
N VAL D 143 39.51 -15.55 2.59
CA VAL D 143 40.11 -14.34 3.14
C VAL D 143 39.04 -13.43 3.74
N HIS D 144 37.93 -13.23 3.03
CA HIS D 144 36.91 -12.29 3.50
C HIS D 144 36.13 -12.87 4.68
N VAL D 145 35.52 -14.04 4.50
CA VAL D 145 34.55 -14.55 5.47
C VAL D 145 35.24 -15.34 6.57
N ARG D 146 36.04 -16.35 6.22
CA ARG D 146 36.74 -17.13 7.23
C ARG D 146 37.69 -16.25 8.04
N GLY D 147 38.38 -15.32 7.37
CA GLY D 147 39.28 -14.43 8.07
C GLY D 147 38.56 -13.57 9.09
N SER D 148 37.42 -12.99 8.70
CA SER D 148 36.65 -12.16 9.61
C SER D 148 36.02 -13.01 10.71
N TRP D 149 35.64 -14.24 10.39
CA TRP D 149 35.10 -15.12 11.41
C TRP D 149 36.18 -15.53 12.40
N LEU D 150 37.39 -15.82 11.91
CA LEU D 150 38.47 -16.26 12.79
C LEU D 150 38.88 -15.17 13.77
N THR D 151 39.10 -13.94 13.27
CA THR D 151 39.50 -12.88 14.20
C THR D 151 38.36 -12.56 15.17
N SER D 152 37.11 -12.60 14.72
CA SER D 152 35.99 -12.32 15.60
C SER D 152 35.90 -13.35 16.72
N ARG D 153 36.00 -14.64 16.38
CA ARG D 153 35.95 -15.68 17.40
C ARG D 153 37.10 -15.51 18.40
N ALA D 154 38.29 -15.15 17.90
CA ALA D 154 39.45 -15.05 18.77
C ALA D 154 39.27 -13.97 19.84
N VAL D 155 38.81 -12.78 19.43
CA VAL D 155 38.59 -11.74 20.43
C VAL D 155 37.34 -12.02 21.27
N ALA D 156 36.30 -12.63 20.67
CA ALA D 156 35.10 -12.95 21.43
C ALA D 156 35.41 -13.87 22.61
N ARG D 157 36.24 -14.89 22.40
CA ARG D 157 36.61 -15.76 23.51
C ARG D 157 37.33 -14.99 24.61
N LYS D 158 38.27 -14.14 24.22
CA LYS D 158 39.01 -13.35 25.21
C LYS D 158 38.08 -12.40 25.95
N TRP D 159 37.23 -11.67 25.21
CA TRP D 159 36.35 -10.69 25.82
C TRP D 159 35.34 -11.35 26.75
N ARG D 160 34.77 -12.48 26.33
CA ARG D 160 33.79 -13.18 27.17
C ARG D 160 34.44 -13.73 28.43
N ALA D 161 35.67 -14.24 28.32
CA ALA D 161 36.38 -14.70 29.50
C ALA D 161 36.60 -13.55 30.47
N GLU D 162 36.96 -12.36 29.97
CA GLU D 162 37.15 -11.23 30.86
C GLU D 162 35.83 -10.82 31.51
N SER D 163 34.73 -10.85 30.76
CA SER D 163 33.44 -10.45 31.31
C SER D 163 32.95 -11.43 32.36
N LYS D 164 33.12 -12.73 32.13
CA LYS D 164 32.69 -13.72 33.09
C LYS D 164 33.48 -13.61 34.39
N GLU D 165 34.78 -13.31 34.30
CA GLU D 165 35.61 -13.18 35.49
C GLU D 165 35.25 -11.94 36.30
N SER D 166 35.04 -10.80 35.62
CA SER D 166 34.74 -9.55 36.31
C SER D 166 33.27 -9.42 36.68
N GLY D 167 32.40 -10.19 36.05
CA GLY D 167 30.97 -10.01 36.28
C GLY D 167 30.39 -8.73 35.74
N ALA D 168 31.14 -8.02 34.90
CA ALA D 168 30.68 -6.77 34.29
C ALA D 168 30.99 -6.79 32.80
N LYS D 169 30.42 -5.82 32.09
CA LYS D 169 30.69 -5.69 30.66
C LYS D 169 32.14 -5.27 30.45
N VAL D 170 32.66 -5.58 29.27
CA VAL D 170 34.02 -5.23 28.90
C VAL D 170 33.98 -4.43 27.59
N TYR D 171 35.14 -3.92 27.20
CA TYR D 171 35.26 -3.16 25.97
C TYR D 171 35.56 -4.07 24.79
N GLY D 172 34.87 -3.83 23.68
CA GLY D 172 35.11 -4.59 22.47
C GLY D 172 34.53 -3.90 21.25
N ARG D 173 35.31 -3.84 20.18
CA ARG D 173 34.86 -3.27 18.92
C ARG D 173 35.34 -4.16 17.79
N ILE D 174 34.40 -4.60 16.96
CA ILE D 174 34.70 -5.25 15.69
C ILE D 174 34.01 -4.45 14.60
N ILE D 175 34.77 -4.02 13.60
CA ILE D 175 34.23 -3.39 12.41
C ILE D 175 34.57 -4.28 11.23
N ASN D 176 33.54 -4.87 10.61
CA ASN D 176 33.73 -5.65 9.40
C ASN D 176 33.54 -4.77 8.17
N THR D 177 33.88 -5.32 7.01
CA THR D 177 33.87 -4.57 5.75
C THR D 177 33.01 -5.32 4.74
N THR D 178 31.90 -4.70 4.36
CA THR D 178 31.07 -5.19 3.25
C THR D 178 31.26 -4.23 2.08
N SER D 179 30.43 -4.37 1.05
CA SER D 179 30.52 -3.49 -0.11
C SER D 179 29.20 -3.53 -0.87
N GLY D 180 29.10 -2.62 -1.85
CA GLY D 180 27.89 -2.55 -2.66
C GLY D 180 27.55 -3.86 -3.35
N ALA D 181 28.56 -4.53 -3.92
CA ALA D 181 28.33 -5.84 -4.53
C ALA D 181 27.83 -6.85 -3.50
N GLY D 182 28.26 -6.72 -2.24
CA GLY D 182 27.76 -7.63 -1.22
C GLY D 182 26.30 -7.41 -0.89
N LEU D 183 25.82 -6.19 -1.04
CA LEU D 183 24.44 -5.88 -0.74
C LEU D 183 23.53 -6.04 -1.94
N HIS D 184 24.06 -5.94 -3.16
CA HIS D 184 23.23 -5.89 -4.35
C HIS D 184 23.67 -6.79 -5.49
N GLY D 185 24.82 -7.45 -5.39
CA GLY D 185 25.32 -8.25 -6.49
C GLY D 185 25.97 -7.39 -7.56
N HIS D 186 26.86 -8.02 -8.33
CA HIS D 186 27.54 -7.31 -9.40
C HIS D 186 28.11 -8.31 -10.40
N PHE D 187 27.90 -8.04 -11.69
CA PHE D 187 28.39 -8.94 -12.73
C PHE D 187 29.89 -9.24 -12.55
N GLY D 188 30.22 -10.51 -12.63
CA GLY D 188 31.60 -10.96 -12.51
C GLY D 188 32.08 -11.16 -11.10
N GLN D 189 31.18 -11.17 -10.11
CA GLN D 189 31.62 -11.21 -8.73
C GLN D 189 30.77 -12.17 -7.91
N THR D 190 30.45 -13.35 -8.45
CA THR D 190 29.71 -14.32 -7.66
C THR D 190 30.45 -14.66 -6.37
N ASN D 191 31.78 -14.70 -6.42
CA ASN D 191 32.55 -15.00 -5.22
C ASN D 191 32.62 -13.79 -4.30
N TYR D 192 32.99 -12.63 -4.84
CA TYR D 192 33.16 -11.44 -4.00
C TYR D 192 31.83 -10.97 -3.44
N SER D 193 30.76 -11.02 -4.23
CA SER D 193 29.44 -10.64 -3.72
C SER D 193 28.98 -11.59 -2.62
N ALA D 194 29.15 -12.89 -2.83
CA ALA D 194 28.77 -13.85 -1.80
C ALA D 194 29.53 -13.59 -0.51
N ALA D 195 30.84 -13.31 -0.62
CA ALA D 195 31.66 -13.07 0.57
C ALA D 195 31.21 -11.81 1.30
N LYS D 196 31.03 -10.71 0.56
CA LYS D 196 30.65 -9.47 1.22
C LYS D 196 29.21 -9.51 1.71
N ALA D 197 28.35 -10.34 1.11
CA ALA D 197 27.04 -10.56 1.69
C ALA D 197 27.16 -11.37 2.98
N ALA D 198 27.98 -12.43 2.97
CA ALA D 198 28.16 -13.26 4.16
C ALA D 198 28.58 -12.42 5.36
N ILE D 199 29.40 -11.39 5.11
CA ILE D 199 29.90 -10.54 6.19
C ILE D 199 28.78 -9.76 6.85
N VAL D 200 27.72 -9.43 6.11
CA VAL D 200 26.57 -8.73 6.72
C VAL D 200 25.88 -9.65 7.72
N GLY D 201 25.57 -10.88 7.32
CA GLY D 201 24.96 -11.82 8.25
C GLY D 201 25.88 -12.14 9.42
N LEU D 202 27.18 -12.29 9.15
CA LEU D 202 28.13 -12.51 10.23
C LEU D 202 28.11 -11.35 11.22
N THR D 203 28.03 -10.11 10.70
CA THR D 203 28.02 -8.93 11.57
C THR D 203 26.75 -8.89 12.42
N GLN D 204 25.58 -9.09 11.80
CA GLN D 204 24.33 -9.06 12.53
C GLN D 204 24.31 -10.09 13.66
N THR D 205 24.82 -11.30 13.39
CA THR D 205 24.82 -12.35 14.38
C THR D 205 25.80 -12.05 15.51
N LEU D 206 26.99 -11.58 15.18
CA LEU D 206 27.98 -11.27 16.21
C LEU D 206 27.45 -10.19 17.15
N SER D 207 26.76 -9.20 16.59
CA SER D 207 26.14 -8.16 17.42
C SER D 207 25.24 -8.76 18.48
N LEU D 208 24.38 -9.70 18.08
CA LEU D 208 23.47 -10.35 19.01
C LEU D 208 24.23 -11.21 20.03
N GLU D 209 25.30 -11.87 19.58
CA GLU D 209 26.03 -12.79 20.46
C GLU D 209 26.89 -12.05 21.47
N LEU D 210 27.45 -10.89 21.11
CA LEU D 210 28.34 -10.16 21.98
C LEU D 210 27.66 -9.02 22.74
N ALA D 211 26.35 -8.86 22.58
CA ALA D 211 25.66 -7.73 23.21
C ALA D 211 25.83 -7.76 24.74
N SER D 212 25.63 -8.93 25.35
CA SER D 212 25.56 -8.99 26.80
C SER D 212 26.90 -8.71 27.46
N ILE D 213 28.01 -8.94 26.77
CA ILE D 213 29.32 -8.67 27.37
C ILE D 213 29.83 -7.27 27.06
N GLY D 214 29.15 -6.51 26.22
CA GLY D 214 29.44 -5.11 26.01
C GLY D 214 30.18 -4.76 24.73
N ALA D 215 30.51 -5.73 23.90
CA ALA D 215 31.19 -5.44 22.64
C ALA D 215 30.17 -5.16 21.55
N THR D 216 30.56 -4.33 20.59
CA THR D 216 29.73 -4.00 19.44
C THR D 216 30.38 -4.56 18.19
N VAL D 217 29.53 -4.88 17.20
CA VAL D 217 29.99 -5.43 15.93
C VAL D 217 29.23 -4.70 14.83
N ASN D 218 29.94 -3.92 14.01
CA ASN D 218 29.30 -3.19 12.93
C ASN D 218 30.02 -3.48 11.62
N ALA D 219 29.38 -3.09 10.52
CA ALA D 219 29.92 -3.29 9.18
C ALA D 219 29.97 -1.96 8.47
N ILE D 220 31.14 -1.63 7.93
CA ILE D 220 31.33 -0.42 7.14
C ILE D 220 31.25 -0.81 5.68
N SER D 221 30.67 0.06 4.86
CA SER D 221 30.66 -0.10 3.41
C SER D 221 31.47 1.07 2.85
N PRO D 222 32.77 0.90 2.66
CA PRO D 222 33.64 2.05 2.35
C PRO D 222 33.86 2.32 0.88
N GLY D 223 33.50 1.40 -0.01
CA GLY D 223 33.69 1.60 -1.43
C GLY D 223 35.09 1.22 -1.90
N ASP D 247 43.40 19.08 3.28
CA ASP D 247 42.94 20.33 2.67
C ASP D 247 42.15 20.09 1.39
N GLU D 248 42.67 19.21 0.53
CA GLU D 248 42.02 18.87 -0.72
C GLU D 248 41.01 17.74 -0.51
N PHE D 249 40.01 17.70 -1.41
CA PHE D 249 38.93 16.72 -1.33
C PHE D 249 38.84 15.95 -2.64
N ASP D 250 39.05 14.64 -2.56
CA ASP D 250 38.85 13.72 -3.68
C ASP D 250 37.71 12.79 -3.32
N PRO D 251 36.61 12.75 -4.07
CA PRO D 251 35.52 11.84 -3.72
C PRO D 251 35.91 10.38 -3.76
N LYS D 252 37.03 10.04 -4.40
CA LYS D 252 37.53 8.68 -4.50
C LYS D 252 38.59 8.35 -3.47
N ASP D 253 38.93 9.30 -2.60
CA ASP D 253 39.93 9.12 -1.55
C ASP D 253 39.60 7.89 -0.71
N PRO D 254 40.50 6.90 -0.60
CA PRO D 254 40.18 5.67 0.13
C PRO D 254 40.05 5.85 1.63
N SER D 255 40.51 6.97 2.19
CA SER D 255 40.48 7.18 3.62
C SER D 255 39.29 8.01 4.08
N LEU D 256 38.35 8.33 3.17
CA LEU D 256 37.24 9.19 3.55
C LEU D 256 36.31 8.54 4.56
N GLY D 257 36.24 7.20 4.57
CA GLY D 257 35.47 6.51 5.58
C GLY D 257 36.22 6.19 6.85
N SER D 258 37.54 6.42 6.85
CA SER D 258 38.35 6.07 8.01
C SER D 258 37.95 6.81 9.29
N PRO D 259 37.63 8.10 9.28
CA PRO D 259 37.13 8.71 10.53
C PRO D 259 35.88 8.04 11.07
N VAL D 260 35.00 7.54 10.20
CA VAL D 260 33.82 6.83 10.66
C VAL D 260 34.22 5.53 11.34
N VAL D 261 35.17 4.81 10.75
CA VAL D 261 35.67 3.59 11.39
C VAL D 261 36.28 3.92 12.75
N ALA D 262 37.07 4.99 12.82
CA ALA D 262 37.66 5.40 14.08
C ALA D 262 36.59 5.77 15.11
N TRP D 263 35.54 6.48 14.66
CA TRP D 263 34.50 6.84 15.62
C TRP D 263 33.73 5.62 16.10
N LEU D 264 33.41 4.69 15.19
CA LEU D 264 32.72 3.46 15.59
C LEU D 264 33.56 2.65 16.56
N ALA D 265 34.89 2.76 16.49
CA ALA D 265 35.74 2.01 17.38
C ALA D 265 35.92 2.70 18.74
N SER D 266 35.29 3.88 18.94
CA SER D 266 35.51 4.72 20.10
C SER D 266 34.50 4.43 21.20
N PRO D 267 34.79 4.87 22.43
CA PRO D 267 33.80 4.72 23.52
C PRO D 267 32.48 5.45 23.26
N GLU D 268 32.45 6.40 22.33
CA GLU D 268 31.21 7.12 22.05
C GLU D 268 30.19 6.28 21.30
N ALA D 269 30.60 5.15 20.73
CA ALA D 269 29.73 4.34 19.88
C ALA D 269 29.37 3.00 20.54
N GLY D 270 29.39 2.93 21.87
CA GLY D 270 29.07 1.69 22.56
C GLY D 270 27.64 1.24 22.44
N HIS D 271 26.74 2.10 21.95
CA HIS D 271 25.33 1.79 21.80
C HIS D 271 24.94 1.40 20.38
N ILE D 272 25.91 1.28 19.48
CA ILE D 272 25.65 0.99 18.07
C ILE D 272 26.21 -0.37 17.74
N SER D 273 25.36 -1.29 17.30
CA SER D 273 25.81 -2.64 16.97
C SER D 273 24.91 -3.25 15.92
N GLY D 274 25.50 -4.12 15.09
CA GLY D 274 24.75 -4.77 14.04
C GLY D 274 24.31 -3.87 12.91
N GLN D 275 24.93 -2.71 12.77
CA GLN D 275 24.52 -1.74 11.76
C GLN D 275 25.42 -1.82 10.54
N VAL D 276 24.85 -1.48 9.39
CA VAL D 276 25.58 -1.36 8.14
C VAL D 276 25.63 0.12 7.80
N ILE D 277 26.83 0.68 7.76
CA ILE D 277 27.01 2.12 7.60
C ILE D 277 27.87 2.35 6.36
N ARG D 278 27.33 3.13 5.43
CA ARG D 278 27.97 3.43 4.16
C ARG D 278 28.66 4.79 4.27
N ALA D 279 29.96 4.82 4.01
CA ALA D 279 30.74 6.06 4.08
C ALA D 279 31.57 6.16 2.81
N ILE D 280 30.99 6.77 1.78
CA ILE D 280 31.62 6.83 0.46
C ILE D 280 31.57 8.27 -0.03
N GLY D 281 32.75 8.86 -0.27
CA GLY D 281 32.85 10.19 -0.81
C GLY D 281 32.32 11.26 0.11
N GLU D 282 31.29 11.96 -0.34
CA GLU D 282 30.75 13.10 0.38
C GLU D 282 29.76 12.68 1.47
N HIS D 283 29.22 11.47 1.43
CA HIS D 283 28.03 11.10 2.19
C HIS D 283 28.31 10.01 3.24
N LEU D 284 27.66 10.16 4.38
CA LEU D 284 27.58 9.12 5.42
C LEU D 284 26.13 8.70 5.53
N GLN D 285 25.88 7.38 5.42
CA GLN D 285 24.51 6.86 5.38
C GLN D 285 24.34 5.66 6.30
N LEU D 286 23.20 5.61 6.97
CA LEU D 286 22.77 4.42 7.68
C LEU D 286 21.84 3.61 6.78
N LEU D 287 22.14 2.34 6.61
CA LEU D 287 21.32 1.46 5.79
C LEU D 287 20.48 0.54 6.68
N LYS D 288 19.30 0.18 6.20
CA LYS D 288 18.48 -0.86 6.80
C LYS D 288 18.16 -1.90 5.73
N GLY D 289 17.82 -3.10 6.18
CA GLY D 289 17.93 -4.28 5.35
C GLY D 289 16.61 -4.78 4.77
N TRP D 290 16.50 -6.11 4.68
CA TRP D 290 15.42 -6.74 3.93
C TRP D 290 14.08 -6.57 4.63
N HIS D 291 13.06 -6.30 3.82
CA HIS D 291 11.74 -5.92 4.32
C HIS D 291 10.73 -6.29 3.26
N PRO D 292 9.51 -6.64 3.65
CA PRO D 292 8.47 -6.92 2.66
C PRO D 292 7.93 -5.64 2.04
N VAL D 293 7.80 -5.66 0.71
CA VAL D 293 7.16 -4.56 -0.01
C VAL D 293 5.80 -4.94 -0.59
N ALA D 294 5.44 -6.22 -0.56
CA ALA D 294 4.14 -6.70 -1.02
C ALA D 294 3.87 -8.03 -0.34
N SER D 295 2.61 -8.25 0.06
CA SER D 295 2.28 -9.43 0.85
C SER D 295 0.87 -9.89 0.50
N VAL D 296 0.68 -11.21 0.43
CA VAL D 296 -0.63 -11.78 0.14
C VAL D 296 -0.76 -13.09 0.91
N SER D 297 -1.99 -13.37 1.36
CA SER D 297 -2.32 -14.55 2.14
C SER D 297 -3.07 -15.57 1.30
N ASN D 298 -2.84 -16.86 1.61
CA ASN D 298 -3.55 -17.94 0.93
C ASN D 298 -4.83 -18.35 1.65
N GLY D 299 -5.21 -17.64 2.71
CA GLY D 299 -6.41 -17.98 3.43
C GLY D 299 -6.34 -19.29 4.18
N GLN D 300 -5.13 -19.69 4.60
CA GLN D 300 -4.92 -20.97 5.27
C GLN D 300 -5.38 -22.13 4.40
N LYS D 301 -5.07 -22.02 3.10
CA LYS D 301 -5.16 -23.11 2.14
C LYS D 301 -3.84 -23.18 1.40
N ARG D 302 -3.51 -24.36 0.88
CA ARG D 302 -2.27 -24.51 0.14
C ARG D 302 -2.26 -23.62 -1.11
N TRP D 303 -1.08 -23.12 -1.46
CA TRP D 303 -0.94 -22.41 -2.72
C TRP D 303 -1.15 -23.36 -3.89
N ASP D 304 -1.70 -22.84 -4.97
CA ASP D 304 -1.89 -23.59 -6.21
C ASP D 304 -0.97 -22.98 -7.26
N ALA D 305 0.01 -23.76 -7.71
CA ALA D 305 0.99 -23.25 -8.66
C ALA D 305 0.35 -22.83 -9.97
N ASN D 306 -0.78 -23.44 -10.34
CA ASN D 306 -1.50 -23.02 -11.54
C ASN D 306 -2.25 -21.72 -11.38
N LYS D 307 -2.34 -21.18 -10.16
CA LYS D 307 -2.96 -19.89 -9.89
C LYS D 307 -1.96 -18.83 -9.45
N LEU D 308 -0.70 -19.21 -9.18
CA LEU D 308 0.24 -18.26 -8.61
C LEU D 308 0.65 -17.20 -9.63
N GLY D 309 0.56 -17.52 -10.92
CA GLY D 309 0.89 -16.52 -11.92
C GLY D 309 0.04 -15.28 -11.77
N ALA D 310 -1.29 -15.47 -11.69
CA ALA D 310 -2.19 -14.34 -11.54
C ALA D 310 -2.00 -13.65 -10.18
N ILE D 311 -1.69 -14.43 -9.13
CA ILE D 311 -1.46 -13.84 -7.81
C ILE D 311 -0.17 -13.03 -7.79
N MET D 312 0.91 -13.59 -8.33
CA MET D 312 2.15 -12.82 -8.47
C MET D 312 1.93 -11.54 -9.27
N ALA D 313 1.15 -11.64 -10.35
CA ALA D 313 0.99 -10.50 -11.25
C ALA D 313 0.18 -9.38 -10.58
N ALA D 314 -0.94 -9.73 -9.96
CA ALA D 314 -1.85 -8.74 -9.43
C ALA D 314 -1.54 -8.35 -7.99
N ASP D 315 -1.05 -9.29 -7.18
CA ASP D 315 -0.92 -9.04 -5.76
C ASP D 315 0.52 -8.80 -5.30
N ILE D 316 1.52 -9.15 -6.11
CA ILE D 316 2.92 -9.02 -5.72
C ILE D 316 3.65 -7.97 -6.54
N PHE D 317 3.80 -8.21 -7.85
CA PHE D 317 4.60 -7.32 -8.68
C PHE D 317 3.78 -6.21 -9.34
N GLY D 318 2.46 -6.33 -9.37
CA GLY D 318 1.62 -5.28 -9.94
C GLY D 318 1.70 -5.13 -11.44
N THR D 319 2.00 -6.23 -12.17
CA THR D 319 2.03 -6.19 -13.63
C THR D 319 0.64 -6.40 -14.25
N ARG D 320 -0.32 -6.91 -13.47
CA ARG D 320 -1.70 -6.99 -13.89
C ARG D 320 -2.59 -6.26 -12.89
N ASN D 321 -3.73 -5.76 -13.36
CA ASN D 321 -4.64 -5.08 -12.44
C ASN D 321 -5.50 -6.11 -11.72
N THR D 322 -6.01 -5.71 -10.55
CA THR D 322 -6.81 -6.63 -9.73
C THR D 322 -8.28 -6.62 -10.11
N GLY D 323 -8.77 -5.51 -10.66
CA GLY D 323 -10.20 -5.34 -10.83
C GLY D 323 -10.86 -5.02 -9.50
N LEU D 324 -12.16 -4.78 -9.57
CA LEU D 324 -12.93 -4.53 -8.36
C LEU D 324 -12.92 -5.76 -7.47
N ARG D 325 -12.62 -5.57 -6.19
CA ARG D 325 -12.61 -6.65 -5.21
C ARG D 325 -13.36 -6.22 -3.96
N LEU D 326 -14.20 -7.09 -3.44
CA LEU D 326 -14.87 -6.87 -2.16
C LEU D 326 -14.07 -7.56 -1.05
N THR E 23 25.05 -3.85 42.14
CA THR E 23 25.29 -2.60 41.42
C THR E 23 24.03 -2.06 40.78
N GLY E 24 23.51 -0.95 41.33
CA GLY E 24 22.36 -0.31 40.75
C GLY E 24 22.71 0.61 39.60
N LEU E 25 21.73 0.83 38.71
CA LEU E 25 21.94 1.72 37.57
C LEU E 25 22.45 3.09 38.01
N LEU E 26 21.91 3.61 39.11
CA LEU E 26 22.13 4.99 39.54
C LEU E 26 22.97 5.08 40.81
N ASP E 27 23.78 4.06 41.09
CA ASP E 27 24.62 4.08 42.28
C ASP E 27 25.48 5.33 42.29
N GLY E 28 25.50 6.02 43.43
CA GLY E 28 26.30 7.21 43.60
C GLY E 28 25.69 8.49 43.08
N LYS E 29 24.53 8.41 42.43
CA LYS E 29 23.90 9.58 41.84
C LYS E 29 22.91 10.21 42.81
N VAL E 30 22.72 11.51 42.69
CA VAL E 30 21.75 12.26 43.49
C VAL E 30 20.70 12.83 42.54
N ALA E 31 19.43 12.58 42.85
CA ALA E 31 18.33 12.95 41.98
C ALA E 31 17.29 13.73 42.77
N LEU E 32 16.79 14.81 42.17
CA LEU E 32 15.70 15.60 42.71
C LEU E 32 14.43 15.31 41.91
N VAL E 33 13.36 14.98 42.61
CA VAL E 33 12.05 14.76 42.00
C VAL E 33 11.07 15.75 42.62
N THR E 34 10.54 16.65 41.80
CA THR E 34 9.57 17.63 42.25
C THR E 34 8.17 17.03 42.18
N GLY E 35 7.35 17.37 43.17
CA GLY E 35 6.02 16.80 43.28
C GLY E 35 6.02 15.29 43.48
N ALA E 36 6.91 14.81 44.35
CA ALA E 36 7.11 13.38 44.55
C ALA E 36 6.26 12.81 45.68
N GLY E 37 5.27 13.55 46.16
CA GLY E 37 4.45 13.08 47.26
C GLY E 37 3.33 12.14 46.87
N HIS E 38 2.87 12.18 45.63
CA HIS E 38 1.74 11.37 45.21
C HIS E 38 1.93 10.93 43.76
N GLY E 39 1.21 9.88 43.40
CA GLY E 39 1.00 9.55 41.99
C GLY E 39 2.27 9.29 41.22
N ILE E 40 2.36 9.90 40.03
CA ILE E 40 3.46 9.64 39.10
C ILE E 40 4.79 10.02 39.73
N GLY E 41 4.87 11.19 40.37
CA GLY E 41 6.13 11.63 40.95
C GLY E 41 6.64 10.72 42.05
N ARG E 42 5.74 10.21 42.89
CA ARG E 42 6.16 9.25 43.92
C ARG E 42 6.72 8.00 43.27
N GLY E 43 6.10 7.54 42.18
CA GLY E 43 6.64 6.40 41.46
C GLY E 43 8.05 6.66 40.94
N HIS E 44 8.28 7.85 40.39
CA HIS E 44 9.62 8.21 39.95
C HIS E 44 10.62 8.16 41.10
N ALA E 45 10.27 8.78 42.23
CA ALA E 45 11.16 8.81 43.39
C ALA E 45 11.47 7.40 43.89
N LEU E 46 10.44 6.55 43.99
CA LEU E 46 10.67 5.17 44.41
C LEU E 46 11.55 4.43 43.41
N GLU E 47 11.30 4.62 42.11
CA GLU E 47 12.03 3.89 41.08
C GLU E 47 13.50 4.26 41.09
N LEU E 48 13.80 5.56 41.12
CA LEU E 48 15.20 6.01 41.14
C LEU E 48 15.93 5.50 42.37
N ALA E 49 15.27 5.52 43.53
CA ALA E 49 15.91 5.05 44.75
C ALA E 49 16.15 3.54 44.71
N LYS E 50 15.23 2.79 44.10
CA LYS E 50 15.43 1.35 43.95
C LYS E 50 16.69 1.03 43.16
N HIS E 51 17.05 1.89 42.20
CA HIS E 51 18.20 1.68 41.34
C HIS E 51 19.47 2.34 41.86
N GLY E 52 19.49 2.77 43.13
CA GLY E 52 20.71 3.20 43.79
C GLY E 52 20.85 4.69 43.97
N ALA E 53 19.95 5.49 43.41
CA ALA E 53 20.04 6.93 43.56
C ALA E 53 19.57 7.38 44.94
N THR E 54 20.23 8.42 45.45
CA THR E 54 19.70 9.19 46.57
C THR E 54 18.70 10.20 46.04
N VAL E 55 17.44 10.09 46.47
CA VAL E 55 16.36 10.88 45.92
C VAL E 55 16.01 11.99 46.90
N ILE E 56 15.98 13.22 46.40
CA ILE E 56 15.46 14.36 47.17
C ILE E 56 13.97 14.45 46.89
N VAL E 57 13.16 14.06 47.88
CA VAL E 57 11.71 13.98 47.70
C VAL E 57 11.12 15.36 48.00
N ASN E 58 10.78 16.10 46.94
CA ASN E 58 10.20 17.43 47.05
C ASN E 58 8.68 17.38 46.88
N ASP E 59 7.95 17.94 47.85
CA ASP E 59 6.51 18.08 47.77
C ASP E 59 6.05 18.94 48.95
N LEU E 60 4.94 19.65 48.75
CA LEU E 60 4.39 20.57 49.76
C LEU E 60 3.17 20.05 50.51
N GLY E 61 2.68 18.83 50.21
CA GLY E 61 1.43 18.38 50.76
C GLY E 61 1.55 17.80 52.17
N THR E 62 0.41 17.67 52.84
CA THR E 62 0.36 17.11 54.19
C THR E 62 -0.09 15.65 54.21
N GLY E 70 3.87 14.52 59.24
CA GLY E 70 2.78 15.43 58.91
C GLY E 70 2.92 16.06 57.54
N LYS E 71 4.03 15.78 56.85
CA LYS E 71 4.30 16.27 55.51
C LYS E 71 4.48 15.07 54.59
N VAL E 72 3.83 15.12 53.42
CA VAL E 72 3.80 13.94 52.55
C VAL E 72 5.18 13.59 52.01
N ALA E 73 6.07 14.58 51.87
CA ALA E 73 7.42 14.27 51.40
C ALA E 73 8.17 13.39 52.39
N ASP E 74 7.97 13.62 53.70
CA ASP E 74 8.59 12.75 54.69
C ASP E 74 8.06 11.33 54.57
N GLU E 75 6.74 11.19 54.39
CA GLU E 75 6.12 9.87 54.26
C GLU E 75 6.73 9.08 53.11
N VAL E 76 7.04 9.76 52.00
CA VAL E 76 7.64 9.07 50.85
C VAL E 76 9.08 8.67 51.17
N VAL E 77 9.82 9.56 51.85
CA VAL E 77 11.18 9.22 52.28
C VAL E 77 11.17 7.98 53.15
N THR E 78 10.20 7.89 54.06
CA THR E 78 10.10 6.72 54.95
C THR E 78 9.92 5.45 54.14
N VAL E 79 9.07 5.49 53.11
CA VAL E 79 8.86 4.32 52.26
C VAL E 79 10.16 3.93 51.57
N ILE E 80 10.90 4.90 51.05
CA ILE E 80 12.15 4.62 50.35
C ILE E 80 13.15 3.94 51.26
N GLU E 81 13.34 4.48 52.46
CA GLU E 81 14.33 3.90 53.37
C GLU E 81 13.92 2.51 53.83
N SER E 82 12.63 2.30 54.09
CA SER E 82 12.15 0.99 54.50
C SER E 82 12.39 -0.06 53.42
N ARG E 83 12.56 0.36 52.17
CA ARG E 83 12.91 -0.53 51.08
C ARG E 83 14.42 -0.61 50.86
N GLY E 84 15.21 0.01 51.73
CA GLY E 84 16.66 -0.06 51.64
C GLY E 84 17.32 1.06 50.85
N GLY E 85 16.58 2.11 50.50
CA GLY E 85 17.11 3.20 49.70
C GLY E 85 17.47 4.42 50.55
N LYS E 86 17.97 5.43 49.85
CA LYS E 86 18.39 6.68 50.46
C LYS E 86 17.50 7.82 49.94
N ALA E 87 17.00 8.64 50.85
CA ALA E 87 16.12 9.74 50.45
C ALA E 87 16.12 10.79 51.53
N VAL E 88 15.90 12.04 51.11
CA VAL E 88 15.75 13.18 52.00
C VAL E 88 14.57 14.02 51.51
N SER E 89 13.95 14.74 52.44
CA SER E 89 12.80 15.56 52.09
C SER E 89 13.26 16.98 51.72
N ASP E 90 12.43 17.65 50.93
CA ASP E 90 12.67 19.04 50.58
C ASP E 90 11.32 19.69 50.35
N PHE E 91 11.13 20.90 50.85
CA PHE E 91 9.83 21.56 50.82
C PHE E 91 9.87 22.87 50.05
N SER E 92 10.68 22.94 49.00
CA SER E 92 10.80 24.17 48.24
C SER E 92 9.63 24.36 47.30
N ASP E 93 9.14 25.60 47.22
CA ASP E 93 8.20 26.00 46.20
C ASP E 93 8.97 26.19 44.89
N VAL E 94 8.75 25.29 43.93
CA VAL E 94 9.54 25.30 42.70
C VAL E 94 9.27 26.52 41.85
N GLY E 95 8.19 27.25 42.12
CA GLY E 95 7.97 28.51 41.41
C GLY E 95 8.77 29.68 41.92
N ASP E 96 9.45 29.53 43.05
CA ASP E 96 10.16 30.63 43.70
C ASP E 96 11.65 30.50 43.41
N GLU E 97 12.23 31.56 42.83
CA GLU E 97 13.63 31.52 42.40
C GLU E 97 14.56 31.27 43.58
N GLU E 98 14.40 32.05 44.66
CA GLU E 98 15.31 31.93 45.79
C GLU E 98 15.26 30.53 46.39
N GLN E 99 14.07 29.95 46.52
CA GLN E 99 13.97 28.63 47.12
C GLN E 99 14.61 27.58 46.24
N VAL E 100 14.46 27.71 44.91
CA VAL E 100 15.08 26.75 44.00
C VAL E 100 16.59 26.82 44.08
N ASP E 101 17.16 28.04 44.03
CA ASP E 101 18.61 28.17 44.16
C ASP E 101 19.11 27.60 45.48
N LEU E 102 18.34 27.77 46.57
CA LEU E 102 18.76 27.21 47.85
C LEU E 102 18.67 25.69 47.86
N ALA E 103 17.62 25.13 47.26
CA ALA E 103 17.46 23.67 47.25
C ALA E 103 18.61 23.00 46.52
N VAL E 104 19.07 23.59 45.41
CA VAL E 104 20.19 23.01 44.67
C VAL E 104 21.49 23.15 45.46
N GLU E 105 21.68 24.29 46.11
CA GLU E 105 22.85 24.45 46.98
C GLU E 105 22.82 23.44 48.12
N ARG E 106 21.67 23.31 48.80
CA ARG E 106 21.52 22.32 49.86
C ARG E 106 21.62 20.89 49.34
N ALA E 107 21.56 20.69 48.03
CA ALA E 107 21.88 19.39 47.45
C ALA E 107 23.38 19.23 47.24
N TYR E 108 24.03 20.28 46.72
CA TYR E 108 25.48 20.22 46.52
C TYR E 108 26.23 20.21 47.84
N SER E 109 25.79 21.02 48.82
CA SER E 109 26.55 21.12 50.06
C SER E 109 26.33 19.90 50.95
N GLN E 110 25.10 19.38 50.99
CA GLN E 110 24.80 18.27 51.89
C GLN E 110 25.05 16.91 51.23
N LEU E 111 24.87 16.80 49.92
CA LEU E 111 24.98 15.53 49.23
C LEU E 111 26.08 15.49 48.18
N GLY E 112 26.84 16.58 47.99
CA GLY E 112 28.00 16.56 47.12
C GLY E 112 27.77 17.08 45.72
N ARG E 113 26.61 16.76 45.14
CA ARG E 113 26.32 17.08 43.74
C ARG E 113 24.85 16.81 43.48
N LEU E 114 24.33 17.40 42.41
CA LEU E 114 23.00 17.10 41.90
C LEU E 114 23.12 16.63 40.46
N ASP E 115 22.96 15.32 40.25
CA ASP E 115 23.18 14.72 38.94
C ASP E 115 21.92 14.69 38.08
N ILE E 116 20.76 14.58 38.69
CA ILE E 116 19.50 14.32 37.99
C ILE E 116 18.44 15.25 38.52
N VAL E 117 17.67 15.86 37.62
CA VAL E 117 16.49 16.63 37.99
C VAL E 117 15.31 16.08 37.20
N VAL E 118 14.29 15.62 37.90
CA VAL E 118 13.04 15.18 37.30
C VAL E 118 11.99 16.22 37.64
N ASN E 119 11.63 17.05 36.64
CA ASN E 119 10.62 18.10 36.83
C ASN E 119 9.24 17.50 36.61
N ASN E 120 8.54 17.21 37.71
CA ASN E 120 7.20 16.62 37.68
C ASN E 120 6.16 17.45 38.42
N ALA E 121 6.58 18.35 39.30
CA ALA E 121 5.63 19.18 40.05
C ALA E 121 4.68 19.90 39.12
N GLY E 122 3.40 19.92 39.50
CA GLY E 122 2.39 20.57 38.70
C GLY E 122 1.07 20.59 39.41
N ILE E 123 0.17 21.44 38.89
CA ILE E 123 -1.22 21.49 39.34
C ILE E 123 -2.10 21.64 38.12
N VAL E 124 -3.40 21.38 38.31
CA VAL E 124 -4.39 21.53 37.25
C VAL E 124 -5.51 22.42 37.75
N ARG E 125 -6.02 23.29 36.86
CA ARG E 125 -7.21 24.10 37.12
C ARG E 125 -8.03 24.14 35.81
N ASP E 126 -8.71 23.04 35.51
CA ASP E 126 -9.43 22.89 34.26
C ASP E 126 -10.74 23.65 34.25
N LYS E 127 -10.95 24.42 33.19
CA LYS E 127 -12.20 25.08 32.86
C LYS E 127 -12.06 25.67 31.46
N ALA E 128 -13.18 25.78 30.76
CA ALA E 128 -13.18 26.48 29.48
C ALA E 128 -12.65 27.91 29.66
N ILE E 129 -12.03 28.44 28.61
CA ILE E 129 -11.27 29.68 28.75
C ILE E 129 -12.16 30.83 29.21
N TRP E 130 -13.42 30.85 28.79
CA TRP E 130 -14.30 31.95 29.18
C TRP E 130 -14.64 31.89 30.66
N ASN E 131 -14.42 30.76 31.32
CA ASN E 131 -14.60 30.64 32.76
C ASN E 131 -13.30 30.62 33.54
N MET E 132 -12.15 30.80 32.87
CA MET E 132 -10.87 30.65 33.54
C MET E 132 -10.37 32.01 34.01
N THR E 133 -9.87 32.06 35.23
CA THR E 133 -9.28 33.28 35.78
C THR E 133 -7.82 33.39 35.38
N VAL E 134 -7.30 34.62 35.44
CA VAL E 134 -5.88 34.85 35.15
C VAL E 134 -5.02 34.13 36.17
N ASP E 135 -5.53 33.91 37.38
CA ASP E 135 -4.77 33.19 38.39
C ASP E 135 -4.69 31.71 38.04
N ASP E 136 -5.81 31.13 37.59
CA ASP E 136 -5.80 29.76 37.10
C ASP E 136 -4.76 29.60 35.99
N PHE E 137 -4.64 30.59 35.11
CA PHE E 137 -3.65 30.52 34.04
C PHE E 137 -2.23 30.73 34.58
N ASP E 138 -2.02 31.80 35.34
CA ASP E 138 -0.68 32.13 35.82
C ASP E 138 -0.10 31.03 36.69
N LEU E 139 -0.90 30.50 37.63
CA LEU E 139 -0.38 29.54 38.59
C LEU E 139 0.08 28.26 37.90
N VAL E 140 -0.71 27.79 36.93
CA VAL E 140 -0.33 26.58 36.20
C VAL E 140 0.93 26.82 35.38
N MET E 141 1.01 27.97 34.69
CA MET E 141 2.21 28.27 33.93
C MET E 141 3.42 28.41 34.84
N ARG E 142 3.23 28.92 36.06
CA ARG E 142 4.33 29.15 36.99
C ARG E 142 4.90 27.83 37.49
N VAL E 143 4.03 26.94 37.98
CA VAL E 143 4.52 25.67 38.55
C VAL E 143 5.13 24.80 37.45
N HIS E 144 4.45 24.69 36.32
CA HIS E 144 4.93 23.78 35.28
C HIS E 144 6.15 24.36 34.55
N VAL E 145 6.02 25.55 33.98
CA VAL E 145 7.05 26.07 33.08
C VAL E 145 8.14 26.81 33.85
N ARG E 146 7.77 27.79 34.67
CA ARG E 146 8.77 28.52 35.45
C ARG E 146 9.51 27.59 36.41
N GLY E 147 8.78 26.64 37.02
CA GLY E 147 9.44 25.69 37.91
C GLY E 147 10.49 24.86 37.20
N SER E 148 10.15 24.32 36.03
CA SER E 148 11.12 23.52 35.29
C SER E 148 12.26 24.37 34.76
N TRP E 149 11.98 25.62 34.40
CA TRP E 149 13.04 26.51 33.94
C TRP E 149 13.99 26.87 35.08
N LEU E 150 13.44 27.13 36.28
CA LEU E 150 14.28 27.54 37.40
C LEU E 150 15.24 26.43 37.80
N THR E 151 14.72 25.20 37.98
CA THR E 151 15.58 24.10 38.37
C THR E 151 16.61 23.81 37.28
N SER E 152 16.20 23.91 36.01
CA SER E 152 17.13 23.68 34.91
C SER E 152 18.25 24.72 34.91
N ARG E 153 17.91 26.00 35.11
CA ARG E 153 18.94 27.01 35.19
C ARG E 153 19.86 26.77 36.37
N ALA E 154 19.31 26.34 37.51
CA ALA E 154 20.11 26.16 38.71
C ALA E 154 21.17 25.07 38.51
N VAL E 155 20.78 23.91 38.00
CA VAL E 155 21.78 22.85 37.79
C VAL E 155 22.65 23.15 36.58
N ALA E 156 22.11 23.81 35.55
CA ALA E 156 22.92 24.17 34.40
C ALA E 156 24.10 25.04 34.82
N ARG E 157 23.85 26.03 35.68
CA ARG E 157 24.92 26.90 36.16
C ARG E 157 25.98 26.09 36.92
N LYS E 158 25.54 25.21 37.83
CA LYS E 158 26.48 24.40 38.58
C LYS E 158 27.23 23.45 37.65
N TRP E 159 26.49 22.75 36.78
CA TRP E 159 27.13 21.79 35.88
C TRP E 159 28.10 22.48 34.93
N ARG E 160 27.72 23.65 34.41
CA ARG E 160 28.61 24.35 33.50
C ARG E 160 29.87 24.85 34.20
N ALA E 161 29.74 25.28 35.45
CA ALA E 161 30.91 25.69 36.23
C ALA E 161 31.90 24.53 36.41
N GLU E 162 31.39 23.33 36.71
CA GLU E 162 32.28 22.19 36.89
C GLU E 162 33.00 21.84 35.59
N SER E 163 32.33 22.01 34.44
CA SER E 163 32.96 21.71 33.17
C SER E 163 34.08 22.70 32.87
N LYS E 164 33.88 23.97 33.21
CA LYS E 164 34.90 24.99 32.98
C LYS E 164 36.14 24.72 33.83
N GLU E 165 35.94 24.29 35.09
CA GLU E 165 37.07 24.01 35.97
C GLU E 165 37.85 22.79 35.50
N SER E 166 37.15 21.72 35.12
CA SER E 166 37.83 20.49 34.70
C SER E 166 38.26 20.51 33.24
N GLY E 167 37.65 21.36 32.41
CA GLY E 167 37.93 21.31 30.99
C GLY E 167 37.39 20.09 30.27
N ALA E 168 36.52 19.31 30.90
CA ALA E 168 35.93 18.12 30.31
C ALA E 168 34.42 18.13 30.52
N LYS E 169 33.74 17.21 29.85
CA LYS E 169 32.30 17.07 30.04
C LYS E 169 31.99 16.56 31.43
N VAL E 170 30.76 16.85 31.89
CA VAL E 170 30.30 16.44 33.21
C VAL E 170 29.01 15.65 33.05
N TYR E 171 28.55 15.09 34.17
CA TYR E 171 27.32 14.32 34.21
C TYR E 171 26.13 15.23 34.49
N GLY E 172 25.05 15.02 33.76
CA GLY E 172 23.83 15.78 33.96
C GLY E 172 22.61 15.15 33.32
N ARG E 173 21.50 15.10 34.05
CA ARG E 173 20.25 14.57 33.53
C ARG E 173 19.11 15.48 33.97
N ILE E 174 18.32 15.96 33.01
CA ILE E 174 17.06 16.64 33.30
C ILE E 174 15.95 15.92 32.54
N ILE E 175 14.93 15.48 33.26
CA ILE E 175 13.74 14.88 32.64
C ILE E 175 12.54 15.75 32.97
N ASN E 176 11.98 16.39 31.95
CA ASN E 176 10.78 17.19 32.09
C ASN E 176 9.53 16.34 31.80
N THR E 177 8.36 16.90 32.09
CA THR E 177 7.10 16.17 31.96
C THR E 177 6.14 16.97 31.11
N THR E 178 5.79 16.43 29.95
CA THR E 178 4.73 16.94 29.10
C THR E 178 3.53 15.99 29.22
N SER E 179 2.54 16.18 28.35
CA SER E 179 1.39 15.28 28.34
C SER E 179 0.70 15.41 26.99
N GLY E 180 -0.26 14.49 26.76
CA GLY E 180 -0.99 14.51 25.50
C GLY E 180 -1.67 15.83 25.22
N ALA E 181 -2.26 16.45 26.25
CA ALA E 181 -2.85 17.78 26.06
C ALA E 181 -1.80 18.79 25.65
N GLY E 182 -0.56 18.61 26.13
CA GLY E 182 0.51 19.51 25.73
C GLY E 182 0.91 19.36 24.29
N LEU E 183 0.72 18.17 23.72
CA LEU E 183 1.10 17.91 22.33
C LEU E 183 -0.04 18.12 21.36
N HIS E 184 -1.30 18.02 21.82
CA HIS E 184 -2.42 18.02 20.90
C HIS E 184 -3.58 18.93 21.30
N GLY E 185 -3.54 19.53 22.49
CA GLY E 185 -4.66 20.32 22.97
C GLY E 185 -5.78 19.45 23.53
N HIS E 186 -6.60 20.07 24.38
CA HIS E 186 -7.71 19.37 25.00
C HIS E 186 -8.69 20.38 25.56
N PHE E 187 -9.97 20.19 25.27
CA PHE E 187 -11.01 21.10 25.74
C PHE E 187 -10.90 21.31 27.25
N GLY E 188 -11.00 22.58 27.65
CA GLY E 188 -10.96 22.94 29.05
C GLY E 188 -9.58 23.13 29.61
N GLN E 189 -8.54 23.16 28.78
CA GLN E 189 -7.17 23.14 29.29
C GLN E 189 -6.27 24.11 28.54
N THR E 190 -6.74 25.33 28.28
CA THR E 190 -5.87 26.32 27.64
C THR E 190 -4.60 26.58 28.46
N ASN E 191 -4.71 26.53 29.79
CA ASN E 191 -3.54 26.75 30.63
C ASN E 191 -2.65 25.51 30.68
N TYR E 192 -3.25 24.35 30.97
CA TYR E 192 -2.46 23.13 31.12
C TYR E 192 -1.81 22.73 29.80
N SER E 193 -2.54 22.87 28.69
CA SER E 193 -1.97 22.55 27.39
C SER E 193 -0.82 23.48 27.02
N ALA E 194 -0.99 24.79 27.26
CA ALA E 194 0.10 25.73 27.00
C ALA E 194 1.33 25.40 27.84
N ALA E 195 1.10 25.05 29.12
CA ALA E 195 2.22 24.73 30.00
C ALA E 195 2.97 23.49 29.54
N LYS E 196 2.24 22.43 29.22
CA LYS E 196 2.90 21.18 28.81
C LYS E 196 3.49 21.32 27.41
N ALA E 197 2.94 22.19 26.58
CA ALA E 197 3.58 22.48 25.29
C ALA E 197 4.87 23.27 25.48
N ALA E 198 4.84 24.30 26.34
CA ALA E 198 6.03 25.09 26.62
C ALA E 198 7.19 24.23 27.06
N ILE E 199 6.91 23.17 27.84
CA ILE E 199 7.95 22.30 28.37
C ILE E 199 8.64 21.54 27.23
N VAL E 200 7.93 21.27 26.13
CA VAL E 200 8.56 20.61 25.00
C VAL E 200 9.62 21.52 24.38
N GLY E 201 9.26 22.76 24.09
CA GLY E 201 10.24 23.69 23.55
C GLY E 201 11.38 23.95 24.52
N LEU E 202 11.06 24.06 25.80
CA LEU E 202 12.09 24.21 26.82
C LEU E 202 13.05 23.02 26.80
N THR E 203 12.52 21.81 26.63
CA THR E 203 13.36 20.61 26.59
C THR E 203 14.25 20.60 25.35
N GLN E 204 13.68 20.88 24.18
CA GLN E 204 14.45 20.90 22.95
C GLN E 204 15.57 21.93 23.01
N THR E 205 15.28 23.10 23.58
CA THR E 205 16.30 24.15 23.68
C THR E 205 17.38 23.79 24.69
N LEU E 206 16.99 23.29 25.86
CA LEU E 206 17.97 22.93 26.88
C LEU E 206 18.92 21.84 26.38
N SER E 207 18.39 20.88 25.62
CA SER E 207 19.24 19.85 25.01
C SER E 207 20.35 20.49 24.19
N LEU E 208 20.00 21.48 23.37
CA LEU E 208 21.01 22.15 22.55
C LEU E 208 21.99 22.94 23.42
N GLU E 209 21.50 23.56 24.48
CA GLU E 209 22.37 24.41 25.28
C GLU E 209 23.32 23.60 26.15
N LEU E 210 22.90 22.43 26.64
CA LEU E 210 23.70 21.62 27.55
C LEU E 210 24.46 20.50 26.85
N ALA E 211 24.36 20.40 25.53
CA ALA E 211 25.01 19.29 24.83
C ALA E 211 26.52 19.30 25.06
N SER E 212 27.13 20.48 24.98
CA SER E 212 28.59 20.56 24.99
C SER E 212 29.19 20.16 26.33
N ILE E 213 28.45 20.34 27.44
CA ILE E 213 28.99 19.97 28.74
C ILE E 213 28.65 18.55 29.14
N GLY E 214 27.84 17.84 28.35
CA GLY E 214 27.60 16.43 28.56
C GLY E 214 26.28 16.09 29.22
N ALA E 215 25.44 17.07 29.53
CA ALA E 215 24.15 16.82 30.14
C ALA E 215 23.08 16.58 29.07
N THR E 216 22.09 15.77 29.42
CA THR E 216 20.96 15.49 28.55
C THR E 216 19.68 16.03 29.15
N VAL E 217 18.75 16.42 28.28
CA VAL E 217 17.44 16.93 28.69
C VAL E 217 16.38 16.28 27.80
N ASN E 218 15.52 15.47 28.40
CA ASN E 218 14.44 14.80 27.69
C ASN E 218 13.12 15.05 28.40
N ALA E 219 12.03 14.72 27.72
CA ALA E 219 10.69 14.89 28.25
C ALA E 219 9.94 13.58 28.17
N ILE E 220 9.34 13.17 29.29
CA ILE E 220 8.51 11.98 29.37
C ILE E 220 7.04 12.41 29.28
N SER E 221 6.23 11.58 28.64
CA SER E 221 4.78 11.78 28.59
C SER E 221 4.12 10.58 29.28
N PRO E 222 3.86 10.68 30.59
CA PRO E 222 3.43 9.51 31.36
C PRO E 222 1.92 9.32 31.51
N GLY E 223 1.12 10.31 31.15
CA GLY E 223 -0.33 10.17 31.27
C GLY E 223 -0.82 10.52 32.67
N PHE E 249 -0.24 -6.23 36.81
CA PHE E 249 -0.14 -5.16 35.83
C PHE E 249 -1.48 -4.46 35.63
N ASP E 250 -1.51 -3.16 35.95
CA ASP E 250 -2.68 -2.31 35.72
C ASP E 250 -2.30 -1.24 34.71
N PRO E 251 -2.98 -1.14 33.57
CA PRO E 251 -2.61 -0.11 32.58
C PRO E 251 -2.76 1.31 33.09
N LYS E 252 -3.45 1.53 34.20
CA LYS E 252 -3.63 2.86 34.78
C LYS E 252 -2.62 3.17 35.87
N ASP E 253 -1.71 2.24 36.15
CA ASP E 253 -0.66 2.41 37.15
C ASP E 253 0.12 3.70 36.88
N PRO E 254 0.19 4.62 37.84
CA PRO E 254 0.92 5.87 37.61
C PRO E 254 2.43 5.71 37.56
N SER E 255 2.97 4.57 37.99
CA SER E 255 4.41 4.34 38.03
C SER E 255 4.91 3.54 36.83
N LEU E 256 4.07 3.31 35.82
CA LEU E 256 4.48 2.47 34.69
C LEU E 256 5.59 3.11 33.87
N GLY E 257 5.64 4.44 33.82
CA GLY E 257 6.72 5.10 33.12
C GLY E 257 7.95 5.35 33.96
N SER E 258 7.87 5.08 35.26
CA SER E 258 8.98 5.37 36.15
C SER E 258 10.28 4.64 35.77
N PRO E 259 10.27 3.36 35.38
CA PRO E 259 11.53 2.76 34.91
C PRO E 259 12.11 3.49 33.70
N VAL E 260 11.27 4.04 32.82
CA VAL E 260 11.77 4.77 31.67
C VAL E 260 12.49 6.04 32.12
N VAL E 261 11.91 6.76 33.09
CA VAL E 261 12.60 7.92 33.64
C VAL E 261 13.91 7.50 34.27
N ALA E 262 13.90 6.41 35.04
CA ALA E 262 15.10 5.94 35.69
C ALA E 262 16.18 5.59 34.68
N TRP E 263 15.81 4.92 33.59
CA TRP E 263 16.81 4.58 32.59
C TRP E 263 17.34 5.83 31.89
N LEU E 264 16.46 6.78 31.56
CA LEU E 264 16.92 8.02 30.93
C LEU E 264 17.89 8.78 31.82
N ALA E 265 17.77 8.64 33.14
CA ALA E 265 18.67 9.32 34.06
C ALA E 265 19.99 8.58 34.27
N SER E 266 20.18 7.41 33.65
CA SER E 266 21.31 6.55 33.92
C SER E 266 22.46 6.83 32.95
N PRO E 267 23.67 6.35 33.26
CA PRO E 267 24.77 6.49 32.29
C PRO E 267 24.53 5.81 30.96
N GLU E 268 23.57 4.88 30.87
CA GLU E 268 23.31 4.22 29.60
C GLU E 268 22.61 5.13 28.60
N ALA E 269 22.05 6.26 29.04
CA ALA E 269 21.24 7.12 28.19
C ALA E 269 21.93 8.44 27.88
N GLY E 270 23.26 8.49 27.93
CA GLY E 270 23.97 9.73 27.70
C GLY E 270 23.91 10.24 26.27
N HIS E 271 23.47 9.41 25.33
CA HIS E 271 23.40 9.78 23.93
C HIS E 271 22.00 10.20 23.49
N ILE E 272 21.06 10.30 24.43
CA ILE E 272 19.68 10.64 24.11
C ILE E 272 19.37 11.99 24.75
N SER E 273 19.00 12.97 23.93
CA SER E 273 18.71 14.30 24.42
C SER E 273 17.70 14.98 23.50
N GLY E 274 16.88 15.86 24.10
CA GLY E 274 15.88 16.58 23.35
C GLY E 274 14.75 15.74 22.80
N GLN E 275 14.54 14.55 23.35
CA GLN E 275 13.53 13.63 22.84
C GLN E 275 12.28 13.67 23.70
N VAL E 276 11.14 13.38 23.06
CA VAL E 276 9.85 13.24 23.72
C VAL E 276 9.47 11.77 23.68
N ILE E 277 9.32 11.18 24.86
CA ILE E 277 9.11 9.74 24.98
C ILE E 277 7.81 9.52 25.73
N ARG E 278 6.90 8.78 25.10
CA ARG E 278 5.59 8.49 25.65
C ARG E 278 5.64 7.11 26.29
N ALA E 279 5.30 7.02 27.57
CA ALA E 279 5.28 5.75 28.29
C ALA E 279 3.95 5.67 29.03
N ILE E 280 2.94 5.12 28.38
CA ILE E 280 1.59 5.04 28.94
C ILE E 280 1.09 3.61 28.77
N GLY E 281 0.78 2.96 29.88
CA GLY E 281 0.21 1.63 29.89
C GLY E 281 1.10 0.53 29.36
N GLU E 282 0.67 -0.11 28.28
CA GLU E 282 1.38 -1.25 27.73
C GLU E 282 2.52 -0.84 26.81
N HIS E 283 2.55 0.40 26.34
CA HIS E 283 3.37 0.80 25.21
C HIS E 283 4.45 1.81 25.60
N LEU E 284 5.62 1.67 24.98
CA LEU E 284 6.68 2.67 25.01
C LEU E 284 6.87 3.18 23.59
N GLN E 285 6.80 4.50 23.42
CA GLN E 285 6.82 5.10 22.08
C GLN E 285 7.77 6.28 22.03
N LEU E 286 8.51 6.38 20.93
CA LEU E 286 9.28 7.58 20.61
C LEU E 286 8.46 8.45 19.67
N LEU E 287 8.32 9.72 20.02
CA LEU E 287 7.56 10.66 19.20
C LEU E 287 8.50 11.58 18.44
N LYS E 288 8.07 11.99 17.24
CA LYS E 288 8.72 13.07 16.51
C LYS E 288 7.68 14.13 16.19
N GLY E 289 8.16 15.35 15.95
CA GLY E 289 7.34 16.53 16.07
C GLY E 289 6.89 17.10 14.75
N TRP E 290 6.82 18.43 14.69
CA TRP E 290 6.16 19.12 13.59
C TRP E 290 6.95 18.97 12.30
N HIS E 291 6.21 18.77 11.20
CA HIS E 291 6.79 18.44 9.91
C HIS E 291 5.80 18.89 8.84
N PRO E 292 6.26 19.27 7.65
CA PRO E 292 5.33 19.62 6.58
C PRO E 292 4.70 18.39 5.96
N VAL E 293 3.39 18.47 5.76
CA VAL E 293 2.64 17.43 5.04
C VAL E 293 2.13 17.91 3.70
N ALA E 294 2.20 19.21 3.42
CA ALA E 294 1.82 19.75 2.12
C ALA E 294 2.51 21.09 1.96
N SER E 295 3.02 21.35 0.76
CA SER E 295 3.86 22.51 0.54
C SER E 295 3.63 23.03 -0.88
N VAL E 296 3.63 24.34 -1.03
CA VAL E 296 3.43 24.96 -2.34
C VAL E 296 4.27 26.24 -2.39
N SER E 297 4.81 26.53 -3.57
CA SER E 297 5.65 27.70 -3.79
C SER E 297 4.90 28.79 -4.52
N ASN E 298 5.22 30.04 -4.18
CA ASN E 298 4.63 31.19 -4.85
C ASN E 298 5.44 31.67 -6.03
N GLY E 299 6.49 30.95 -6.40
CA GLY E 299 7.30 31.36 -7.53
C GLY E 299 8.09 32.63 -7.31
N GLN E 300 8.44 32.93 -6.06
CA GLN E 300 9.15 34.16 -5.71
C GLN E 300 8.34 35.40 -6.14
N LYS E 301 7.03 35.33 -5.95
CA LYS E 301 6.15 36.47 -6.03
C LYS E 301 5.28 36.47 -4.78
N ARG E 302 4.81 37.65 -4.36
CA ARG E 302 4.00 37.72 -3.16
C ARG E 302 2.70 36.92 -3.33
N TRP E 303 2.23 36.34 -2.23
CA TRP E 303 0.94 35.67 -2.21
C TRP E 303 -0.19 36.68 -2.43
N ASP E 304 -1.25 36.21 -3.06
CA ASP E 304 -2.47 36.99 -3.26
C ASP E 304 -3.58 36.37 -2.43
N ALA E 305 -4.07 37.11 -1.44
CA ALA E 305 -5.11 36.59 -0.56
C ALA E 305 -6.38 36.24 -1.32
N ASN E 306 -6.65 36.93 -2.44
CA ASN E 306 -7.81 36.59 -3.26
C ASN E 306 -7.61 35.32 -4.07
N LYS E 307 -6.41 34.73 -4.07
CA LYS E 307 -6.15 33.46 -4.72
C LYS E 307 -5.84 32.34 -3.74
N LEU E 308 -5.62 32.64 -2.46
CA LEU E 308 -5.16 31.62 -1.53
C LEU E 308 -6.24 30.59 -1.24
N GLY E 309 -7.51 30.96 -1.35
CA GLY E 309 -8.57 30.00 -1.15
C GLY E 309 -8.44 28.81 -2.09
N ALA E 310 -8.25 29.10 -3.39
CA ALA E 310 -8.10 28.02 -4.36
C ALA E 310 -6.80 27.26 -4.15
N ILE E 311 -5.73 27.96 -3.75
CA ILE E 311 -4.45 27.31 -3.51
C ILE E 311 -4.54 26.43 -2.26
N MET E 312 -5.13 26.96 -1.17
CA MET E 312 -5.35 26.15 0.01
C MET E 312 -6.15 24.89 -0.29
N ALA E 313 -7.18 25.00 -1.13
CA ALA E 313 -8.04 23.86 -1.40
C ALA E 313 -7.32 22.81 -2.22
N ALA E 314 -6.64 23.22 -3.29
CA ALA E 314 -6.10 22.25 -4.22
C ALA E 314 -4.70 21.78 -3.86
N ASP E 315 -3.86 22.65 -3.27
CA ASP E 315 -2.46 22.33 -3.06
C ASP E 315 -2.10 22.03 -1.61
N ILE E 316 -2.95 22.38 -0.64
CA ILE E 316 -2.65 22.19 0.78
C ILE E 316 -3.55 21.12 1.40
N PHE E 317 -4.86 21.38 1.45
CA PHE E 317 -5.78 20.47 2.12
C PHE E 317 -6.41 19.44 1.18
N GLY E 318 -6.33 19.64 -0.13
CA GLY E 318 -6.88 18.69 -1.07
C GLY E 318 -8.39 18.62 -1.08
N THR E 319 -9.09 19.70 -0.74
CA THR E 319 -10.54 19.69 -0.78
C THR E 319 -11.09 19.95 -2.18
N ARG E 320 -10.27 20.49 -3.08
CA ARG E 320 -10.61 20.63 -4.49
C ARG E 320 -9.56 19.93 -5.34
N ASN E 321 -9.96 19.45 -6.51
CA ASN E 321 -8.99 18.80 -7.37
C ASN E 321 -8.18 19.83 -8.14
N THR E 322 -6.97 19.42 -8.55
CA THR E 322 -6.09 20.34 -9.26
C THR E 322 -6.36 20.35 -10.75
N GLY E 323 -6.88 19.26 -11.28
CA GLY E 323 -6.99 19.10 -12.72
C GLY E 323 -5.64 18.76 -13.31
N LEU E 324 -5.64 18.57 -14.63
CA LEU E 324 -4.40 18.33 -15.33
C LEU E 324 -3.49 19.54 -15.20
N ARG E 325 -2.24 19.29 -14.82
CA ARG E 325 -1.22 20.34 -14.70
C ARG E 325 0.04 19.86 -15.38
N LEU E 326 0.50 20.60 -16.39
CA LEU E 326 1.68 20.24 -17.18
C LEU E 326 2.93 20.08 -16.32
N THR F 23 -14.89 44.94 -3.96
CA THR F 23 -15.32 44.12 -2.82
C THR F 23 -14.13 43.41 -2.17
N GLY F 24 -13.74 43.86 -0.98
CA GLY F 24 -12.63 43.23 -0.29
C GLY F 24 -13.04 41.99 0.49
N LEU F 25 -12.06 41.09 0.68
CA LEU F 25 -12.29 39.87 1.45
C LEU F 25 -12.82 40.17 2.84
N LEU F 26 -12.32 41.25 3.46
CA LEU F 26 -12.62 41.53 4.86
C LEU F 26 -13.51 42.77 5.03
N ASP F 27 -14.27 43.13 4.00
CA ASP F 27 -15.20 44.24 4.11
C ASP F 27 -16.16 44.01 5.27
N GLY F 28 -16.35 45.05 6.09
CA GLY F 28 -17.23 44.98 7.23
C GLY F 28 -16.62 44.40 8.48
N LYS F 29 -15.38 43.91 8.42
CA LYS F 29 -14.75 43.25 9.56
C LYS F 29 -13.89 44.23 10.35
N VAL F 30 -13.73 43.94 11.65
CA VAL F 30 -12.86 44.69 12.54
C VAL F 30 -11.81 43.72 13.07
N ALA F 31 -10.54 44.09 12.95
CA ALA F 31 -9.43 43.20 13.31
C ALA F 31 -8.48 43.93 14.26
N LEU F 32 -8.03 43.21 15.28
CA LEU F 32 -7.01 43.69 16.21
C LEU F 32 -5.69 42.99 15.93
N VAL F 33 -4.62 43.77 15.75
CA VAL F 33 -3.28 43.22 15.58
C VAL F 33 -2.41 43.78 16.70
N THR F 34 -1.91 42.89 17.56
CA THR F 34 -1.05 43.31 18.66
C THR F 34 0.40 43.37 18.20
N GLY F 35 1.12 44.37 18.70
CA GLY F 35 2.49 44.59 18.25
C GLY F 35 2.61 44.91 16.77
N ALA F 36 1.73 45.76 16.26
CA ALA F 36 1.65 46.07 14.84
C ALA F 36 2.50 47.28 14.44
N GLY F 37 3.41 47.72 15.32
CA GLY F 37 4.21 48.89 15.00
C GLY F 37 5.38 48.64 14.08
N HIS F 38 5.88 47.40 14.01
CA HIS F 38 7.06 47.10 13.21
C HIS F 38 6.92 45.71 12.61
N GLY F 39 7.69 45.47 11.55
CA GLY F 39 7.97 44.11 11.10
C GLY F 39 6.75 43.29 10.73
N ILE F 40 6.74 42.05 11.24
CA ILE F 40 5.71 41.08 10.89
C ILE F 40 4.33 41.62 11.24
N GLY F 41 4.17 42.17 12.45
CA GLY F 41 2.86 42.67 12.86
C GLY F 41 2.39 43.85 12.02
N ARG F 42 3.33 44.73 11.65
CA ARG F 42 2.99 45.82 10.75
C ARG F 42 2.53 45.29 9.40
N GLY F 43 3.22 44.26 8.89
CA GLY F 43 2.79 43.66 7.64
C GLY F 43 1.38 43.09 7.73
N HIS F 44 1.06 42.42 8.84
CA HIS F 44 -0.30 41.92 9.04
C HIS F 44 -1.30 43.07 9.04
N ALA F 45 -1.00 44.13 9.80
CA ALA F 45 -1.93 45.25 9.89
C ALA F 45 -2.18 45.85 8.51
N LEU F 46 -1.13 46.03 7.72
CA LEU F 46 -1.30 46.56 6.38
C LEU F 46 -2.14 45.62 5.52
N GLU F 47 -1.85 44.32 5.58
CA GLU F 47 -2.53 43.38 4.70
C GLU F 47 -4.02 43.30 5.02
N LEU F 48 -4.36 43.20 6.32
CA LEU F 48 -5.78 43.13 6.69
C LEU F 48 -6.53 44.38 6.23
N ALA F 49 -5.93 45.54 6.40
CA ALA F 49 -6.59 46.77 5.97
C ALA F 49 -6.69 46.83 4.46
N LYS F 50 -5.69 46.32 3.75
CA LYS F 50 -5.73 46.32 2.30
C LYS F 50 -6.95 45.56 1.77
N HIS F 51 -7.38 44.52 2.49
CA HIS F 51 -8.51 43.74 2.06
C HIS F 51 -9.82 44.19 2.69
N GLY F 52 -9.86 45.38 3.28
CA GLY F 52 -11.09 46.03 3.67
C GLY F 52 -11.39 46.05 5.16
N ALA F 53 -10.59 45.39 5.99
CA ALA F 53 -10.87 45.39 7.41
C ALA F 53 -10.52 46.74 8.04
N THR F 54 -11.30 47.13 9.04
CA THR F 54 -10.89 48.21 9.93
C THR F 54 -9.94 47.63 10.95
N VAL F 55 -8.69 48.08 10.96
CA VAL F 55 -7.64 47.46 11.74
C VAL F 55 -7.37 48.30 12.99
N ILE F 56 -7.39 47.66 14.15
CA ILE F 56 -6.95 48.27 15.40
C ILE F 56 -5.46 48.00 15.51
N VAL F 57 -4.65 49.04 15.30
CA VAL F 57 -3.20 48.94 15.29
C VAL F 57 -2.72 49.12 16.71
N ASN F 58 -2.38 48.02 17.38
CA ASN F 58 -1.93 48.04 18.77
C ASN F 58 -0.42 47.99 18.85
N ASP F 59 0.15 48.92 19.63
CA ASP F 59 1.58 48.92 19.93
C ASP F 59 1.85 49.93 21.02
N LEU F 60 2.94 49.72 21.76
CA LEU F 60 3.33 50.63 22.83
C LEU F 60 4.50 51.54 22.46
N GLY F 61 5.11 51.34 21.29
CA GLY F 61 6.38 51.98 20.97
C GLY F 61 6.26 53.40 20.42
N THR F 62 7.40 54.09 20.43
CA THR F 62 7.54 55.43 19.89
C THR F 62 8.16 55.37 18.49
N SER F 63 8.04 56.47 17.75
CA SER F 63 8.55 56.53 16.39
C SER F 63 9.88 57.28 16.30
N THR F 69 9.51 61.34 17.61
CA THR F 69 8.30 62.11 17.38
C THR F 69 7.10 61.50 18.11
N GLY F 70 6.22 60.81 17.37
CA GLY F 70 4.96 60.34 17.91
C GLY F 70 4.93 58.84 18.16
N LYS F 71 3.74 58.37 18.57
CA LYS F 71 3.54 56.96 18.87
C LYS F 71 3.51 56.15 17.57
N VAL F 72 4.27 55.04 17.55
CA VAL F 72 4.45 54.32 16.29
C VAL F 72 3.15 53.69 15.81
N ALA F 73 2.23 53.37 16.71
CA ALA F 73 0.94 52.83 16.27
C ALA F 73 0.18 53.87 15.45
N ASP F 74 0.27 55.14 15.84
CA ASP F 74 -0.35 56.20 15.05
C ASP F 74 0.30 56.29 13.67
N GLU F 75 1.63 56.12 13.63
CA GLU F 75 2.34 56.17 12.35
C GLU F 75 1.84 55.07 11.40
N VAL F 76 1.57 53.88 11.93
CA VAL F 76 1.09 52.79 11.09
C VAL F 76 -0.34 53.06 10.64
N VAL F 77 -1.17 53.63 11.51
CA VAL F 77 -2.51 54.04 11.11
C VAL F 77 -2.43 55.01 9.94
N THR F 78 -1.53 55.98 10.00
CA THR F 78 -1.38 56.93 8.90
C THR F 78 -0.96 56.23 7.61
N VAL F 79 -0.04 55.26 7.71
CA VAL F 79 0.36 54.52 6.51
C VAL F 79 -0.82 53.76 5.92
N ILE F 80 -1.61 53.10 6.78
CA ILE F 80 -2.77 52.34 6.31
C ILE F 80 -3.75 53.26 5.59
N GLU F 81 -4.06 54.41 6.21
CA GLU F 81 -5.04 55.33 5.62
C GLU F 81 -4.52 55.92 4.31
N SER F 82 -3.22 56.21 4.25
CA SER F 82 -2.66 56.75 3.02
C SER F 82 -2.79 55.77 1.87
N ARG F 83 -2.93 54.48 2.17
CA ARG F 83 -3.15 53.46 1.15
C ARG F 83 -4.62 53.20 0.89
N GLY F 84 -5.51 53.98 1.47
CA GLY F 84 -6.92 53.85 1.23
C GLY F 84 -7.67 53.00 2.24
N GLY F 85 -7.04 52.64 3.35
CA GLY F 85 -7.64 51.77 4.34
C GLY F 85 -8.19 52.53 5.53
N LYS F 86 -8.73 51.75 6.46
CA LYS F 86 -9.32 52.25 7.70
C LYS F 86 -8.56 51.64 8.87
N ALA F 87 -8.18 52.47 9.84
CA ALA F 87 -7.46 51.93 10.99
C ALA F 87 -7.54 52.92 12.15
N VAL F 88 -7.42 52.39 13.36
CA VAL F 88 -7.33 53.18 14.57
C VAL F 88 -6.22 52.61 15.43
N SER F 89 -5.59 53.47 16.24
CA SER F 89 -4.48 53.04 17.07
C SER F 89 -4.97 52.58 18.44
N ASP F 90 -4.15 51.76 19.09
CA ASP F 90 -4.44 51.28 20.43
C ASP F 90 -3.12 51.07 21.17
N PHE F 91 -3.08 51.48 22.44
CA PHE F 91 -1.85 51.45 23.22
C PHE F 91 -1.98 50.57 24.46
N SER F 92 -2.73 49.48 24.35
CA SER F 92 -2.92 48.60 25.49
C SER F 92 -1.69 47.74 25.68
N ASP F 93 -1.27 47.57 26.93
CA ASP F 93 -0.29 46.56 27.29
C ASP F 93 -1.00 45.21 27.31
N VAL F 94 -0.75 44.36 26.31
CA VAL F 94 -1.52 43.13 26.17
C VAL F 94 -1.25 42.12 27.28
N GLY F 95 -0.18 42.30 28.06
CA GLY F 95 0.02 41.45 29.21
C GLY F 95 -0.84 41.78 30.41
N ASP F 96 -1.56 42.91 30.34
CA ASP F 96 -2.37 43.41 31.45
C ASP F 96 -3.82 43.05 31.22
N GLU F 97 -4.42 42.35 32.19
CA GLU F 97 -5.78 41.84 32.03
C GLU F 97 -6.79 42.96 31.81
N GLU F 98 -6.77 44.00 32.66
CA GLU F 98 -7.81 45.03 32.58
C GLU F 98 -7.71 45.81 31.28
N GLN F 99 -6.49 46.10 30.82
CA GLN F 99 -6.33 46.85 29.58
C GLN F 99 -6.81 46.04 28.38
N VAL F 100 -6.56 44.73 28.40
CA VAL F 100 -7.04 43.88 27.31
C VAL F 100 -8.57 43.87 27.28
N ASP F 101 -9.20 43.69 28.45
CA ASP F 101 -10.65 43.71 28.51
C ASP F 101 -11.19 45.05 28.03
N LEU F 102 -10.49 46.14 28.34
CA LEU F 102 -10.91 47.45 27.89
C LEU F 102 -10.78 47.60 26.37
N ALA F 103 -9.70 47.06 25.80
CA ALA F 103 -9.50 47.17 24.36
C ALA F 103 -10.60 46.47 23.59
N VAL F 104 -11.04 45.30 24.07
CA VAL F 104 -12.11 44.59 23.39
C VAL F 104 -13.43 45.32 23.59
N GLU F 105 -13.68 45.84 24.80
CA GLU F 105 -14.88 46.65 25.01
C GLU F 105 -14.88 47.88 24.12
N ARG F 106 -13.73 48.57 24.00
CA ARG F 106 -13.64 49.73 23.13
CA ARG F 106 -13.63 49.73 23.13
C ARG F 106 -13.93 49.36 21.68
N ALA F 107 -13.53 48.16 21.27
CA ALA F 107 -13.79 47.72 19.90
C ALA F 107 -15.28 47.55 19.66
N TYR F 108 -15.99 46.93 20.62
CA TYR F 108 -17.41 46.72 20.45
C TYR F 108 -18.18 48.03 20.49
N SER F 109 -17.83 48.94 21.41
CA SER F 109 -18.60 50.17 21.55
C SER F 109 -18.32 51.15 20.42
N GLN F 110 -17.07 51.24 19.97
CA GLN F 110 -16.72 52.22 18.94
C GLN F 110 -16.85 51.67 17.54
N LEU F 111 -16.61 50.37 17.34
CA LEU F 111 -16.60 49.79 16.01
C LEU F 111 -17.65 48.70 15.82
N GLY F 112 -18.44 48.40 16.85
CA GLY F 112 -19.55 47.47 16.70
C GLY F 112 -19.23 46.05 17.11
N ARG F 113 -18.02 45.59 16.82
CA ARG F 113 -17.67 44.20 17.02
C ARG F 113 -16.17 44.05 16.85
N LEU F 114 -15.62 42.93 17.35
CA LEU F 114 -14.24 42.54 17.09
C LEU F 114 -14.27 41.15 16.46
N ASP F 115 -14.01 41.08 15.16
CA ASP F 115 -14.13 39.82 14.44
C ASP F 115 -12.84 39.02 14.44
N ILE F 116 -11.69 39.69 14.44
CA ILE F 116 -10.39 39.06 14.18
C ILE F 116 -9.40 39.54 15.23
N VAL F 117 -8.65 38.60 15.79
CA VAL F 117 -7.53 38.92 16.68
C VAL F 117 -6.28 38.23 16.13
N VAL F 118 -5.27 39.02 15.80
CA VAL F 118 -3.97 38.49 15.40
C VAL F 118 -3.00 38.76 16.54
N ASN F 119 -2.66 37.71 17.30
CA ASN F 119 -1.74 37.84 18.43
C ASN F 119 -0.32 37.78 17.89
N ASN F 120 0.33 38.95 17.81
CA ASN F 120 1.70 39.05 17.31
C ASN F 120 2.66 39.76 18.27
N ALA F 121 2.16 40.52 19.24
CA ALA F 121 3.03 41.22 20.17
C ALA F 121 4.02 40.26 20.84
N GLY F 122 5.26 40.71 20.95
CA GLY F 122 6.29 39.89 21.55
C GLY F 122 7.58 40.67 21.67
N ILE F 123 8.49 40.13 22.49
CA ILE F 123 9.84 40.63 22.63
C ILE F 123 10.77 39.43 22.68
N VAL F 124 12.06 39.71 22.51
CA VAL F 124 13.08 38.67 22.61
C VAL F 124 14.10 39.11 23.66
N ARG F 125 14.56 38.14 24.45
CA ARG F 125 15.62 38.34 25.40
C ARG F 125 16.51 37.10 25.28
N ASP F 126 17.28 37.06 24.20
CA ASP F 126 18.10 35.89 23.90
C ASP F 126 19.31 35.87 24.82
N LYS F 127 19.52 34.71 25.46
CA LYS F 127 20.67 34.42 26.30
C LYS F 127 20.66 32.93 26.59
N ALA F 128 21.84 32.35 26.72
CA ALA F 128 21.91 31.00 27.28
C ALA F 128 21.31 31.02 28.68
N ILE F 129 20.71 29.89 29.08
CA ILE F 129 19.89 29.91 30.29
C ILE F 129 20.72 30.30 31.51
N TRP F 130 22.00 29.93 31.54
CA TRP F 130 22.83 30.24 32.71
C TRP F 130 23.12 31.73 32.84
N ASN F 131 22.93 32.50 31.77
CA ASN F 131 23.06 33.95 31.78
C ASN F 131 21.71 34.65 31.77
N MET F 132 20.62 33.90 31.83
CA MET F 132 19.28 34.46 31.69
C MET F 132 18.68 34.74 33.07
N THR F 133 18.11 35.93 33.22
CA THR F 133 17.45 36.32 34.46
C THR F 133 15.99 35.86 34.45
N VAL F 134 15.40 35.79 35.65
CA VAL F 134 13.99 35.45 35.77
C VAL F 134 13.12 36.50 35.09
N ASP F 135 13.57 37.75 35.07
CA ASP F 135 12.81 38.78 34.37
CA ASP F 135 12.82 38.79 34.37
C ASP F 135 12.86 38.57 32.86
N ASP F 136 14.02 38.11 32.34
CA ASP F 136 14.10 37.77 30.92
C ASP F 136 13.11 36.68 30.57
N PHE F 137 12.96 35.69 31.45
CA PHE F 137 12.02 34.60 31.22
C PHE F 137 10.59 35.08 31.41
N ASP F 138 10.30 35.72 32.56
CA ASP F 138 8.93 36.11 32.87
C ASP F 138 8.36 37.04 31.82
N LEU F 139 9.14 38.03 31.38
CA LEU F 139 8.60 39.03 30.46
C LEU F 139 8.25 38.40 29.11
N VAL F 140 9.12 37.51 28.62
CA VAL F 140 8.85 36.86 27.33
C VAL F 140 7.61 35.97 27.43
N MET F 141 7.49 35.20 28.52
CA MET F 141 6.29 34.38 28.71
C MET F 141 5.04 35.24 28.86
N ARG F 142 5.16 36.41 29.49
CA ARG F 142 3.99 37.23 29.75
C ARG F 142 3.43 37.81 28.45
N VAL F 143 4.27 38.44 27.65
CA VAL F 143 3.80 39.11 26.45
C VAL F 143 3.26 38.11 25.43
N HIS F 144 4.00 37.02 25.20
CA HIS F 144 3.64 36.06 24.16
C HIS F 144 2.43 35.22 24.57
N VAL F 145 2.52 34.53 25.71
CA VAL F 145 1.50 33.55 26.08
C VAL F 145 0.35 34.19 26.84
N ARG F 146 0.63 34.92 27.91
CA ARG F 146 -0.45 35.55 28.67
C ARG F 146 -1.20 36.54 27.79
N GLY F 147 -0.48 37.32 26.98
CA GLY F 147 -1.15 38.26 26.10
C GLY F 147 -2.08 37.57 25.12
N SER F 148 -1.59 36.49 24.51
CA SER F 148 -2.42 35.75 23.56
C SER F 148 -3.57 35.05 24.26
N TRP F 149 -3.36 34.59 25.49
CA TRP F 149 -4.46 33.98 26.26
C TRP F 149 -5.48 35.04 26.65
N LEU F 150 -5.01 36.22 27.06
CA LEU F 150 -5.92 37.27 27.52
C LEU F 150 -6.84 37.76 26.41
N THR F 151 -6.29 38.07 25.24
CA THR F 151 -7.13 38.53 24.14
C THR F 151 -8.08 37.43 23.69
N SER F 152 -7.62 36.18 23.68
CA SER F 152 -8.50 35.07 23.29
C SER F 152 -9.68 34.93 24.25
N ARG F 153 -9.41 34.95 25.56
CA ARG F 153 -10.50 34.84 26.52
C ARG F 153 -11.49 35.99 26.36
N ALA F 154 -10.98 37.21 26.12
CA ALA F 154 -11.85 38.37 26.02
C ALA F 154 -12.82 38.25 24.85
N VAL F 155 -12.30 37.89 23.66
CA VAL F 155 -13.20 37.77 22.51
C VAL F 155 -14.06 36.53 22.62
N ALA F 156 -13.52 35.44 23.18
CA ALA F 156 -14.32 34.23 23.36
C ALA F 156 -15.56 34.51 24.19
N ARG F 157 -15.41 35.28 25.27
CA ARG F 157 -16.56 35.65 26.09
C ARG F 157 -17.58 36.44 25.29
N LYS F 158 -17.13 37.44 24.51
CA LYS F 158 -18.05 38.23 23.71
C LYS F 158 -18.73 37.37 22.65
N TRP F 159 -17.94 36.59 21.92
CA TRP F 159 -18.52 35.78 20.85
C TRP F 159 -19.48 34.74 21.40
N ARG F 160 -19.12 34.11 22.52
CA ARG F 160 -20.00 33.10 23.08
C ARG F 160 -21.30 33.73 23.59
N ALA F 161 -21.23 34.94 24.16
CA ALA F 161 -22.44 35.63 24.57
C ALA F 161 -23.35 35.92 23.39
N GLU F 162 -22.77 36.37 22.27
CA GLU F 162 -23.58 36.63 21.08
C GLU F 162 -24.20 35.36 20.52
N SER F 163 -23.47 34.25 20.58
CA SER F 163 -23.98 33.00 20.03
C SER F 163 -25.14 32.47 20.86
N LYS F 164 -25.07 32.61 22.18
CA LYS F 164 -26.16 32.16 23.04
C LYS F 164 -27.42 32.99 22.82
N GLU F 165 -27.27 34.30 22.62
CA GLU F 165 -28.44 35.15 22.42
C GLU F 165 -29.13 34.84 21.09
N SER F 166 -28.36 34.70 20.01
CA SER F 166 -28.96 34.45 18.72
C SER F 166 -29.30 32.98 18.52
N GLY F 167 -28.73 32.10 19.33
CA GLY F 167 -28.92 30.68 19.12
C GLY F 167 -28.27 30.13 17.88
N ALA F 168 -27.39 30.90 17.24
CA ALA F 168 -26.73 30.49 16.02
C ALA F 168 -25.23 30.74 16.14
N LYS F 169 -24.47 30.17 15.21
CA LYS F 169 -23.04 30.39 15.17
C LYS F 169 -22.74 31.84 14.80
N VAL F 170 -21.56 32.31 15.22
CA VAL F 170 -21.13 33.68 14.98
C VAL F 170 -19.78 33.66 14.27
N TYR F 171 -19.34 34.85 13.88
CA TYR F 171 -18.05 35.00 13.23
C TYR F 171 -16.96 35.22 14.26
N GLY F 172 -15.84 34.52 14.06
CA GLY F 172 -14.69 34.68 14.93
C GLY F 172 -13.42 34.13 14.32
N ARG F 173 -12.34 34.89 14.43
CA ARG F 173 -11.04 34.45 13.95
C ARG F 173 -9.98 34.84 14.96
N ILE F 174 -9.18 33.87 15.38
CA ILE F 174 -7.97 34.12 16.15
C ILE F 174 -6.81 33.50 15.40
N ILE F 175 -5.80 34.31 15.11
CA ILE F 175 -4.55 33.82 14.52
C ILE F 175 -3.44 34.14 15.53
N ASN F 176 -2.84 33.09 16.09
CA ASN F 176 -1.70 33.23 16.98
C ASN F 176 -0.40 33.09 16.18
N THR F 177 0.72 33.40 16.84
CA THR F 177 2.02 33.45 16.18
C THR F 177 3.00 32.55 16.92
N THR F 178 3.47 31.50 16.25
CA THR F 178 4.55 30.67 16.75
C THR F 178 5.79 30.93 15.89
N SER F 179 6.82 30.09 16.06
CA SER F 179 8.03 30.23 15.27
C SER F 179 8.78 28.90 15.28
N GLY F 180 9.81 28.83 14.42
CA GLY F 180 10.61 27.62 14.35
C GLY F 180 11.22 27.23 15.68
N ALA F 181 11.73 28.20 16.42
CA ALA F 181 12.25 27.91 17.75
C ALA F 181 11.17 27.35 18.66
N GLY F 182 9.92 27.75 18.45
CA GLY F 182 8.84 27.19 19.24
C GLY F 182 8.53 25.75 18.91
N LEU F 183 8.78 25.33 17.67
CA LEU F 183 8.51 23.95 17.27
C LEU F 183 9.71 23.04 17.44
N HIS F 184 10.92 23.58 17.47
CA HIS F 184 12.12 22.75 17.45
C HIS F 184 13.19 23.16 18.45
N GLY F 185 13.03 24.28 19.15
CA GLY F 185 14.06 24.75 20.04
C GLY F 185 15.18 25.46 19.29
N HIS F 186 15.90 26.30 20.04
CA HIS F 186 17.01 27.03 19.45
C HIS F 186 17.91 27.52 20.58
N PHE F 187 19.21 27.34 20.41
CA PHE F 187 20.20 27.75 21.41
C PHE F 187 19.99 29.21 21.81
N GLY F 188 19.98 29.46 23.12
CA GLY F 188 19.85 30.80 23.63
C GLY F 188 18.44 31.32 23.74
N GLN F 189 17.43 30.46 23.59
CA GLN F 189 16.05 30.94 23.52
C GLN F 189 15.14 30.05 24.34
N THR F 190 15.59 29.68 25.55
CA THR F 190 14.74 28.88 26.43
C THR F 190 13.41 29.56 26.70
N ASN F 191 13.41 30.89 26.82
CA ASN F 191 12.16 31.60 27.07
C ASN F 191 11.31 31.73 25.80
N TYR F 192 11.92 32.19 24.70
CA TYR F 192 11.15 32.40 23.47
C TYR F 192 10.65 31.07 22.91
N SER F 193 11.48 30.02 22.96
CA SER F 193 11.04 28.71 22.49
C SER F 193 9.91 28.16 23.34
N ALA F 194 10.01 28.30 24.67
CA ALA F 194 8.92 27.85 25.53
C ALA F 194 7.63 28.60 25.20
N ALA F 195 7.73 29.92 24.99
CA ALA F 195 6.55 30.72 24.69
C ALA F 195 5.92 30.32 23.36
N LYS F 196 6.74 30.20 22.30
CA LYS F 196 6.19 29.90 20.99
C LYS F 196 5.68 28.47 20.91
N ALA F 197 6.21 27.56 21.74
CA ALA F 197 5.64 26.23 21.84
C ALA F 197 4.29 26.29 22.56
N ALA F 198 4.22 27.02 23.67
CA ALA F 198 2.98 27.15 24.43
C ALA F 198 1.82 27.62 23.56
N ILE F 199 2.11 28.52 22.61
CA ILE F 199 1.07 29.09 21.76
C ILE F 199 0.44 28.04 20.87
N VAL F 200 1.21 27.01 20.49
CA VAL F 200 0.65 25.93 19.67
C VAL F 200 -0.41 25.17 20.46
N GLY F 201 -0.07 24.78 21.69
CA GLY F 201 -1.04 24.11 22.53
C GLY F 201 -2.25 24.98 22.84
N LEU F 202 -2.02 26.28 23.07
CA LEU F 202 -3.12 27.22 23.24
C LEU F 202 -4.00 27.27 22.00
N THR F 203 -3.38 27.27 20.82
CA THR F 203 -4.15 27.29 19.57
C THR F 203 -4.96 26.02 19.39
N GLN F 204 -4.32 24.86 19.57
CA GLN F 204 -5.03 23.60 19.43
C GLN F 204 -6.21 23.53 20.39
N THR F 205 -6.02 23.98 21.63
CA THR F 205 -7.09 23.91 22.62
C THR F 205 -8.20 24.89 22.30
N LEU F 206 -7.86 26.14 21.94
CA LEU F 206 -8.88 27.14 21.64
C LEU F 206 -9.73 26.73 20.46
N SER F 207 -9.13 26.08 19.46
CA SER F 207 -9.90 25.57 18.33
C SER F 207 -11.01 24.64 18.81
N LEU F 208 -10.67 23.71 19.70
CA LEU F 208 -11.67 22.78 20.21
C LEU F 208 -12.72 23.49 21.07
N GLU F 209 -12.30 24.47 21.86
CA GLU F 209 -13.26 25.11 22.76
C GLU F 209 -14.21 26.05 22.01
N LEU F 210 -13.75 26.68 20.93
CA LEU F 210 -14.57 27.65 20.21
C LEU F 210 -15.23 27.08 18.97
N ALA F 211 -15.03 25.79 18.67
CA ALA F 211 -15.57 25.23 17.43
C ALA F 211 -17.08 25.36 17.34
N SER F 212 -17.79 25.09 18.44
CA SER F 212 -19.25 24.98 18.39
C SER F 212 -19.93 26.33 18.11
N ILE F 213 -19.30 27.45 18.47
CA ILE F 213 -19.91 28.75 18.18
C ILE F 213 -19.47 29.31 16.84
N GLY F 214 -18.55 28.64 16.14
CA GLY F 214 -18.22 28.98 14.78
C GLY F 214 -16.94 29.76 14.57
N ALA F 215 -16.20 30.08 15.64
CA ALA F 215 -14.94 30.79 15.50
C ALA F 215 -13.81 29.80 15.26
N THR F 216 -12.79 30.25 14.51
CA THR F 216 -11.61 29.45 14.26
C THR F 216 -10.39 30.06 14.93
N VAL F 217 -9.43 29.19 15.26
CA VAL F 217 -8.19 29.59 15.92
C VAL F 217 -7.06 28.85 15.22
N ASN F 218 -6.17 29.59 14.57
CA ASN F 218 -5.03 28.98 13.90
C ASN F 218 -3.75 29.67 14.34
N ALA F 219 -2.63 29.05 13.99
CA ALA F 219 -1.30 29.56 14.33
C ALA F 219 -0.49 29.70 13.04
N ILE F 220 0.06 30.90 12.83
CA ILE F 220 0.95 31.17 11.70
C ILE F 220 2.39 31.05 12.20
N SER F 221 3.28 30.53 11.34
CA SER F 221 4.71 30.52 11.62
C SER F 221 5.36 31.38 10.54
N PRO F 222 5.57 32.67 10.81
CA PRO F 222 5.93 33.62 9.74
C PRO F 222 7.41 33.87 9.53
N GLY F 223 8.29 33.43 10.43
CA GLY F 223 9.72 33.64 10.23
C GLY F 223 10.20 35.02 10.67
N PRO F 238 16.78 47.68 9.90
CA PRO F 238 15.34 47.52 10.12
C PRO F 238 14.48 48.20 9.05
N ILE F 239 14.36 47.56 7.88
CA ILE F 239 13.56 48.09 6.78
C ILE F 239 12.13 47.60 6.94
N GLU F 240 11.19 48.54 7.06
CA GLU F 240 9.81 48.17 7.31
C GLU F 240 9.15 47.62 6.05
N PRO F 241 8.16 46.73 6.20
CA PRO F 241 7.50 46.17 5.00
C PRO F 241 6.92 47.21 4.05
N ASP F 242 6.28 48.25 4.59
CA ASP F 242 5.60 49.22 3.74
C ASP F 242 6.56 50.07 2.91
N GLU F 243 7.86 50.04 3.21
CA GLU F 243 8.86 50.72 2.38
C GLU F 243 9.55 49.78 1.40
N ARG F 244 9.16 48.50 1.39
CA ARG F 244 9.74 47.51 0.49
C ARG F 244 8.76 47.13 -0.63
N GLU F 248 9.43 44.23 -5.20
CA GLU F 248 10.40 43.14 -5.34
C GLU F 248 10.03 41.96 -4.42
N PHE F 249 10.76 40.85 -4.59
CA PHE F 249 10.62 39.70 -3.72
C PHE F 249 11.93 39.48 -2.97
N ASP F 250 11.87 39.60 -1.65
CA ASP F 250 12.99 39.32 -0.76
C ASP F 250 12.60 38.17 0.15
N PRO F 251 13.33 37.05 0.16
CA PRO F 251 12.94 35.92 1.03
C PRO F 251 12.95 36.26 2.52
N LYS F 252 13.56 37.37 2.92
CA LYS F 252 13.60 37.78 4.32
C LYS F 252 12.52 38.80 4.67
N ASP F 253 11.69 39.19 3.71
CA ASP F 253 10.60 40.14 3.90
C ASP F 253 9.68 39.67 5.05
N PRO F 254 9.47 40.50 6.08
CA PRO F 254 8.64 40.05 7.21
C PRO F 254 7.16 39.96 6.88
N SER F 255 6.70 40.51 5.77
CA SER F 255 5.29 40.53 5.43
C SER F 255 4.88 39.45 4.45
N LEU F 256 5.77 38.51 4.13
CA LEU F 256 5.44 37.52 3.10
C LEU F 256 4.32 36.58 3.54
N GLY F 257 4.19 36.34 4.85
CA GLY F 257 3.08 35.55 5.33
C GLY F 257 1.83 36.34 5.60
N SER F 258 1.89 37.66 5.50
CA SER F 258 0.72 38.48 5.82
C SER F 258 -0.49 38.17 4.97
N PRO F 259 -0.40 37.95 3.65
CA PRO F 259 -1.60 37.53 2.92
C PRO F 259 -2.21 36.25 3.45
N VAL F 260 -1.40 35.33 3.94
CA VAL F 260 -1.93 34.10 4.52
C VAL F 260 -2.71 34.41 5.79
N VAL F 261 -2.19 35.31 6.63
CA VAL F 261 -2.92 35.75 7.82
C VAL F 261 -4.25 36.36 7.43
N ALA F 262 -4.25 37.21 6.38
CA ALA F 262 -5.49 37.82 5.93
C ALA F 262 -6.50 36.79 5.46
N TRP F 263 -6.04 35.79 4.70
CA TRP F 263 -6.99 34.79 4.20
C TRP F 263 -7.56 33.95 5.33
N LEU F 264 -6.70 33.56 6.29
CA LEU F 264 -7.17 32.79 7.43
C LEU F 264 -8.23 33.56 8.22
N ALA F 265 -8.19 34.89 8.16
CA ALA F 265 -9.17 35.71 8.84
C ALA F 265 -10.46 35.92 8.05
N SER F 266 -10.55 35.38 6.84
CA SER F 266 -11.64 35.68 5.92
C SER F 266 -12.76 34.66 6.02
N PRO F 267 -13.94 34.99 5.48
CA PRO F 267 -15.03 34.00 5.42
C PRO F 267 -14.69 32.76 4.60
N GLU F 268 -13.64 32.80 3.79
CA GLU F 268 -13.28 31.61 3.01
C GLU F 268 -12.63 30.52 3.86
N ALA F 269 -12.14 30.85 5.06
CA ALA F 269 -11.37 29.91 5.86
C ALA F 269 -12.11 29.45 7.11
N GLY F 270 -13.44 29.49 7.09
CA GLY F 270 -14.20 29.11 8.27
C GLY F 270 -14.13 27.63 8.62
N HIS F 271 -13.63 26.78 7.73
CA HIS F 271 -13.56 25.36 7.96
C HIS F 271 -12.19 24.91 8.46
N ILE F 272 -11.29 25.86 8.71
CA ILE F 272 -9.92 25.57 9.11
C ILE F 272 -9.70 26.08 10.53
N SER F 273 -9.30 25.18 11.43
CA SER F 273 -9.08 25.54 12.82
C SER F 273 -8.06 24.61 13.45
N GLY F 274 -7.30 25.14 14.41
CA GLY F 274 -6.29 24.38 15.11
C GLY F 274 -5.10 24.00 14.28
N GLN F 275 -4.86 24.68 13.15
CA GLN F 275 -3.79 24.31 12.24
C GLN F 275 -2.57 25.19 12.47
N VAL F 276 -1.40 24.63 12.18
CA VAL F 276 -0.14 25.35 12.20
C VAL F 276 0.32 25.49 10.76
N ILE F 277 0.42 26.72 10.28
CA ILE F 277 0.69 26.98 8.88
C ILE F 277 1.97 27.80 8.79
N ARG F 278 2.94 27.27 8.05
CA ARG F 278 4.25 27.89 7.89
C ARG F 278 4.26 28.68 6.58
N ALA F 279 4.56 29.96 6.66
CA ALA F 279 4.61 30.84 5.49
C ALA F 279 5.91 31.63 5.58
N ILE F 280 6.97 31.08 5.00
CA ILE F 280 8.30 31.67 5.09
C ILE F 280 8.90 31.74 3.69
N GLY F 281 9.19 32.96 3.25
CA GLY F 281 9.84 33.16 1.97
C GLY F 281 8.95 32.72 0.82
N GLU F 282 9.46 31.75 0.08
CA GLU F 282 8.82 31.27 -1.14
C GLU F 282 7.71 30.26 -0.90
N HIS F 283 7.67 29.65 0.29
CA HIS F 283 6.88 28.44 0.51
C HIS F 283 5.74 28.67 1.48
N LEU F 284 4.62 28.02 1.21
CA LEU F 284 3.50 27.91 2.13
C LEU F 284 3.32 26.44 2.48
N GLN F 285 3.34 26.12 3.77
CA GLN F 285 3.33 24.73 4.18
C GLN F 285 2.31 24.50 5.30
N LEU F 286 1.61 23.38 5.20
CA LEU F 286 0.80 22.87 6.29
C LEU F 286 1.63 21.88 7.09
N LEU F 287 1.68 22.10 8.41
CA LEU F 287 2.42 21.22 9.30
C LEU F 287 1.45 20.35 10.08
N LYS F 288 1.91 19.14 10.41
CA LYS F 288 1.24 18.29 11.37
C LYS F 288 2.23 17.92 12.47
N GLY F 289 1.71 17.55 13.63
CA GLY F 289 2.50 17.61 14.86
C GLY F 289 3.02 16.27 15.31
N TRP F 290 3.05 16.10 16.62
CA TRP F 290 3.74 14.99 17.25
C TRP F 290 3.04 13.67 16.95
N HIS F 291 3.85 12.64 16.70
CA HIS F 291 3.36 11.34 16.24
C HIS F 291 4.38 10.29 16.64
N PRO F 292 3.95 9.05 16.90
CA PRO F 292 4.91 7.99 17.21
C PRO F 292 5.65 7.54 15.95
N VAL F 293 6.97 7.39 16.08
CA VAL F 293 7.78 6.84 14.99
C VAL F 293 8.35 5.47 15.33
N ALA F 294 8.22 5.02 16.57
CA ALA F 294 8.63 3.69 17.00
C ALA F 294 7.87 3.35 18.28
N SER F 295 7.42 2.10 18.39
CA SER F 295 6.55 1.72 19.49
C SER F 295 6.83 0.27 19.87
N VAL F 296 6.84 -0.01 21.17
CA VAL F 296 7.10 -1.35 21.67
C VAL F 296 6.26 -1.60 22.92
N SER F 297 5.83 -2.85 23.08
CA SER F 297 4.98 -3.28 24.18
C SER F 297 5.78 -4.05 25.23
N ASN F 298 5.38 -3.93 26.48
CA ASN F 298 6.01 -4.64 27.58
C ASN F 298 5.36 -5.98 27.88
N GLY F 299 4.40 -6.41 27.06
CA GLY F 299 3.73 -7.67 27.29
C GLY F 299 2.88 -7.67 28.53
N GLN F 300 2.39 -6.51 28.94
CA GLN F 300 1.61 -6.33 30.17
C GLN F 300 2.39 -6.79 31.39
N LYS F 301 3.68 -6.48 31.41
CA LYS F 301 4.53 -6.58 32.58
C LYS F 301 5.26 -5.26 32.76
N ARG F 302 5.65 -4.96 34.00
CA ARG F 302 6.33 -3.70 34.25
C ARG F 302 7.66 -3.64 33.50
N TRP F 303 8.02 -2.44 33.05
CA TRP F 303 9.33 -2.24 32.43
C TRP F 303 10.44 -2.47 33.45
N ASP F 304 11.57 -2.95 32.96
CA ASP F 304 12.76 -3.17 33.78
C ASP F 304 13.86 -2.23 33.30
N ALA F 305 14.26 -1.28 34.15
CA ALA F 305 15.26 -0.31 33.75
C ALA F 305 16.59 -0.96 33.43
N ASN F 306 16.88 -2.11 34.02
CA ASN F 306 18.11 -2.82 33.71
C ASN F 306 18.07 -3.54 32.36
N LYS F 307 16.90 -3.61 31.73
CA LYS F 307 16.77 -4.18 30.40
C LYS F 307 16.40 -3.14 29.34
N LEU F 308 16.07 -1.91 29.75
CA LEU F 308 15.54 -0.91 28.81
C LEU F 308 16.59 -0.43 27.83
N GLY F 309 17.87 -0.46 28.21
CA GLY F 309 18.93 -0.04 27.29
C GLY F 309 18.90 -0.84 26.00
N ALA F 310 18.79 -2.17 26.12
CA ALA F 310 18.73 -3.01 24.93
C ALA F 310 17.44 -2.79 24.16
N ILE F 311 16.33 -2.53 24.85
CA ILE F 311 15.05 -2.28 24.17
C ILE F 311 15.09 -0.94 23.44
N MET F 312 15.58 0.11 24.12
CA MET F 312 15.74 1.40 23.47
C MET F 312 16.59 1.30 22.21
N ALA F 313 17.67 0.52 22.25
CA ALA F 313 18.57 0.45 21.12
C ALA F 313 17.92 -0.28 19.94
N ALA F 314 17.28 -1.42 20.20
CA ALA F 314 16.79 -2.26 19.12
C ALA F 314 15.38 -1.92 18.68
N ASP F 315 14.51 -1.48 19.60
CA ASP F 315 13.10 -1.31 19.29
C ASP F 315 12.67 0.13 19.13
N ILE F 316 13.46 1.10 19.61
CA ILE F 316 13.06 2.50 19.58
C ILE F 316 13.94 3.29 18.61
N PHE F 317 15.23 3.41 18.93
CA PHE F 317 16.12 4.25 18.15
C PHE F 317 16.83 3.50 17.03
N GLY F 318 16.82 2.17 17.05
CA GLY F 318 17.44 1.42 15.98
C GLY F 318 18.95 1.48 15.95
N THR F 319 19.60 1.68 17.10
CA THR F 319 21.05 1.69 17.11
C THR F 319 21.61 0.27 17.21
N ARG F 320 20.80 -0.70 17.61
CA ARG F 320 21.17 -2.10 17.57
C ARG F 320 20.15 -2.87 16.73
N ASN F 321 20.60 -3.97 16.14
CA ASN F 321 19.71 -4.78 15.31
C ASN F 321 18.89 -5.73 16.17
N THR F 322 17.73 -6.12 15.65
CA THR F 322 16.84 -7.01 16.38
C THR F 322 17.17 -8.48 16.15
N GLY F 323 17.74 -8.80 14.99
CA GLY F 323 17.88 -10.18 14.58
C GLY F 323 16.55 -10.74 14.11
N LEU F 324 16.59 -12.00 13.68
CA LEU F 324 15.37 -12.69 13.29
C LEU F 324 14.44 -12.82 14.49
N ARG F 325 13.17 -12.47 14.31
CA ARG F 325 12.17 -12.57 15.38
C ARG F 325 10.91 -13.26 14.86
N LEU F 326 10.82 -14.57 15.11
CA LEU F 326 9.62 -15.34 14.77
C LEU F 326 8.72 -15.46 15.99
N THR G 23 -4.87 -29.11 -18.98
CA THR G 23 -5.75 -29.97 -19.78
C THR G 23 -6.91 -30.52 -18.97
N GLY G 24 -8.11 -30.04 -19.28
CA GLY G 24 -9.29 -30.50 -18.60
C GLY G 24 -9.83 -31.81 -19.15
N LEU G 25 -10.56 -32.51 -18.29
CA LEU G 25 -11.19 -33.77 -18.64
C LEU G 25 -12.03 -33.65 -19.89
N LEU G 26 -12.73 -32.53 -20.05
CA LEU G 26 -13.70 -32.36 -21.12
C LEU G 26 -13.23 -31.37 -22.19
N ASP G 27 -11.91 -31.18 -22.32
CA ASP G 27 -11.38 -30.31 -23.37
C ASP G 27 -11.88 -30.76 -24.73
N GLY G 28 -12.33 -29.79 -25.53
CA GLY G 28 -12.78 -30.07 -26.88
C GLY G 28 -14.21 -30.55 -26.99
N LYS G 29 -14.89 -30.77 -25.87
CA LYS G 29 -16.25 -31.29 -25.85
C LYS G 29 -17.25 -30.13 -25.74
N VAL G 30 -18.45 -30.37 -26.25
CA VAL G 30 -19.57 -29.44 -26.16
C VAL G 30 -20.68 -30.14 -25.39
N ALA G 31 -21.21 -29.46 -24.38
CA ALA G 31 -22.22 -30.05 -23.50
C ALA G 31 -23.44 -29.14 -23.42
N LEU G 32 -24.62 -29.74 -23.48
CA LEU G 32 -25.87 -29.05 -23.25
C LEU G 32 -26.40 -29.42 -21.86
N VAL G 33 -26.73 -28.42 -21.07
CA VAL G 33 -27.36 -28.64 -19.77
C VAL G 33 -28.70 -27.94 -19.78
N THR G 34 -29.79 -28.71 -19.66
CA THR G 34 -31.13 -28.13 -19.66
C THR G 34 -31.50 -27.74 -18.22
N GLY G 35 -32.22 -26.62 -18.10
CA GLY G 35 -32.56 -26.07 -16.80
C GLY G 35 -31.35 -25.68 -15.98
N ALA G 36 -30.35 -25.06 -16.61
CA ALA G 36 -29.08 -24.73 -15.94
C ALA G 36 -29.08 -23.32 -15.36
N GLY G 37 -30.22 -22.67 -15.24
CA GLY G 37 -30.26 -21.31 -14.72
C GLY G 37 -30.15 -21.20 -13.23
N HIS G 38 -30.50 -22.26 -12.50
CA HIS G 38 -30.50 -22.23 -11.04
C HIS G 38 -30.09 -23.60 -10.51
N GLY G 39 -29.63 -23.59 -9.25
CA GLY G 39 -29.55 -24.81 -8.46
C GLY G 39 -28.68 -25.88 -9.06
N ILE G 40 -29.21 -27.11 -9.05
CA ILE G 40 -28.45 -28.28 -9.48
C ILE G 40 -27.94 -28.11 -10.90
N GLY G 41 -28.81 -27.68 -11.82
CA GLY G 41 -28.40 -27.55 -13.21
C GLY G 41 -27.31 -26.52 -13.39
N ARG G 42 -27.40 -25.41 -12.65
CA ARG G 42 -26.35 -24.41 -12.67
C ARG G 42 -25.03 -24.98 -12.17
N GLY G 43 -25.08 -25.82 -11.14
CA GLY G 43 -23.88 -26.50 -10.67
C GLY G 43 -23.27 -27.38 -11.74
N HIS G 44 -24.12 -28.13 -12.45
CA HIS G 44 -23.63 -28.94 -13.57
C HIS G 44 -22.96 -28.06 -14.62
N ALA G 45 -23.63 -26.97 -15.00
CA ALA G 45 -23.07 -26.11 -16.04
C ALA G 45 -21.70 -25.57 -15.63
N LEU G 46 -21.57 -25.11 -14.38
CA LEU G 46 -20.28 -24.63 -13.90
C LEU G 46 -19.23 -25.73 -13.93
N GLU G 47 -19.61 -26.93 -13.47
CA GLU G 47 -18.63 -28.00 -13.34
C GLU G 47 -18.10 -28.46 -14.69
N LEU G 48 -18.99 -28.65 -15.67
CA LEU G 48 -18.55 -29.09 -16.99
C LEU G 48 -17.64 -28.04 -17.62
N ALA G 49 -17.97 -26.76 -17.45
CA ALA G 49 -17.13 -25.70 -18.00
C ALA G 49 -15.78 -25.61 -17.28
N LYS G 50 -15.77 -25.87 -15.96
CA LYS G 50 -14.52 -25.88 -15.22
C LYS G 50 -13.55 -26.91 -15.80
N HIS G 51 -14.07 -28.01 -16.33
CA HIS G 51 -13.26 -29.08 -16.88
C HIS G 51 -13.06 -28.97 -18.40
N GLY G 52 -13.37 -27.81 -19.00
CA GLY G 52 -12.97 -27.50 -20.35
C GLY G 52 -14.05 -27.59 -21.40
N ALA G 53 -15.24 -28.08 -21.06
CA ALA G 53 -16.29 -28.18 -22.06
C ALA G 53 -16.86 -26.81 -22.37
N THR G 54 -17.23 -26.60 -23.64
CA THR G 54 -18.10 -25.48 -23.98
C THR G 54 -19.53 -25.88 -23.64
N VAL G 55 -20.14 -25.14 -22.72
CA VAL G 55 -21.44 -25.50 -22.16
C VAL G 55 -22.53 -24.64 -22.79
N ILE G 56 -23.57 -25.29 -23.30
CA ILE G 56 -24.78 -24.61 -23.73
C ILE G 56 -25.71 -24.51 -22.53
N VAL G 57 -25.84 -23.31 -21.97
CA VAL G 57 -26.63 -23.08 -20.77
C VAL G 57 -28.07 -22.84 -21.21
N ASN G 58 -28.91 -23.85 -21.06
CA ASN G 58 -30.31 -23.76 -21.46
C ASN G 58 -31.16 -23.41 -20.25
N ASP G 59 -32.01 -22.40 -20.41
CA ASP G 59 -33.00 -22.08 -19.39
C ASP G 59 -33.97 -21.07 -19.97
N LEU G 60 -35.19 -21.10 -19.45
CA LEU G 60 -36.22 -20.17 -19.92
C LEU G 60 -36.43 -19.01 -18.98
N GLY G 61 -35.76 -19.00 -17.82
CA GLY G 61 -36.14 -18.07 -16.78
C GLY G 61 -35.59 -16.67 -16.97
N THR G 62 -36.22 -15.73 -16.29
CA THR G 62 -35.83 -14.35 -16.29
C THR G 62 -35.15 -14.01 -14.97
N SER G 63 -34.19 -13.09 -15.02
CA SER G 63 -33.49 -12.69 -13.82
C SER G 63 -34.25 -11.57 -13.11
N LEU G 64 -33.76 -11.22 -11.92
CA LEU G 64 -34.42 -10.19 -11.11
C LEU G 64 -34.31 -8.82 -11.78
N SER G 65 -33.12 -8.48 -12.27
CA SER G 65 -32.92 -7.21 -12.96
C SER G 65 -32.96 -7.39 -14.47
N GLY G 70 -33.77 -9.45 -19.21
CA GLY G 70 -32.63 -10.14 -18.62
C GLY G 70 -32.85 -11.63 -18.40
N LYS G 71 -32.10 -12.47 -19.12
CA LYS G 71 -32.31 -13.91 -19.14
C LYS G 71 -31.30 -14.59 -18.20
N VAL G 72 -31.80 -15.49 -17.36
CA VAL G 72 -30.93 -16.06 -16.33
C VAL G 72 -29.84 -16.92 -16.96
N ALA G 73 -30.09 -17.49 -18.13
CA ALA G 73 -29.05 -18.30 -18.79
C ALA G 73 -27.84 -17.43 -19.14
N ASP G 74 -28.07 -16.16 -19.52
CA ASP G 74 -26.94 -15.27 -19.82
C ASP G 74 -26.09 -15.02 -18.57
N GLU G 75 -26.74 -14.87 -17.42
CA GLU G 75 -26.00 -14.61 -16.20
CA GLU G 75 -26.02 -14.62 -16.18
C GLU G 75 -25.12 -15.81 -15.82
N VAL G 76 -25.61 -17.03 -16.01
CA VAL G 76 -24.79 -18.20 -15.75
C VAL G 76 -23.63 -18.27 -16.72
N VAL G 77 -23.86 -17.93 -18.01
CA VAL G 77 -22.78 -17.86 -18.98
C VAL G 77 -21.69 -16.89 -18.50
N THR G 78 -22.10 -15.73 -18.01
CA THR G 78 -21.13 -14.75 -17.54
C THR G 78 -20.32 -15.28 -16.35
N VAL G 79 -20.98 -15.97 -15.41
CA VAL G 79 -20.27 -16.57 -14.28
C VAL G 79 -19.23 -17.55 -14.79
N ILE G 80 -19.63 -18.41 -15.73
CA ILE G 80 -18.74 -19.42 -16.29
C ILE G 80 -17.54 -18.75 -16.95
N GLU G 81 -17.80 -17.72 -17.76
CA GLU G 81 -16.72 -17.06 -18.48
C GLU G 81 -15.77 -16.34 -17.52
N SER G 82 -16.31 -15.68 -16.48
CA SER G 82 -15.46 -15.00 -15.51
C SER G 82 -14.55 -15.97 -14.76
N ARG G 83 -14.88 -17.25 -14.73
CA ARG G 83 -14.03 -18.25 -14.12
C ARG G 83 -13.10 -18.92 -15.12
N GLY G 84 -13.06 -18.44 -16.37
CA GLY G 84 -12.17 -18.96 -17.39
C GLY G 84 -12.77 -19.99 -18.31
N GLY G 85 -14.09 -20.22 -18.28
CA GLY G 85 -14.72 -21.23 -19.09
C GLY G 85 -15.38 -20.66 -20.35
N LYS G 86 -15.98 -21.57 -21.11
CA LYS G 86 -16.65 -21.27 -22.37
C LYS G 86 -18.10 -21.68 -22.26
N ALA G 87 -19.02 -20.79 -22.66
CA ALA G 87 -20.44 -21.11 -22.54
C ALA G 87 -21.26 -20.23 -23.47
N VAL G 88 -22.42 -20.76 -23.89
CA VAL G 88 -23.38 -19.99 -24.69
C VAL G 88 -24.76 -20.25 -24.13
N SER G 89 -25.65 -19.27 -24.28
CA SER G 89 -27.00 -19.39 -23.75
C SER G 89 -27.93 -19.99 -24.79
N ASP G 90 -29.01 -20.59 -24.30
CA ASP G 90 -30.03 -21.19 -25.14
C ASP G 90 -31.37 -21.10 -24.42
N PHE G 91 -32.42 -20.75 -25.17
CA PHE G 91 -33.73 -20.53 -24.57
C PHE G 91 -34.79 -21.46 -25.13
N SER G 92 -34.42 -22.69 -25.46
CA SER G 92 -35.35 -23.64 -26.05
C SER G 92 -36.28 -24.23 -24.99
N ASP G 93 -37.55 -24.38 -25.37
CA ASP G 93 -38.50 -25.18 -24.60
C ASP G 93 -38.23 -26.66 -24.89
N VAL G 94 -37.68 -27.37 -23.90
CA VAL G 94 -37.26 -28.75 -24.16
C VAL G 94 -38.45 -29.68 -24.39
N GLY G 95 -39.67 -29.26 -24.03
CA GLY G 95 -40.86 -30.02 -24.34
C GLY G 95 -41.35 -29.89 -25.78
N ASP G 96 -40.77 -28.97 -26.55
CA ASP G 96 -41.22 -28.70 -27.92
C ASP G 96 -40.29 -29.41 -28.89
N GLU G 97 -40.86 -30.25 -29.75
CA GLU G 97 -40.06 -31.10 -30.65
C GLU G 97 -39.21 -30.25 -31.59
N GLU G 98 -39.82 -29.27 -32.23
CA GLU G 98 -39.08 -28.47 -33.21
C GLU G 98 -37.95 -27.68 -32.55
N GLN G 99 -38.19 -27.14 -31.35
CA GLN G 99 -37.15 -26.35 -30.71
C GLN G 99 -35.96 -27.21 -30.29
N VAL G 100 -36.20 -28.44 -29.82
CA VAL G 100 -35.09 -29.30 -29.44
C VAL G 100 -34.23 -29.64 -30.66
N ASP G 101 -34.87 -30.04 -31.76
CA ASP G 101 -34.13 -30.32 -32.98
C ASP G 101 -33.33 -29.11 -33.44
N LEU G 102 -33.90 -27.90 -33.28
CA LEU G 102 -33.18 -26.70 -33.67
C LEU G 102 -31.99 -26.45 -32.75
N ALA G 103 -32.16 -26.69 -31.45
CA ALA G 103 -31.05 -26.48 -30.51
C ALA G 103 -29.89 -27.42 -30.82
N VAL G 104 -30.21 -28.67 -31.16
CA VAL G 104 -29.16 -29.63 -31.49
C VAL G 104 -28.49 -29.27 -32.81
N GLU G 105 -29.28 -28.82 -33.80
CA GLU G 105 -28.69 -28.33 -35.05
C GLU G 105 -27.78 -27.15 -34.80
N ARG G 106 -28.24 -26.17 -34.01
CA ARG G 106 -27.40 -25.02 -33.71
CA ARG G 106 -27.40 -25.01 -33.68
C ARG G 106 -26.10 -25.45 -33.04
N ALA G 107 -26.17 -26.44 -32.14
CA ALA G 107 -24.94 -26.94 -31.51
C ALA G 107 -23.97 -27.48 -32.56
N TYR G 108 -24.46 -28.24 -33.52
CA TYR G 108 -23.56 -28.78 -34.53
C TYR G 108 -23.01 -27.68 -35.43
N SER G 109 -23.87 -26.76 -35.89
CA SER G 109 -23.40 -25.77 -36.86
C SER G 109 -22.56 -24.68 -36.22
N GLN G 110 -22.91 -24.23 -35.01
CA GLN G 110 -22.19 -23.13 -34.39
C GLN G 110 -21.00 -23.61 -33.56
N LEU G 111 -21.08 -24.79 -32.96
CA LEU G 111 -20.04 -25.23 -32.05
C LEU G 111 -19.34 -26.50 -32.51
N GLY G 112 -19.73 -27.08 -33.65
CA GLY G 112 -19.04 -28.21 -34.22
C GLY G 112 -19.67 -29.57 -33.96
N ARG G 113 -20.23 -29.78 -32.77
CA ARG G 113 -20.75 -31.07 -32.37
C ARG G 113 -21.50 -30.89 -31.06
N LEU G 114 -22.32 -31.88 -30.71
CA LEU G 114 -22.93 -31.96 -29.39
C LEU G 114 -22.53 -33.31 -28.77
N ASP G 115 -21.60 -33.27 -27.83
CA ASP G 115 -21.04 -34.49 -27.26
C ASP G 115 -21.80 -34.98 -26.05
N ILE G 116 -22.35 -34.05 -25.26
CA ILE G 116 -22.88 -34.34 -23.94
C ILE G 116 -24.23 -33.66 -23.80
N VAL G 117 -25.21 -34.38 -23.29
CA VAL G 117 -26.51 -33.83 -22.91
C VAL G 117 -26.79 -34.21 -21.47
N VAL G 118 -26.96 -33.20 -20.61
CA VAL G 118 -27.39 -33.39 -19.23
C VAL G 118 -28.82 -32.89 -19.14
N ASN G 119 -29.76 -33.83 -19.05
CA ASN G 119 -31.19 -33.51 -18.96
C ASN G 119 -31.52 -33.23 -17.50
N ASN G 120 -31.64 -31.95 -17.15
CA ASN G 120 -31.92 -31.53 -15.79
C ASN G 120 -33.17 -30.67 -15.69
N ALA G 121 -33.65 -30.12 -16.81
CA ALA G 121 -34.84 -29.29 -16.81
C ALA G 121 -36.02 -30.01 -16.17
N GLY G 122 -36.80 -29.26 -15.40
CA GLY G 122 -37.96 -29.84 -14.75
C GLY G 122 -38.76 -28.77 -14.07
N ILE G 123 -39.98 -29.13 -13.70
CA ILE G 123 -40.84 -28.28 -12.88
C ILE G 123 -41.57 -29.19 -11.89
N VAL G 124 -42.17 -28.56 -10.88
CA VAL G 124 -42.97 -29.28 -9.91
C VAL G 124 -44.35 -28.63 -9.87
N ARG G 125 -45.36 -29.46 -9.68
CA ARG G 125 -46.72 -29.04 -9.47
C ARG G 125 -47.24 -29.99 -8.39
N ASP G 126 -46.78 -29.76 -7.15
CA ASP G 126 -47.08 -30.65 -6.04
C ASP G 126 -48.49 -30.44 -5.50
N LYS G 127 -49.24 -31.53 -5.38
CA LYS G 127 -50.57 -31.60 -4.79
C LYS G 127 -50.94 -33.07 -4.61
N ALA G 128 -51.73 -33.37 -3.58
CA ALA G 128 -52.34 -34.70 -3.50
C ALA G 128 -53.18 -34.92 -4.76
N ILE G 129 -53.25 -36.18 -5.19
CA ILE G 129 -53.82 -36.45 -6.52
C ILE G 129 -55.26 -35.95 -6.63
N TRP G 130 -56.04 -36.00 -5.54
CA TRP G 130 -57.42 -35.56 -5.63
C TRP G 130 -57.54 -34.06 -5.83
N ASN G 131 -56.48 -33.29 -5.60
CA ASN G 131 -56.47 -31.86 -5.85
C ASN G 131 -55.73 -31.48 -7.12
N MET G 132 -55.20 -32.45 -7.86
CA MET G 132 -54.31 -32.19 -8.98
C MET G 132 -55.11 -32.13 -10.29
N THR G 133 -54.83 -31.11 -11.11
CA THR G 133 -55.43 -31.02 -12.42
C THR G 133 -54.65 -31.87 -13.41
N VAL G 134 -55.30 -32.25 -14.50
CA VAL G 134 -54.60 -33.00 -15.53
C VAL G 134 -53.49 -32.15 -16.12
N ASP G 135 -53.67 -30.83 -16.19
CA ASP G 135 -52.59 -29.99 -16.68
CA ASP G 135 -52.60 -29.95 -16.66
C ASP G 135 -51.38 -30.05 -15.74
N ASP G 136 -51.62 -30.02 -14.42
CA ASP G 136 -50.51 -30.19 -13.49
C ASP G 136 -49.76 -31.49 -13.75
N PHE G 137 -50.51 -32.55 -14.05
CA PHE G 137 -49.89 -33.84 -14.34
C PHE G 137 -49.19 -33.82 -15.71
N ASP G 138 -49.91 -33.38 -16.75
CA ASP G 138 -49.37 -33.39 -18.10
C ASP G 138 -48.09 -32.56 -18.19
N LEU G 139 -48.10 -31.37 -17.58
CA LEU G 139 -46.99 -30.44 -17.72
C LEU G 139 -45.72 -31.00 -17.11
N VAL G 140 -45.84 -31.63 -15.94
CA VAL G 140 -44.67 -32.23 -15.29
C VAL G 140 -44.11 -33.37 -16.11
N MET G 141 -44.99 -34.24 -16.65
CA MET G 141 -44.54 -35.33 -17.52
C MET G 141 -43.88 -34.81 -18.79
N ARG G 142 -44.34 -33.67 -19.30
CA ARG G 142 -43.82 -33.15 -20.55
C ARG G 142 -42.39 -32.65 -20.39
N VAL G 143 -42.14 -31.81 -19.39
CA VAL G 143 -40.81 -31.22 -19.24
C VAL G 143 -39.80 -32.29 -18.87
N HIS G 144 -40.14 -33.16 -17.91
CA HIS G 144 -39.18 -34.16 -17.42
C HIS G 144 -38.98 -35.28 -18.45
N VAL G 145 -40.06 -35.95 -18.84
CA VAL G 145 -39.93 -37.17 -19.64
C VAL G 145 -39.85 -36.85 -21.12
N ARG G 146 -40.83 -36.13 -21.67
CA ARG G 146 -40.79 -35.81 -23.09
C ARG G 146 -39.55 -34.99 -23.44
N GLY G 147 -39.17 -34.05 -22.56
CA GLY G 147 -37.98 -33.26 -22.82
C GLY G 147 -36.73 -34.11 -22.90
N SER G 148 -36.56 -35.04 -21.95
CA SER G 148 -35.39 -35.90 -21.98
C SER G 148 -35.43 -36.86 -23.17
N TRP G 149 -36.63 -37.32 -23.56
CA TRP G 149 -36.72 -38.19 -24.71
C TRP G 149 -36.39 -37.43 -25.99
N LEU G 150 -36.84 -36.17 -26.09
CA LEU G 150 -36.62 -35.39 -27.30
C LEU G 150 -35.14 -35.09 -27.52
N THR G 151 -34.44 -34.62 -26.47
CA THR G 151 -33.01 -34.35 -26.64
C THR G 151 -32.24 -35.62 -26.92
N SER G 152 -32.62 -36.73 -26.25
CA SER G 152 -31.94 -38.00 -26.47
C SER G 152 -32.13 -38.46 -27.91
N ARG G 153 -33.36 -38.38 -28.42
CA ARG G 153 -33.59 -38.77 -29.80
C ARG G 153 -32.79 -37.90 -30.77
N ALA G 154 -32.72 -36.60 -30.50
CA ALA G 154 -32.04 -35.69 -31.43
C ALA G 154 -30.55 -36.02 -31.54
N VAL G 155 -29.87 -36.21 -30.40
CA VAL G 155 -28.44 -36.53 -30.45
C VAL G 155 -28.24 -37.96 -30.91
N ALA G 156 -29.15 -38.88 -30.55
CA ALA G 156 -29.03 -40.25 -31.05
C ALA G 156 -29.00 -40.27 -32.57
N ARG G 157 -29.87 -39.48 -33.22
CA ARG G 157 -29.87 -39.40 -34.68
C ARG G 157 -28.53 -38.86 -35.20
N LYS G 158 -28.00 -37.80 -34.58
CA LYS G 158 -26.74 -37.24 -35.05
C LYS G 158 -25.62 -38.24 -34.87
N TRP G 159 -25.52 -38.82 -33.67
CA TRP G 159 -24.43 -39.73 -33.35
C TRP G 159 -24.47 -40.98 -34.23
N ARG G 160 -25.66 -41.52 -34.43
CA ARG G 160 -25.78 -42.72 -35.26
C ARG G 160 -25.45 -42.43 -36.71
N ALA G 161 -25.84 -41.27 -37.22
CA ALA G 161 -25.48 -40.91 -38.58
C ALA G 161 -23.97 -40.83 -38.72
N GLU G 162 -23.29 -40.23 -37.73
CA GLU G 162 -21.83 -40.12 -37.75
C GLU G 162 -21.18 -41.49 -37.66
N SER G 163 -21.75 -42.39 -36.87
CA SER G 163 -21.17 -43.71 -36.70
C SER G 163 -21.30 -44.54 -37.98
N LYS G 164 -22.45 -44.47 -38.65
CA LYS G 164 -22.63 -45.22 -39.89
C LYS G 164 -21.71 -44.71 -40.99
N GLU G 165 -21.52 -43.40 -41.09
CA GLU G 165 -20.66 -42.86 -42.14
C GLU G 165 -19.20 -43.25 -41.91
N SER G 166 -18.72 -43.16 -40.67
CA SER G 166 -17.34 -43.48 -40.37
C SER G 166 -17.11 -44.97 -40.20
N GLY G 167 -18.16 -45.75 -39.98
CA GLY G 167 -18.02 -47.17 -39.71
C GLY G 167 -17.38 -47.50 -38.38
N ALA G 168 -17.26 -46.53 -37.47
CA ALA G 168 -16.65 -46.74 -36.16
C ALA G 168 -17.52 -46.12 -35.08
N LYS G 169 -17.18 -46.43 -33.83
CA LYS G 169 -17.87 -45.83 -32.70
C LYS G 169 -17.54 -44.35 -32.61
N VAL G 170 -18.46 -43.60 -31.99
CA VAL G 170 -18.34 -42.15 -31.83
C VAL G 170 -18.50 -41.80 -30.36
N TYR G 171 -18.25 -40.53 -30.05
CA TYR G 171 -18.39 -40.04 -28.69
C TYR G 171 -19.82 -39.60 -28.43
N GLY G 172 -20.34 -40.00 -27.28
CA GLY G 172 -21.68 -39.61 -26.88
C GLY G 172 -21.93 -39.83 -25.41
N ARG G 173 -22.52 -38.84 -24.75
CA ARG G 173 -22.87 -38.93 -23.33
C ARG G 173 -24.24 -38.32 -23.13
N ILE G 174 -25.13 -39.08 -22.49
CA ILE G 174 -26.40 -38.56 -21.98
C ILE G 174 -26.44 -38.86 -20.48
N ILE G 175 -26.64 -37.82 -19.68
CA ILE G 175 -26.88 -37.99 -18.24
C ILE G 175 -28.27 -37.43 -17.94
N ASN G 176 -29.18 -38.32 -17.57
CA ASN G 176 -30.53 -37.93 -17.17
C ASN G 176 -30.59 -37.74 -15.66
N THR G 177 -31.70 -37.19 -15.18
CA THR G 177 -31.85 -36.84 -13.78
C THR G 177 -33.10 -37.50 -13.22
N THR G 178 -32.90 -38.41 -12.26
CA THR G 178 -34.01 -38.95 -11.49
C THR G 178 -33.96 -38.34 -10.08
N SER G 179 -34.76 -38.87 -9.16
CA SER G 179 -34.71 -38.35 -7.80
C SER G 179 -35.29 -39.39 -6.85
N GLY G 180 -35.13 -39.11 -5.56
CA GLY G 180 -35.65 -40.00 -4.54
C GLY G 180 -37.15 -40.26 -4.69
N ALA G 181 -37.91 -39.21 -4.98
CA ALA G 181 -39.34 -39.37 -5.21
C ALA G 181 -39.62 -40.27 -6.40
N GLY G 182 -38.76 -40.22 -7.43
CA GLY G 182 -38.93 -41.11 -8.57
C GLY G 182 -38.63 -42.56 -8.27
N LEU G 183 -37.73 -42.81 -7.31
CA LEU G 183 -37.38 -44.18 -6.94
C LEU G 183 -38.23 -44.73 -5.81
N HIS G 184 -38.85 -43.86 -5.00
CA HIS G 184 -39.55 -44.31 -3.80
C HIS G 184 -40.93 -43.72 -3.62
N GLY G 185 -41.34 -42.74 -4.42
CA GLY G 185 -42.61 -42.08 -4.22
C GLY G 185 -42.55 -41.04 -3.10
N HIS G 186 -43.50 -40.11 -3.14
CA HIS G 186 -43.59 -39.06 -2.14
C HIS G 186 -44.99 -38.45 -2.15
N PHE G 187 -45.59 -38.31 -0.97
CA PHE G 187 -46.93 -37.73 -0.87
C PHE G 187 -46.98 -36.38 -1.58
N GLY G 188 -48.00 -36.20 -2.42
CA GLY G 188 -48.19 -34.98 -3.16
C GLY G 188 -47.45 -34.89 -4.48
N GLN G 189 -46.89 -36.00 -4.96
CA GLN G 189 -46.05 -35.94 -6.14
C GLN G 189 -46.31 -37.12 -7.07
N THR G 190 -47.59 -37.45 -7.31
CA THR G 190 -47.88 -38.49 -8.28
C THR G 190 -47.30 -38.16 -9.64
N ASN G 191 -47.32 -36.87 -10.02
CA ASN G 191 -46.80 -36.49 -11.33
C ASN G 191 -45.27 -36.51 -11.34
N TYR G 192 -44.65 -35.84 -10.36
CA TYR G 192 -43.20 -35.75 -10.32
C TYR G 192 -42.56 -37.12 -10.09
N SER G 193 -43.17 -37.94 -9.23
CA SER G 193 -42.65 -39.28 -8.99
C SER G 193 -42.77 -40.16 -10.23
N ALA G 194 -43.92 -40.10 -10.92
CA ALA G 194 -44.06 -40.87 -12.16
C ALA G 194 -43.02 -40.42 -13.18
N ALA G 195 -42.81 -39.11 -13.29
CA ALA G 195 -41.86 -38.57 -14.26
C ALA G 195 -40.44 -39.04 -13.96
N LYS G 196 -40.00 -38.90 -12.71
CA LYS G 196 -38.63 -39.26 -12.37
C LYS G 196 -38.43 -40.78 -12.38
N ALA G 197 -39.50 -41.56 -12.17
CA ALA G 197 -39.37 -43.00 -12.36
C ALA G 197 -39.25 -43.32 -13.85
N ALA G 198 -40.07 -42.68 -14.68
CA ALA G 198 -40.02 -42.90 -16.12
C ALA G 198 -38.60 -42.68 -16.65
N ILE G 199 -37.90 -41.71 -16.08
CA ILE G 199 -36.56 -41.38 -16.56
C ILE G 199 -35.60 -42.54 -16.34
N VAL G 200 -35.81 -43.35 -15.31
CA VAL G 200 -34.96 -44.51 -15.09
C VAL G 200 -35.13 -45.53 -16.21
N GLY G 201 -36.39 -45.87 -16.53
CA GLY G 201 -36.61 -46.79 -17.63
C GLY G 201 -36.14 -46.22 -18.95
N LEU G 202 -36.34 -44.91 -19.15
CA LEU G 202 -35.80 -44.27 -20.34
C LEU G 202 -34.29 -44.40 -20.40
N THR G 203 -33.61 -44.20 -19.26
CA THR G 203 -32.16 -44.29 -19.23
C THR G 203 -31.68 -45.72 -19.52
N GLN G 204 -32.29 -46.70 -18.87
CA GLN G 204 -31.91 -48.10 -19.12
C GLN G 204 -32.06 -48.47 -20.58
N THR G 205 -33.15 -48.03 -21.21
CA THR G 205 -33.40 -48.39 -22.59
C THR G 205 -32.42 -47.69 -23.54
N LEU G 206 -32.15 -46.40 -23.31
CA LEU G 206 -31.21 -45.68 -24.17
C LEU G 206 -29.82 -46.27 -24.09
N SER G 207 -29.40 -46.70 -22.90
CA SER G 207 -28.13 -47.40 -22.77
C SER G 207 -28.05 -48.59 -23.71
N LEU G 208 -29.12 -49.38 -23.76
CA LEU G 208 -29.14 -50.54 -24.65
C LEU G 208 -29.14 -50.11 -26.11
N GLU G 209 -29.86 -49.04 -26.43
CA GLU G 209 -29.98 -48.64 -27.84
C GLU G 209 -28.71 -47.97 -28.36
N LEU G 210 -27.98 -47.25 -27.53
CA LEU G 210 -26.83 -46.49 -28.00
C LEU G 210 -25.50 -47.22 -27.77
N ALA G 211 -25.53 -48.44 -27.21
CA ALA G 211 -24.30 -49.15 -26.88
C ALA G 211 -23.43 -49.41 -28.11
N SER G 212 -24.04 -49.85 -29.22
CA SER G 212 -23.21 -50.31 -30.33
C SER G 212 -22.44 -49.18 -31.00
N ILE G 213 -22.93 -47.93 -30.94
CA ILE G 213 -22.18 -46.82 -31.52
C ILE G 213 -21.25 -46.13 -30.53
N GLY G 214 -21.24 -46.53 -29.26
CA GLY G 214 -20.26 -46.04 -28.33
C GLY G 214 -20.71 -44.97 -27.35
N ALA G 215 -21.97 -44.54 -27.39
CA ALA G 215 -22.46 -43.56 -26.45
C ALA G 215 -22.96 -44.26 -25.18
N THR G 216 -22.83 -43.57 -24.05
CA THR G 216 -23.31 -44.08 -22.77
C THR G 216 -24.46 -43.21 -22.29
N VAL G 217 -25.37 -43.82 -21.54
CA VAL G 217 -26.52 -43.12 -20.99
C VAL G 217 -26.67 -43.53 -19.53
N ASN G 218 -26.51 -42.58 -18.62
CA ASN G 218 -26.62 -42.83 -17.19
C ASN G 218 -27.58 -41.82 -16.58
N ALA G 219 -27.98 -42.09 -15.35
CA ALA G 219 -28.89 -41.24 -14.60
C ALA G 219 -28.27 -40.88 -13.26
N ILE G 220 -28.28 -39.59 -12.95
CA ILE G 220 -27.82 -39.08 -11.67
C ILE G 220 -29.04 -38.85 -10.78
N SER G 221 -28.86 -39.08 -9.48
CA SER G 221 -29.86 -38.74 -8.47
C SER G 221 -29.21 -37.70 -7.57
N PRO G 222 -29.38 -36.41 -7.86
CA PRO G 222 -28.55 -35.38 -7.20
C PRO G 222 -29.15 -34.74 -5.96
N GLY G 223 -30.43 -34.96 -5.67
CA GLY G 223 -31.04 -34.38 -4.49
C GLY G 223 -31.54 -32.95 -4.68
N PRO G 238 -32.44 -17.43 -1.63
CA PRO G 238 -31.56 -18.59 -1.68
C PRO G 238 -30.12 -18.26 -2.05
N ILE G 239 -29.27 -19.28 -2.10
CA ILE G 239 -27.86 -19.12 -2.45
C ILE G 239 -27.56 -20.06 -3.61
N GLU G 240 -27.12 -19.49 -4.73
CA GLU G 240 -26.74 -20.31 -5.87
C GLU G 240 -25.41 -21.01 -5.60
N PRO G 241 -25.19 -22.19 -6.21
CA PRO G 241 -23.91 -22.88 -6.00
C PRO G 241 -22.68 -22.01 -6.20
N ASP G 242 -22.64 -21.21 -7.27
CA ASP G 242 -21.48 -20.36 -7.53
C ASP G 242 -21.27 -19.33 -6.42
N GLU G 243 -22.34 -18.93 -5.73
CA GLU G 243 -22.20 -17.99 -4.64
C GLU G 243 -21.62 -18.63 -3.38
N ARG G 244 -21.41 -19.94 -3.39
CA ARG G 244 -20.81 -20.65 -2.26
C ARG G 244 -19.29 -20.74 -2.42
N SER G 245 -18.59 -20.59 -1.30
CA SER G 245 -17.14 -20.76 -1.30
C SER G 245 -16.77 -22.18 -1.72
N GLU G 246 -15.77 -22.28 -2.60
CA GLU G 246 -15.36 -23.59 -3.11
C GLU G 246 -14.63 -24.42 -2.06
N ASP G 247 -14.27 -23.83 -0.92
CA ASP G 247 -13.53 -24.54 0.13
C ASP G 247 -14.39 -24.88 1.34
N GLU G 248 -15.69 -24.59 1.30
CA GLU G 248 -16.62 -24.97 2.36
C GLU G 248 -17.42 -26.20 1.93
N PHE G 249 -17.91 -26.94 2.92
CA PHE G 249 -18.74 -28.12 2.65
C PHE G 249 -20.07 -27.96 3.36
N ASP G 250 -21.14 -27.90 2.58
CA ASP G 250 -22.51 -27.89 3.06
C ASP G 250 -23.18 -29.15 2.53
N PRO G 251 -23.69 -30.05 3.38
CA PRO G 251 -24.34 -31.27 2.87
C PRO G 251 -25.55 -31.00 2.00
N LYS G 252 -26.10 -29.78 2.03
CA LYS G 252 -27.25 -29.42 1.24
C LYS G 252 -26.89 -28.69 -0.06
N ASP G 253 -25.61 -28.47 -0.31
CA ASP G 253 -25.14 -27.82 -1.54
C ASP G 253 -25.69 -28.56 -2.74
N PRO G 254 -26.41 -27.90 -3.65
CA PRO G 254 -26.98 -28.60 -4.80
C PRO G 254 -25.94 -29.03 -5.82
N SER G 255 -24.71 -28.54 -5.74
CA SER G 255 -23.69 -28.84 -6.73
C SER G 255 -22.73 -29.95 -6.28
N LEU G 256 -23.00 -30.60 -5.15
CA LEU G 256 -22.05 -31.58 -4.64
C LEU G 256 -21.97 -32.80 -5.55
N GLY G 257 -23.03 -33.10 -6.29
CA GLY G 257 -22.97 -34.18 -7.26
C GLY G 257 -22.47 -33.77 -8.62
N SER G 258 -22.26 -32.48 -8.86
CA SER G 258 -21.84 -32.02 -10.19
C SER G 258 -20.52 -32.63 -10.67
N PRO G 259 -19.47 -32.77 -9.85
CA PRO G 259 -18.27 -33.47 -10.35
C PRO G 259 -18.55 -34.89 -10.83
N VAL G 260 -19.52 -35.58 -10.23
CA VAL G 260 -19.83 -36.92 -10.71
C VAL G 260 -20.41 -36.86 -12.12
N VAL G 261 -21.29 -35.89 -12.37
CA VAL G 261 -21.83 -35.68 -13.70
C VAL G 261 -20.71 -35.38 -14.68
N ALA G 262 -19.77 -34.50 -14.29
CA ALA G 262 -18.64 -34.20 -15.16
C ALA G 262 -17.82 -35.44 -15.47
N TRP G 263 -17.58 -36.30 -14.46
CA TRP G 263 -16.80 -37.50 -14.71
C TRP G 263 -17.55 -38.46 -15.63
N LEU G 264 -18.87 -38.63 -15.42
CA LEU G 264 -19.64 -39.49 -16.31
C LEU G 264 -19.62 -38.98 -17.75
N ALA G 265 -19.47 -37.67 -17.94
CA ALA G 265 -19.42 -37.09 -19.28
C ALA G 265 -18.04 -37.17 -19.90
N SER G 266 -17.03 -37.69 -19.16
CA SER G 266 -15.64 -37.63 -19.59
C SER G 266 -15.24 -38.88 -20.36
N PRO G 267 -14.14 -38.83 -21.11
CA PRO G 267 -13.67 -40.04 -21.80
C PRO G 267 -13.32 -41.18 -20.87
N GLU G 268 -13.14 -40.91 -19.57
CA GLU G 268 -12.81 -41.98 -18.64
C GLU G 268 -14.00 -42.90 -18.35
N ALA G 269 -15.22 -42.49 -18.65
CA ALA G 269 -16.42 -43.23 -18.25
C ALA G 269 -17.14 -43.88 -19.44
N GLY G 270 -16.41 -44.14 -20.53
CA GLY G 270 -17.01 -44.74 -21.70
C GLY G 270 -17.49 -46.17 -21.53
N HIS G 271 -17.11 -46.82 -20.42
CA HIS G 271 -17.51 -48.20 -20.15
C HIS G 271 -18.67 -48.29 -19.16
N ILE G 272 -19.24 -47.15 -18.75
CA ILE G 272 -20.30 -47.11 -17.75
C ILE G 272 -21.57 -46.64 -18.45
N SER G 273 -22.61 -47.47 -18.44
CA SER G 273 -23.84 -47.09 -19.12
C SER G 273 -25.02 -47.76 -18.44
N GLY G 274 -26.18 -47.10 -18.50
CA GLY G 274 -27.38 -47.62 -17.90
C GLY G 274 -27.36 -47.65 -16.38
N GLN G 275 -26.48 -46.88 -15.75
CA GLN G 275 -26.35 -46.94 -14.31
C GLN G 275 -27.09 -45.78 -13.67
N VAL G 276 -27.53 -46.03 -12.44
CA VAL G 276 -28.16 -45.01 -11.60
C VAL G 276 -27.21 -44.72 -10.46
N ILE G 277 -26.74 -43.48 -10.38
CA ILE G 277 -25.70 -43.11 -9.42
C ILE G 277 -26.23 -41.98 -8.56
N ARG G 278 -26.22 -42.19 -7.24
CA ARG G 278 -26.69 -41.23 -6.25
C ARG G 278 -25.49 -40.49 -5.67
N ALA G 279 -25.50 -39.16 -5.78
CA ALA G 279 -24.42 -38.32 -5.26
C ALA G 279 -25.08 -37.20 -4.46
N ILE G 280 -25.27 -37.44 -3.17
CA ILE G 280 -25.98 -36.51 -2.30
C ILE G 280 -25.15 -36.32 -1.03
N GLY G 281 -24.75 -35.08 -0.78
CA GLY G 281 -24.01 -34.74 0.43
C GLY G 281 -22.63 -35.38 0.49
N GLU G 282 -22.42 -36.21 1.50
CA GLU G 282 -21.11 -36.78 1.77
C GLU G 282 -20.81 -38.01 0.92
N HIS G 283 -21.83 -38.65 0.35
CA HIS G 283 -21.69 -40.01 -0.18
C HIS G 283 -21.91 -40.08 -1.68
N LEU G 284 -21.14 -40.95 -2.31
CA LEU G 284 -21.34 -41.37 -3.70
C LEU G 284 -21.72 -42.83 -3.69
N GLN G 285 -22.86 -43.15 -4.31
CA GLN G 285 -23.40 -44.50 -4.23
C GLN G 285 -23.82 -44.98 -5.61
N LEU G 286 -23.54 -46.25 -5.88
CA LEU G 286 -24.09 -46.94 -7.04
C LEU G 286 -25.34 -47.68 -6.60
N LEU G 287 -26.45 -47.47 -7.30
CA LEU G 287 -27.69 -48.14 -6.99
C LEU G 287 -27.95 -49.24 -8.00
N LYS G 288 -28.59 -50.31 -7.52
CA LYS G 288 -29.13 -51.35 -8.40
C LYS G 288 -30.61 -51.48 -8.09
N GLY G 289 -31.35 -52.04 -9.04
CA GLY G 289 -32.79 -51.84 -9.10
C GLY G 289 -33.60 -53.01 -8.59
N TRP G 290 -34.74 -53.23 -9.23
CA TRP G 290 -35.74 -54.15 -8.70
C TRP G 290 -35.23 -55.58 -8.78
N HIS G 291 -35.44 -56.33 -7.70
CA HIS G 291 -34.88 -57.65 -7.50
C HIS G 291 -35.83 -58.39 -6.56
N PRO G 292 -35.94 -59.71 -6.68
CA PRO G 292 -36.79 -60.46 -5.76
C PRO G 292 -36.15 -60.63 -4.40
N VAL G 293 -36.96 -60.42 -3.35
CA VAL G 293 -36.52 -60.70 -1.98
C VAL G 293 -37.23 -61.90 -1.39
N ALA G 294 -38.25 -62.42 -2.05
CA ALA G 294 -38.95 -63.61 -1.58
C ALA G 294 -39.64 -64.21 -2.78
N SER G 295 -39.61 -65.54 -2.88
CA SER G 295 -40.09 -66.22 -4.05
C SER G 295 -40.66 -67.57 -3.64
N VAL G 296 -41.76 -67.97 -4.28
CA VAL G 296 -42.40 -69.24 -3.99
C VAL G 296 -42.97 -69.79 -5.29
N SER G 297 -42.94 -71.11 -5.43
CA SER G 297 -43.37 -71.81 -6.63
C SER G 297 -44.75 -72.44 -6.45
N ASN G 298 -45.53 -72.47 -7.53
CA ASN G 298 -46.83 -73.13 -7.51
C ASN G 298 -46.77 -74.59 -7.93
N GLY G 299 -45.57 -75.11 -8.21
CA GLY G 299 -45.45 -76.48 -8.65
C GLY G 299 -46.05 -76.76 -10.00
N GLN G 300 -46.10 -75.73 -10.87
CA GLN G 300 -46.74 -75.84 -12.18
C GLN G 300 -48.22 -76.21 -12.05
N LYS G 301 -48.88 -75.61 -11.07
CA LYS G 301 -50.33 -75.62 -10.95
C LYS G 301 -50.79 -74.18 -10.84
N ARG G 302 -52.02 -73.91 -11.28
CA ARG G 302 -52.53 -72.55 -11.20
C ARG G 302 -52.61 -72.10 -9.74
N TRP G 303 -52.36 -70.81 -9.51
CA TRP G 303 -52.56 -70.24 -8.19
C TRP G 303 -54.03 -70.29 -7.80
N ASP G 304 -54.27 -70.46 -6.51
CA ASP G 304 -55.62 -70.42 -5.93
C ASP G 304 -55.68 -69.20 -5.03
N ALA G 305 -56.52 -68.23 -5.39
CA ALA G 305 -56.61 -67.00 -4.61
C ALA G 305 -57.09 -67.26 -3.18
N ASN G 306 -57.86 -68.34 -2.97
CA ASN G 306 -58.31 -68.67 -1.62
C ASN G 306 -57.19 -69.26 -0.78
N LYS G 307 -56.03 -69.56 -1.39
CA LYS G 307 -54.89 -70.05 -0.65
C LYS G 307 -53.74 -69.06 -0.62
N LEU G 308 -53.82 -67.98 -1.41
CA LEU G 308 -52.70 -67.06 -1.53
C LEU G 308 -52.47 -66.26 -0.27
N GLY G 309 -53.52 -66.01 0.53
CA GLY G 309 -53.34 -65.25 1.76
C GLY G 309 -52.34 -65.89 2.70
N ALA G 310 -52.50 -67.18 2.96
CA ALA G 310 -51.59 -67.89 3.84
C ALA G 310 -50.19 -67.97 3.24
N ILE G 311 -50.11 -68.11 1.92
CA ILE G 311 -48.81 -68.16 1.24
C ILE G 311 -48.11 -66.81 1.34
N MET G 312 -48.85 -65.73 1.07
CA MET G 312 -48.28 -64.39 1.22
C MET G 312 -47.74 -64.16 2.63
N ALA G 313 -48.47 -64.61 3.66
CA ALA G 313 -48.10 -64.33 5.04
C ALA G 313 -46.85 -65.10 5.44
N ALA G 314 -46.79 -66.39 5.11
CA ALA G 314 -45.69 -67.22 5.58
C ALA G 314 -44.49 -67.24 4.62
N ASP G 315 -44.71 -67.16 3.31
CA ASP G 315 -43.63 -67.37 2.37
C ASP G 315 -43.14 -66.11 1.69
N ILE G 316 -43.91 -65.01 1.75
CA ILE G 316 -43.53 -63.79 1.05
C ILE G 316 -43.19 -62.69 2.05
N PHE G 317 -44.19 -62.23 2.82
CA PHE G 317 -43.97 -61.12 3.73
C PHE G 317 -43.51 -61.54 5.12
N GLY G 318 -43.69 -62.81 5.49
CA GLY G 318 -43.23 -63.24 6.80
C GLY G 318 -44.02 -62.66 7.95
N THR G 319 -45.29 -62.33 7.74
CA THR G 319 -46.13 -61.83 8.83
C THR G 319 -46.70 -62.95 9.68
N ARG G 320 -46.73 -64.18 9.16
CA ARG G 320 -47.08 -65.36 9.92
C ARG G 320 -45.95 -66.38 9.80
N ASN G 321 -45.83 -67.24 10.82
CA ASN G 321 -44.77 -68.24 10.77
C ASN G 321 -45.22 -69.43 9.92
N THR G 322 -44.23 -70.16 9.39
CA THR G 322 -44.55 -71.25 8.48
C THR G 322 -44.89 -72.54 9.23
N GLY G 323 -44.33 -72.72 10.42
CA GLY G 323 -44.42 -74.00 11.09
C GLY G 323 -43.47 -75.00 10.43
N LEU G 324 -43.46 -76.19 11.00
CA LEU G 324 -42.68 -77.29 10.44
C LEU G 324 -43.24 -77.66 9.07
N ARG G 325 -42.37 -77.82 8.08
CA ARG G 325 -42.80 -78.20 6.73
C ARG G 325 -41.98 -79.39 6.27
N LEU G 326 -42.67 -80.51 6.00
CA LEU G 326 -42.02 -81.74 5.56
C LEU G 326 -41.77 -81.71 4.06
#